data_7BDK
#
_entry.id   7BDK
#
_cell.length_a   99.532
_cell.length_b   118.620
_cell.length_c   187.150
_cell.angle_alpha   90.000
_cell.angle_beta   90.000
_cell.angle_gamma   90.000
#
_symmetry.space_group_name_H-M   'P 21 21 21'
#
loop_
_entity.id
_entity.type
_entity.pdbx_description
1 polymer 'U5 small nuclear ribonucleoprotein 200 kDa helicase'
2 polymer 'Pre-mRNA-processing-splicing factor 8'
3 non-polymer "ADENOSINE-5'-DIPHOSPHATE"
4 non-polymer 'MAGNESIUM ION'
5 water water
#
loop_
_entity_poly.entity_id
_entity_poly.type
_entity_poly.pdbx_seq_one_letter_code
_entity_poly.pdbx_strand_id
1 'polypeptide(L)'
;GAEFMDLDQGGEALAPRQVLDLEDLVFTQGSHFMANKRCQLPDGSFRRQRKGYEEVHVPALKPKPFGSEEQLLPVEKLPK
YAQAGFEGFKTLNRIQSKLYRAALETDENLLLCAPTGAGKTNVALMCMLREIGKHINMDGTINVDDFKIIYIAPMRSLVQ
EMVGSFGKRLATYGITVAELTGDHQLCKEEISATQIIVCTPEKWDIITRKGGERTYTQLVRLIILDEIHLLHDDRGPVLE
ALVARAIRNIEMTQEDVRLIGLSATLPNYEDVATFLRVDPAKGLFYFDNSFRPVPLEQTYVGITEKKAIKRFQIMNEIVY
EKIMEHAGKNQVLVFVHSRKETGKTARAIRDMCLEKDTLGLFLREGSASTEVLRTEAEQCKNLELKDLLPYGFAIHHAGM
TRVDRTLVEDLFADKHIQVLVSTATLAWGVNLPAHTVIIKGTQVYSPEKGRWTELGALDILQMLGRAGRPQYDTKGEGIL
ITSHGELQYYLSLLNQQLPIESQMVSKLPDMLNAEIVLGNVQNAKDAVNWLGYAYLYIRMLRSPTLYGISHDDLKGDPLL
DQRRLDLVHTAALMLDKNNLVKYDKKTGNFQVTELGRIASHYYITNDTVQTYNQLLKPTLSEIELFRVFSLSSEFKNITV
REEEKLELQKLLERVPIPVKESIEEPSAKINVLLQAFISQLKLEGFALMADMVYVTQSAGRLMRAIFEIVLNRGWAQLTD
KTLNLCKMIDKRMWQSMCPLRQFRKLPEEVVKKIEKKNFPFERLYDLNHNEIGELIRMPKMGKTIHKYVHLFPKLELSVH
LQPITRSTLKVELTITPDFQWDEKVHGSSEAFWILVEDVDSEVILHHEYFLLKAKYAQDEHLITFFVPVFEPLPPQYFIR
VVSDRWLSCETQLPVSFRHLILPEKYPPPTELLDLQPLPVSALRNSAFESLYQDKFPFFNPIQTQVFNTVYNSDDNVFVG
APTGSGKTICAEFAILRMLLQSSEGRCVYITPMEALAEQVYMDWYEKFQDRLNKKVVLLTGETSTDLKLLGKGNIIISTP
EKWDILSRRWKQRKNVQNINLFVVDEVHLIGGENGPVLEVICSRMRYISSQIERPIRIVALSSSLSNAKDVAHWLGCSAT
STFNFHPNVRPVPLELHIQGFNISHTQTRLLSMAKPVYHAITKHSPKKPVIVFVPSRKQTRLTAIDILTTCAADIQRQRF
LHCTEKDLIPYLEKLSDSTLKETLLNGVGYLHEGLSPMERRLVEQLFSSGAIQVVVASRSLCWGMNVAAHLVIIMDTQYY
NGKIHAYVDYPIYDVLQMVGHANRPLQDDEGRCVIMCQGSKKDFFKKFLYEPLPVESHLDHCMHDHFNAEIVTKTIENKQ
DAVDYLTWTFLYRRMTQNPNYYNLQGISHRHLSDHLSELVEQTLSDLEQSKCISIEDEMDVAPLNLGMIAAYYYINYTTI
ELFSMSLNAKTKVRGLIEIISNAAEYENIPIRHHEDNLLRQLAQKVPHKLNNPKFNDPHVKTNLLLQAHLSRMQLSAELQ
SDTEEILSKAIRLIQACVDVLSSNGWLSPALAAMELAQMVTQAMWSKDSYLKQLPHFTSEHIKRCTDKGVESVFDIMEME
DEERNALLQLTDSQIADVARFCNRYPNIELSYEVVDKDSIRSGGPVVVLVQLEREEEVTGPVIAPLFPQKREEGWWVVIG
DAKSNSLISIKRLTLQQKAKVKLDFVAPATGAHNYTLYFMSDAYMGCDQEYKFSVDVKEAETDSDSD
;
B
2 'polypeptide(L)'
;GPLGSMTQTFSSKTEWRVRAISAANLHLRTNHIYVSSDDIKETGYTYILPKNVLKKFICISDLRAQIAGYLYGVSPPDNP
QVKEIRCIVMVPQWGTHQTVHLPGQLPQHEYLKEMEPLGWIHTQPNESPQLSPQDVTTHAKIMADNPSWDGEKTIIITCS
FTPGSCTLTAYKLTPSGYEWGRQNTDKGNNPKGYLPSHYERVQMLLSDRFLGFFMVPAQSSWNYNFMGVRHDPNMKYELQ
LANPKEFYHEVHRPSHFLNFALL
;
J
#
loop_
_chem_comp.id
_chem_comp.type
_chem_comp.name
_chem_comp.formula
ADP non-polymer ADENOSINE-5'-DIPHOSPHATE 'C10 H15 N5 O10 P2'
MG non-polymer 'MAGNESIUM ION' 'Mg 2'
#
# COMPACT_ATOMS: atom_id res chain seq x y z
N LEU A 14 -4.80 41.36 8.55
CA LEU A 14 -5.31 40.92 7.26
C LEU A 14 -4.17 40.82 6.25
N ALA A 15 -3.39 41.89 6.11
CA ALA A 15 -2.20 41.86 5.26
C ALA A 15 -1.16 42.91 5.64
N PRO A 16 -0.70 42.98 6.90
CA PRO A 16 0.37 43.93 7.23
C PRO A 16 1.69 43.22 7.51
N ARG A 17 2.15 42.42 6.55
CA ARG A 17 3.21 41.46 6.81
C ARG A 17 4.57 42.14 6.94
N GLN A 18 5.43 41.54 7.75
CA GLN A 18 6.82 41.93 7.89
C GLN A 18 7.67 40.67 7.87
N VAL A 19 8.72 40.68 7.06
CA VAL A 19 9.63 39.53 6.99
C VAL A 19 10.58 39.59 8.18
N LEU A 20 10.60 38.53 8.97
CA LEU A 20 11.36 38.48 10.21
C LEU A 20 12.65 37.69 10.02
N ASP A 21 13.59 37.92 10.94
CA ASP A 21 14.85 37.19 11.00
C ASP A 21 14.70 36.12 12.07
N LEU A 22 14.38 34.90 11.65
CA LEU A 22 14.07 33.84 12.61
C LEU A 22 15.28 33.45 13.44
N GLU A 23 16.47 33.45 12.84
CA GLU A 23 17.66 33.00 13.56
C GLU A 23 18.03 33.95 14.69
N ASP A 24 17.70 35.23 14.57
CA ASP A 24 17.93 36.17 15.66
C ASP A 24 16.88 36.06 16.75
N LEU A 25 15.78 35.35 16.52
CA LEU A 25 14.79 35.06 17.54
C LEU A 25 15.05 33.73 18.24
N VAL A 26 16.10 33.01 17.85
CA VAL A 26 16.38 31.68 18.37
C VAL A 26 17.20 31.80 19.64
N PHE A 27 16.77 31.11 20.70
CA PHE A 27 17.61 30.92 21.87
C PHE A 27 18.73 29.96 21.52
N THR A 28 19.95 30.49 21.36
CA THR A 28 21.03 29.68 20.82
C THR A 28 21.46 28.57 21.77
N GLN A 29 21.39 28.80 23.08
CA GLN A 29 21.85 27.80 24.05
C GLN A 29 20.91 26.61 24.15
N GLY A 30 19.71 26.70 23.58
CA GLY A 30 18.79 25.56 23.66
C GLY A 30 18.31 25.35 25.08
N SER A 31 18.49 24.12 25.58
CA SER A 31 18.05 23.82 26.94
C SER A 31 18.94 24.48 27.99
N HIS A 32 20.13 24.94 27.61
CA HIS A 32 21.00 25.65 28.54
C HIS A 32 20.65 27.13 28.65
N PHE A 33 19.63 27.59 27.95
CA PHE A 33 19.20 28.98 28.07
C PHE A 33 18.59 29.22 29.44
N MET A 34 19.06 30.26 30.12
CA MET A 34 18.64 30.59 31.48
C MET A 34 17.80 31.86 31.43
N ALA A 35 16.48 31.72 31.59
CA ALA A 35 15.59 32.86 31.52
C ALA A 35 15.57 33.67 32.82
N ASN A 36 15.77 33.00 33.96
CA ASN A 36 15.81 33.70 35.24
C ASN A 36 17.14 34.42 35.41
N LYS A 37 17.08 35.70 35.76
CA LYS A 37 18.29 36.48 35.97
C LYS A 37 18.93 36.24 37.33
N ARG A 38 18.14 35.81 38.32
CA ARG A 38 18.65 35.49 39.64
C ARG A 38 18.15 34.10 40.04
N CYS A 39 18.70 33.57 41.13
CA CYS A 39 18.31 32.25 41.62
C CYS A 39 18.48 32.23 43.13
N GLN A 40 17.36 32.14 43.85
CA GLN A 40 17.40 32.10 45.31
C GLN A 40 17.65 30.68 45.80
N LEU A 41 18.56 30.54 46.77
CA LEU A 41 18.91 29.24 47.33
C LEU A 41 18.06 28.94 48.57
N PRO A 42 17.81 27.67 48.85
CA PRO A 42 17.10 27.33 50.09
C PRO A 42 17.92 27.69 51.32
N ASP A 43 17.22 27.80 52.45
CA ASP A 43 17.88 28.15 53.70
C ASP A 43 18.89 27.07 54.09
N GLY A 44 20.09 27.51 54.46
CA GLY A 44 21.16 26.60 54.82
C GLY A 44 22.20 26.40 53.74
N SER A 45 21.96 26.90 52.53
CA SER A 45 22.94 26.77 51.45
C SER A 45 24.15 27.64 51.73
N PHE A 46 25.33 27.08 51.50
CA PHE A 46 26.58 27.79 51.77
C PHE A 46 27.59 27.49 50.66
N ARG A 47 28.57 28.37 50.55
CA ARG A 47 29.64 28.24 49.57
C ARG A 47 30.99 28.30 50.26
N ARG A 48 31.97 27.63 49.68
CA ARG A 48 33.33 27.57 50.22
C ARG A 48 34.31 27.80 49.08
N GLN A 49 35.16 28.81 49.24
CA GLN A 49 36.20 29.10 48.25
C GLN A 49 37.40 28.21 48.49
N ARG A 50 37.89 27.56 47.44
CA ARG A 50 39.07 26.69 47.51
C ARG A 50 39.99 27.03 46.34
N LYS A 51 41.09 26.28 46.25
CA LYS A 51 42.06 26.52 45.20
C LYS A 51 41.53 26.00 43.86
N GLY A 52 41.61 26.84 42.83
CA GLY A 52 41.23 26.43 41.49
C GLY A 52 39.76 26.17 41.27
N TYR A 53 38.96 26.12 42.33
CA TYR A 53 37.53 25.84 42.19
C TYR A 53 36.79 26.36 43.41
N GLU A 54 35.45 26.35 43.30
CA GLU A 54 34.57 26.80 44.36
C GLU A 54 33.42 25.81 44.50
N GLU A 55 33.05 25.48 45.73
CA GLU A 55 32.00 24.52 46.02
C GLU A 55 30.76 25.24 46.54
N VAL A 56 29.59 24.72 46.17
CA VAL A 56 28.31 25.25 46.62
C VAL A 56 27.47 24.08 47.14
N HIS A 57 27.11 24.13 48.41
CA HIS A 57 26.33 23.08 49.05
C HIS A 57 24.91 23.56 49.31
N VAL A 58 23.94 22.68 49.06
CA VAL A 58 22.54 22.95 49.32
C VAL A 58 22.02 21.84 50.22
N PRO A 59 21.47 22.15 51.39
CA PRO A 59 21.05 21.10 52.33
C PRO A 59 19.82 20.35 51.81
N ALA A 60 19.62 19.17 52.39
CA ALA A 60 18.46 18.37 52.03
C ALA A 60 17.18 19.00 52.57
N LEU A 61 16.16 19.04 51.73
CA LEU A 61 14.89 19.66 52.10
C LEU A 61 14.07 18.69 52.96
N LYS A 62 13.37 19.26 53.94
CA LYS A 62 12.49 18.46 54.79
C LYS A 62 11.13 18.31 54.13
N PRO A 63 10.52 17.13 54.22
CA PRO A 63 9.19 16.94 53.63
C PRO A 63 8.15 17.86 54.27
N LYS A 64 7.11 18.15 53.51
CA LYS A 64 6.00 18.95 54.02
C LYS A 64 5.10 18.07 54.87
N PRO A 65 4.88 18.41 56.15
CA PRO A 65 3.97 17.61 56.97
C PRO A 65 2.60 17.51 56.31
N PHE A 66 2.03 16.30 56.36
CA PHE A 66 0.78 15.97 55.67
C PHE A 66 -0.27 17.05 55.88
N GLY A 67 -0.42 17.92 54.88
CA GLY A 67 -1.21 19.13 54.99
C GLY A 67 -2.62 18.97 55.52
N SER A 68 -3.53 18.46 54.70
CA SER A 68 -4.94 18.42 55.07
C SER A 68 -5.43 16.99 55.29
N GLU A 69 -6.30 16.52 54.40
CA GLU A 69 -6.97 15.24 54.55
C GLU A 69 -6.34 14.16 53.69
N GLU A 70 -5.08 14.34 53.30
CA GLU A 70 -4.43 13.45 52.33
C GLU A 70 -3.77 12.29 53.07
N GLN A 71 -4.46 11.16 53.10
CA GLN A 71 -3.89 9.91 53.61
C GLN A 71 -3.48 9.02 52.45
N LEU A 72 -2.49 8.17 52.71
CA LEU A 72 -1.99 7.27 51.68
C LEU A 72 -3.03 6.20 51.35
N LEU A 73 -3.50 6.20 50.11
CA LEU A 73 -4.59 5.33 49.71
C LEU A 73 -4.10 3.91 49.48
N PRO A 74 -4.64 2.91 50.16
CA PRO A 74 -4.26 1.53 49.85
C PRO A 74 -4.71 1.13 48.46
N VAL A 75 -3.98 0.16 47.89
CA VAL A 75 -4.29 -0.30 46.53
C VAL A 75 -5.64 -1.00 46.49
N GLU A 76 -6.02 -1.70 47.56
CA GLU A 76 -7.29 -2.39 47.60
C GLU A 76 -8.48 -1.44 47.63
N LYS A 77 -8.26 -0.16 47.90
CA LYS A 77 -9.33 0.84 47.85
C LYS A 77 -9.53 1.43 46.46
N LEU A 78 -8.73 1.01 45.49
CA LEU A 78 -8.88 1.47 44.12
C LEU A 78 -10.07 0.78 43.45
N PRO A 79 -10.50 1.28 42.29
CA PRO A 79 -11.50 0.54 41.52
C PRO A 79 -11.06 -0.89 41.24
N LYS A 80 -12.04 -1.78 41.14
CA LYS A 80 -11.76 -3.21 41.09
C LYS A 80 -10.88 -3.58 39.89
N TYR A 81 -11.08 -2.91 38.76
CA TYR A 81 -10.41 -3.32 37.53
C TYR A 81 -8.99 -2.79 37.42
N ALA A 82 -8.62 -1.80 38.23
CA ALA A 82 -7.30 -1.19 38.17
C ALA A 82 -6.32 -1.76 39.19
N GLN A 83 -6.76 -2.72 40.01
CA GLN A 83 -5.90 -3.28 41.04
C GLN A 83 -4.92 -4.32 40.51
N ALA A 84 -5.14 -4.82 39.29
CA ALA A 84 -4.21 -5.78 38.71
C ALA A 84 -2.96 -5.10 38.16
N GLY A 85 -3.09 -3.88 37.63
CA GLY A 85 -1.94 -3.10 37.24
C GLY A 85 -1.13 -2.56 38.40
N PHE A 86 -1.58 -2.80 39.64
CA PHE A 86 -0.85 -2.36 40.84
C PHE A 86 -0.59 -3.52 41.79
N GLU A 87 -0.69 -4.76 41.32
CA GLU A 87 -0.34 -5.89 42.17
C GLU A 87 1.16 -5.94 42.37
N GLY A 88 1.59 -6.03 43.63
CA GLY A 88 2.97 -5.81 44.01
C GLY A 88 3.17 -4.50 44.76
N PHE A 89 2.20 -3.60 44.71
CA PHE A 89 2.19 -2.40 45.53
C PHE A 89 1.10 -2.52 46.59
N LYS A 90 1.40 -2.09 47.81
CA LYS A 90 0.43 -2.11 48.89
C LYS A 90 -0.29 -0.78 49.04
N THR A 91 0.41 0.35 48.85
CA THR A 91 -0.19 1.66 49.06
C THR A 91 0.45 2.65 48.08
N LEU A 92 -0.36 3.53 47.53
CA LEU A 92 0.15 4.60 46.67
C LEU A 92 0.89 5.63 47.51
N ASN A 93 1.87 6.29 46.90
CA ASN A 93 2.64 7.29 47.61
C ASN A 93 1.86 8.60 47.72
N ARG A 94 2.54 9.69 48.06
CA ARG A 94 1.83 10.92 48.38
C ARG A 94 1.22 11.57 47.14
N ILE A 95 1.97 11.63 46.04
CA ILE A 95 1.43 12.30 44.86
C ILE A 95 0.46 11.40 44.10
N GLN A 96 0.58 10.09 44.23
CA GLN A 96 -0.33 9.18 43.53
C GLN A 96 -1.70 9.16 44.19
N SER A 97 -1.74 9.21 45.52
CA SER A 97 -3.02 9.25 46.22
C SER A 97 -3.73 10.58 46.02
N LYS A 98 -2.98 11.65 45.82
CA LYS A 98 -3.59 12.95 45.50
C LYS A 98 -4.12 12.99 44.08
N LEU A 99 -3.68 12.09 43.21
CA LEU A 99 -4.00 12.14 41.79
C LEU A 99 -4.93 11.04 41.32
N TYR A 100 -5.18 10.02 42.13
CA TYR A 100 -5.91 8.85 41.65
C TYR A 100 -7.34 9.17 41.26
N ARG A 101 -7.97 10.12 41.94
CA ARG A 101 -9.35 10.46 41.60
C ARG A 101 -9.44 11.18 40.26
N ALA A 102 -8.55 12.16 40.04
CA ALA A 102 -8.51 12.84 38.75
C ALA A 102 -7.99 11.93 37.65
N ALA A 103 -7.21 10.91 37.99
CA ALA A 103 -6.62 9.99 37.02
C ALA A 103 -7.58 8.90 36.58
N LEU A 104 -8.31 8.29 37.54
CA LEU A 104 -9.13 7.13 37.26
C LEU A 104 -10.61 7.45 37.07
N GLU A 105 -11.09 8.57 37.61
CA GLU A 105 -12.52 8.85 37.63
C GLU A 105 -12.91 10.03 36.74
N THR A 106 -11.96 10.69 36.09
CA THR A 106 -12.26 11.78 35.17
C THR A 106 -11.43 11.62 33.91
N ASP A 107 -11.92 12.26 32.84
CA ASP A 107 -11.19 12.33 31.57
C ASP A 107 -10.49 13.66 31.39
N GLU A 108 -10.25 14.39 32.48
CA GLU A 108 -9.66 15.71 32.39
C GLU A 108 -8.20 15.64 31.98
N ASN A 109 -7.79 16.56 31.11
CA ASN A 109 -6.38 16.69 30.77
C ASN A 109 -5.59 17.09 32.01
N LEU A 110 -4.51 16.36 32.28
CA LEU A 110 -3.74 16.53 33.51
C LEU A 110 -2.33 17.02 33.20
N LEU A 111 -1.74 17.68 34.18
CA LEU A 111 -0.33 18.05 34.14
C LEU A 111 0.24 17.87 35.54
N LEU A 112 1.12 16.89 35.70
CA LEU A 112 1.74 16.57 36.98
C LEU A 112 3.19 17.04 36.96
N CYS A 113 3.53 17.94 37.88
CA CYS A 113 4.90 18.43 38.04
C CYS A 113 5.40 18.02 39.42
N ALA A 114 6.45 17.20 39.45
CA ALA A 114 7.01 16.70 40.69
C ALA A 114 8.48 16.38 40.45
N PRO A 115 9.32 16.42 41.48
CA PRO A 115 10.75 16.11 41.29
C PRO A 115 10.95 14.68 40.83
N THR A 116 12.08 14.46 40.16
CA THR A 116 12.41 13.15 39.62
C THR A 116 12.50 12.12 40.75
N GLY A 117 11.73 11.05 40.63
CA GLY A 117 11.67 10.02 41.65
C GLY A 117 10.44 10.06 42.52
N ALA A 118 9.56 11.04 42.33
CA ALA A 118 8.34 11.13 43.13
C ALA A 118 7.30 10.08 42.77
N GLY A 119 7.46 9.39 41.65
CA GLY A 119 6.54 8.33 41.27
C GLY A 119 5.48 8.79 40.28
N LYS A 120 5.88 9.57 39.28
CA LYS A 120 4.92 10.08 38.30
C LYS A 120 4.42 9.01 37.35
N THR A 121 5.16 7.90 37.20
CA THR A 121 4.79 6.88 36.22
C THR A 121 3.47 6.21 36.60
N ASN A 122 3.28 5.87 37.87
CA ASN A 122 2.06 5.20 38.28
C ASN A 122 0.83 6.08 38.08
N VAL A 123 1.00 7.40 38.17
CA VAL A 123 -0.12 8.30 37.88
C VAL A 123 -0.51 8.19 36.41
N ALA A 124 0.49 8.16 35.51
CA ALA A 124 0.21 7.93 34.11
C ALA A 124 -0.36 6.54 33.86
N LEU A 125 0.05 5.56 34.69
CA LEU A 125 -0.51 4.23 34.57
C LEU A 125 -1.99 4.20 34.97
N MET A 126 -2.38 5.04 35.93
CA MET A 126 -3.76 5.03 36.41
C MET A 126 -4.73 5.52 35.34
N CYS A 127 -4.30 6.51 34.54
CA CYS A 127 -5.10 7.00 33.41
C CYS A 127 -5.13 5.99 32.27
N MET A 128 -4.01 5.29 32.03
CA MET A 128 -4.01 4.20 31.07
C MET A 128 -5.00 3.12 31.48
N LEU A 129 -5.10 2.82 32.78
CA LEU A 129 -6.06 1.82 33.25
C LEU A 129 -7.49 2.30 33.06
N ARG A 130 -7.74 3.61 33.19
CA ARG A 130 -9.08 4.13 32.97
C ARG A 130 -9.50 3.97 31.51
N GLU A 131 -8.58 4.25 30.58
CA GLU A 131 -8.89 4.09 29.16
C GLU A 131 -9.15 2.63 28.82
N ILE A 132 -8.35 1.71 29.39
CA ILE A 132 -8.56 0.29 29.16
C ILE A 132 -9.89 -0.16 29.78
N GLY A 133 -10.24 0.41 30.93
CA GLY A 133 -11.53 0.10 31.54
C GLY A 133 -12.72 0.56 30.70
N LYS A 134 -12.53 1.55 29.84
CA LYS A 134 -13.59 1.99 28.94
C LYS A 134 -13.94 0.95 27.89
N HIS A 135 -13.17 -0.14 27.79
CA HIS A 135 -13.41 -1.19 26.81
C HIS A 135 -13.50 -2.55 27.47
N ILE A 136 -14.04 -2.60 28.69
CA ILE A 136 -14.32 -3.88 29.33
C ILE A 136 -15.35 -4.63 28.49
N ASN A 137 -15.19 -5.94 28.43
CA ASN A 137 -16.05 -6.78 27.60
C ASN A 137 -16.94 -7.66 28.49
N MET A 138 -18.10 -8.03 27.93
CA MET A 138 -18.94 -9.04 28.58
C MET A 138 -18.15 -10.31 28.79
N ASP A 139 -17.34 -10.70 27.80
CA ASP A 139 -16.42 -11.83 27.95
C ASP A 139 -15.50 -11.63 29.16
N GLY A 140 -15.10 -10.40 29.42
CA GLY A 140 -14.16 -10.08 30.48
C GLY A 140 -12.82 -9.60 29.99
N THR A 141 -12.50 -9.86 28.72
CA THR A 141 -11.25 -9.36 28.12
C THR A 141 -11.40 -7.91 27.72
N ILE A 142 -10.53 -7.43 26.84
CA ILE A 142 -10.52 -6.05 26.40
C ILE A 142 -10.64 -6.00 24.88
N ASN A 143 -11.51 -5.14 24.39
CA ASN A 143 -11.60 -4.86 22.96
C ASN A 143 -10.35 -4.10 22.55
N VAL A 144 -9.37 -4.81 22.01
CA VAL A 144 -8.07 -4.19 21.75
C VAL A 144 -8.03 -3.43 20.43
N ASP A 145 -8.86 -3.79 19.44
CA ASP A 145 -9.01 -3.01 18.23
C ASP A 145 -10.06 -1.91 18.38
N ASP A 146 -10.24 -1.41 19.61
CA ASP A 146 -11.19 -0.34 19.90
C ASP A 146 -10.53 0.99 20.25
N PHE A 147 -9.28 0.96 20.72
CA PHE A 147 -8.60 2.15 21.20
C PHE A 147 -7.11 2.01 20.95
N LYS A 148 -6.36 3.05 21.34
CA LYS A 148 -4.92 3.04 21.24
C LYS A 148 -4.36 4.09 22.19
N ILE A 149 -3.27 3.75 22.87
CA ILE A 149 -2.61 4.63 23.82
C ILE A 149 -1.20 4.93 23.33
N ILE A 150 -0.81 6.19 23.41
CA ILE A 150 0.50 6.66 22.97
C ILE A 150 1.26 7.16 24.18
N TYR A 151 2.38 6.52 24.50
CA TYR A 151 3.25 6.93 25.60
C TYR A 151 4.52 7.53 24.99
N ILE A 152 4.70 8.83 25.16
CA ILE A 152 5.82 9.56 24.58
C ILE A 152 6.90 9.68 25.64
N ALA A 153 8.07 9.10 25.37
CA ALA A 153 9.21 9.14 26.27
C ALA A 153 10.42 9.75 25.55
N PRO A 154 11.26 10.51 26.28
CA PRO A 154 12.34 11.24 25.61
C PRO A 154 13.45 10.36 25.03
N MET A 155 13.96 9.43 25.83
CA MET A 155 15.12 8.65 25.43
C MET A 155 14.70 7.25 24.97
N ARG A 156 15.50 6.69 24.06
CA ARG A 156 15.20 5.37 23.52
C ARG A 156 15.44 4.27 24.54
N SER A 157 16.43 4.44 25.41
CA SER A 157 16.68 3.44 26.46
C SER A 157 15.52 3.41 27.46
N LEU A 158 14.99 4.58 27.80
CA LEU A 158 13.82 4.63 28.68
C LEU A 158 12.60 4.02 28.00
N VAL A 159 12.50 4.14 26.68
CA VAL A 159 11.37 3.55 25.95
C VAL A 159 11.39 2.04 26.08
N GLN A 160 12.57 1.43 25.93
CA GLN A 160 12.66 -0.03 25.95
C GLN A 160 12.32 -0.60 27.32
N GLU A 161 12.80 0.04 28.39
CA GLU A 161 12.51 -0.45 29.73
C GLU A 161 11.03 -0.29 30.07
N MET A 162 10.42 0.80 29.61
CA MET A 162 8.99 1.02 29.88
C MET A 162 8.11 0.07 29.09
N VAL A 163 8.59 -0.45 27.95
CA VAL A 163 7.83 -1.47 27.22
C VAL A 163 7.76 -2.75 28.04
N GLY A 164 8.87 -3.14 28.67
CA GLY A 164 8.85 -4.31 29.51
C GLY A 164 8.08 -4.10 30.80
N SER A 165 8.22 -2.93 31.41
CA SER A 165 7.51 -2.65 32.66
C SER A 165 6.01 -2.59 32.43
N PHE A 166 5.57 -1.76 31.48
CA PHE A 166 4.14 -1.70 31.16
C PHE A 166 3.62 -3.02 30.63
N GLY A 167 4.47 -3.81 29.98
CA GLY A 167 4.05 -5.11 29.51
C GLY A 167 3.76 -6.08 30.64
N LYS A 168 4.56 -6.02 31.71
CA LYS A 168 4.36 -6.91 32.84
C LYS A 168 3.21 -6.45 33.73
N ARG A 169 3.14 -5.15 34.01
CA ARG A 169 2.09 -4.64 34.90
C ARG A 169 0.71 -4.86 34.30
N LEU A 170 0.60 -4.91 32.98
CA LEU A 170 -0.68 -5.07 32.29
C LEU A 170 -0.78 -6.38 31.53
N ALA A 171 0.13 -7.33 31.78
CA ALA A 171 0.05 -8.62 31.10
C ALA A 171 -1.23 -9.36 31.43
N THR A 172 -1.75 -9.20 32.64
CA THR A 172 -2.98 -9.87 33.04
C THR A 172 -4.19 -9.35 32.28
N TYR A 173 -4.09 -8.19 31.64
CA TYR A 173 -5.16 -7.63 30.84
C TYR A 173 -5.15 -8.13 29.40
N GLY A 174 -4.16 -8.93 29.02
CA GLY A 174 -4.05 -9.41 27.65
C GLY A 174 -3.85 -8.29 26.67
N ILE A 175 -2.79 -7.49 26.86
CA ILE A 175 -2.60 -6.25 26.13
C ILE A 175 -1.17 -6.20 25.61
N THR A 176 -1.02 -5.77 24.36
CA THR A 176 0.28 -5.69 23.72
C THR A 176 0.89 -4.30 23.92
N VAL A 177 2.10 -4.27 24.46
CA VAL A 177 2.89 -3.05 24.60
C VAL A 177 4.20 -3.28 23.88
N ALA A 178 4.51 -2.43 22.89
CA ALA A 178 5.69 -2.63 22.09
C ALA A 178 6.24 -1.28 21.62
N GLU A 179 7.52 -1.28 21.29
CA GLU A 179 8.20 -0.13 20.71
C GLU A 179 8.24 -0.30 19.19
N LEU A 180 8.04 0.81 18.48
CA LEU A 180 7.89 0.76 17.04
C LEU A 180 9.22 0.53 16.34
N THR A 181 9.23 -0.42 15.41
CA THR A 181 10.43 -0.77 14.67
C THR A 181 10.72 0.26 13.57
N GLY A 182 11.96 0.26 13.11
CA GLY A 182 12.38 1.16 12.06
C GLY A 182 11.99 0.69 10.67
N LYS A 188 3.47 -3.11 8.71
CA LYS A 188 3.39 -2.45 10.02
C LYS A 188 2.17 -2.98 10.76
N GLU A 189 1.98 -4.29 10.62
CA GLU A 189 0.91 -5.01 11.31
C GLU A 189 1.07 -4.98 12.82
N GLU A 190 2.23 -4.54 13.32
CA GLU A 190 2.43 -4.51 14.77
C GLU A 190 1.63 -3.40 15.42
N ILE A 191 1.55 -2.22 14.78
CA ILE A 191 0.82 -1.10 15.37
C ILE A 191 -0.64 -1.47 15.60
N SER A 192 -1.23 -2.23 14.67
CA SER A 192 -2.58 -2.74 14.89
C SER A 192 -2.60 -3.77 16.01
N ALA A 193 -1.51 -4.49 16.21
CA ALA A 193 -1.45 -5.50 17.26
C ALA A 193 -1.23 -4.88 18.63
N THR A 194 -0.52 -3.76 18.71
CA THR A 194 -0.24 -3.10 19.98
C THR A 194 -1.35 -2.13 20.33
N GLN A 195 -1.68 -2.07 21.62
CA GLN A 195 -2.63 -1.11 22.15
C GLN A 195 -1.97 0.07 22.82
N ILE A 196 -0.76 -0.12 23.36
CA ILE A 196 0.01 0.93 24.01
C ILE A 196 1.32 1.08 23.27
N ILE A 197 1.43 2.15 22.49
CA ILE A 197 2.64 2.43 21.72
C ILE A 197 3.56 3.31 22.55
N VAL A 198 4.80 2.87 22.74
CA VAL A 198 5.82 3.64 23.43
C VAL A 198 6.85 4.08 22.40
N CYS A 199 7.07 5.38 22.30
CA CYS A 199 7.93 5.92 21.26
C CYS A 199 8.58 7.21 21.75
N THR A 200 9.55 7.68 20.99
CA THR A 200 10.13 8.99 21.20
C THR A 200 9.26 10.05 20.52
N PRO A 201 9.37 11.31 20.93
CA PRO A 201 8.60 12.37 20.24
C PRO A 201 8.86 12.41 18.74
N GLU A 202 10.12 12.20 18.32
CA GLU A 202 10.45 12.27 16.90
C GLU A 202 9.80 11.12 16.13
N LYS A 203 9.72 9.93 16.74
CA LYS A 203 9.14 8.79 16.06
C LYS A 203 7.66 9.03 15.76
N TRP A 204 6.89 9.41 16.78
CA TRP A 204 5.47 9.63 16.58
C TRP A 204 5.21 10.83 15.66
N ASP A 205 6.14 11.78 15.60
CA ASP A 205 6.00 12.89 14.66
C ASP A 205 6.07 12.40 13.23
N ILE A 206 7.03 11.53 12.92
CA ILE A 206 7.20 11.02 11.57
C ILE A 206 5.97 10.22 11.15
N ILE A 207 5.40 9.45 12.08
CA ILE A 207 4.25 8.60 11.75
C ILE A 207 3.05 9.46 11.39
N THR A 208 2.66 10.36 12.29
CA THR A 208 1.52 11.23 12.04
C THR A 208 1.78 12.25 10.93
N ARG A 209 3.04 12.43 10.51
CA ARG A 209 3.31 13.33 9.39
C ARG A 209 2.84 12.74 8.08
N LYS A 210 2.88 11.42 7.92
CA LYS A 210 2.47 10.77 6.69
C LYS A 210 0.95 10.85 6.51
N GLY A 211 0.21 10.14 7.37
CA GLY A 211 -1.24 10.17 7.33
C GLY A 211 -1.84 9.67 6.03
N THR A 215 -4.62 5.07 8.06
CA THR A 215 -3.76 4.60 9.14
C THR A 215 -4.58 4.33 10.39
N TYR A 216 -3.91 4.14 11.53
CA TYR A 216 -4.57 3.76 12.78
C TYR A 216 -4.44 4.83 13.86
N THR A 217 -4.11 6.07 13.48
CA THR A 217 -4.01 7.15 14.46
C THR A 217 -5.37 7.70 14.87
N GLN A 218 -6.45 7.31 14.19
CA GLN A 218 -7.78 7.76 14.58
C GLN A 218 -8.26 7.09 15.86
N LEU A 219 -7.67 5.96 16.24
CA LEU A 219 -8.07 5.23 17.44
C LEU A 219 -7.35 5.73 18.69
N VAL A 220 -6.53 6.77 18.59
CA VAL A 220 -5.80 7.28 19.73
C VAL A 220 -6.76 8.01 20.66
N ARG A 221 -6.95 7.47 21.88
CA ARG A 221 -7.78 8.10 22.88
C ARG A 221 -7.00 8.74 24.01
N LEU A 222 -5.74 8.35 24.21
CA LEU A 222 -4.94 8.86 25.31
C LEU A 222 -3.51 9.05 24.84
N ILE A 223 -2.92 10.20 25.17
CA ILE A 223 -1.53 10.51 24.87
C ILE A 223 -0.85 10.94 26.16
N ILE A 224 0.28 10.32 26.46
CA ILE A 224 1.06 10.63 27.66
C ILE A 224 2.39 11.21 27.23
N LEU A 225 2.64 12.45 27.62
CA LEU A 225 3.89 13.15 27.28
C LEU A 225 4.78 13.15 28.53
N ASP A 226 5.56 12.08 28.67
CA ASP A 226 6.45 11.96 29.81
C ASP A 226 7.64 12.90 29.66
N GLU A 227 8.07 13.48 30.78
CA GLU A 227 9.18 14.44 30.81
C GLU A 227 8.93 15.58 29.83
N ILE A 228 7.73 16.16 29.94
CA ILE A 228 7.32 17.22 29.02
C ILE A 228 8.15 18.49 29.18
N HIS A 229 8.96 18.59 30.23
CA HIS A 229 9.90 19.71 30.33
C HIS A 229 10.98 19.66 29.26
N LEU A 230 10.96 18.64 28.39
CA LEU A 230 11.79 18.63 27.20
C LEU A 230 11.48 19.80 26.27
N LEU A 231 10.34 20.47 26.47
CA LEU A 231 10.01 21.66 25.68
C LEU A 231 11.13 22.68 25.69
N HIS A 232 11.85 22.80 26.81
CA HIS A 232 12.98 23.72 26.89
C HIS A 232 14.18 23.26 26.07
N ASP A 233 14.21 21.99 25.67
CA ASP A 233 15.32 21.45 24.90
C ASP A 233 15.12 21.76 23.40
N ASP A 234 16.19 21.55 22.63
CA ASP A 234 16.11 21.76 21.19
C ASP A 234 15.11 20.81 20.54
N ARG A 235 14.90 19.63 21.14
CA ARG A 235 13.88 18.71 20.65
C ARG A 235 12.47 19.13 21.09
N GLY A 236 12.35 20.17 21.90
CA GLY A 236 11.09 20.66 22.38
C GLY A 236 10.03 20.92 21.32
N PRO A 237 10.41 21.63 20.24
CA PRO A 237 9.43 21.87 19.15
C PRO A 237 8.73 20.62 18.64
N VAL A 238 9.34 19.45 18.77
CA VAL A 238 8.67 18.23 18.35
C VAL A 238 7.43 17.98 19.22
N LEU A 239 7.54 18.21 20.53
CA LEU A 239 6.39 18.06 21.40
C LEU A 239 5.31 19.08 21.08
N GLU A 240 5.71 20.31 20.76
CA GLU A 240 4.73 21.33 20.38
C GLU A 240 3.99 20.92 19.12
N ALA A 241 4.70 20.36 18.14
CA ALA A 241 4.06 19.93 16.90
C ALA A 241 3.09 18.78 17.16
N LEU A 242 3.46 17.85 18.05
CA LEU A 242 2.58 16.72 18.34
C LEU A 242 1.30 17.18 19.02
N VAL A 243 1.41 18.13 19.95
CA VAL A 243 0.25 18.57 20.72
C VAL A 243 -0.67 19.42 19.85
N ALA A 244 -0.10 20.40 19.16
CA ALA A 244 -0.90 21.26 18.29
C ALA A 244 -1.62 20.46 17.21
N ARG A 245 -0.99 19.40 16.72
CA ARG A 245 -1.61 18.56 15.70
C ARG A 245 -2.81 17.81 16.27
N ALA A 246 -2.65 17.21 17.44
CA ALA A 246 -3.72 16.40 18.02
C ALA A 246 -4.87 17.28 18.51
N ILE A 247 -4.55 18.38 19.19
CA ILE A 247 -5.60 19.24 19.73
C ILE A 247 -6.40 19.88 18.62
N ARG A 248 -5.73 20.39 17.59
CA ARG A 248 -6.44 20.96 16.44
C ARG A 248 -7.21 19.89 15.69
N ASN A 249 -6.73 18.64 15.70
CA ASN A 249 -7.48 17.56 15.08
C ASN A 249 -8.75 17.26 15.87
N ILE A 250 -8.75 17.51 17.19
CA ILE A 250 -9.93 17.26 17.99
C ILE A 250 -11.08 18.16 17.56
N GLU A 251 -10.77 19.39 17.15
CA GLU A 251 -11.83 20.34 16.77
C GLU A 251 -12.46 19.97 15.44
N MET A 252 -11.66 19.52 14.46
CA MET A 252 -12.18 19.13 13.15
C MET A 252 -12.69 17.71 13.12
N THR A 253 -12.60 16.96 14.22
CA THR A 253 -13.10 15.60 14.30
C THR A 253 -14.12 15.40 15.41
N GLN A 254 -14.02 16.16 16.50
CA GLN A 254 -14.86 16.01 17.69
C GLN A 254 -14.74 14.63 18.32
N GLU A 255 -13.62 13.96 18.08
CA GLU A 255 -13.26 12.73 18.80
C GLU A 255 -12.19 13.12 19.82
N ASP A 256 -12.60 13.23 21.08
CA ASP A 256 -11.73 13.80 22.10
C ASP A 256 -10.58 12.85 22.43
N VAL A 257 -9.42 13.44 22.70
CA VAL A 257 -8.22 12.72 23.11
C VAL A 257 -7.76 13.30 24.44
N ARG A 258 -7.45 12.43 25.40
CA ARG A 258 -6.99 12.86 26.71
C ARG A 258 -5.47 13.07 26.68
N LEU A 259 -5.02 14.18 27.25
CA LEU A 259 -3.61 14.56 27.26
C LEU A 259 -3.12 14.52 28.70
N ILE A 260 -2.08 13.72 28.95
CA ILE A 260 -1.48 13.60 30.27
C ILE A 260 -0.02 13.99 30.17
N GLY A 261 0.37 15.03 30.89
CA GLY A 261 1.73 15.55 30.88
C GLY A 261 2.41 15.31 32.22
N LEU A 262 3.62 14.77 32.16
CA LEU A 262 4.47 14.58 33.32
C LEU A 262 5.67 15.50 33.20
N SER A 263 5.93 16.29 34.24
CA SER A 263 6.97 17.29 34.20
C SER A 263 7.77 17.27 35.48
N ALA A 264 8.96 17.86 35.42
CA ALA A 264 9.76 18.09 36.62
C ALA A 264 9.29 19.40 37.26
N THR A 265 10.06 19.90 38.22
CA THR A 265 9.70 21.11 38.96
C THR A 265 10.43 22.30 38.35
N LEU A 266 9.78 22.94 37.38
CA LEU A 266 10.32 24.11 36.71
C LEU A 266 9.23 25.15 36.56
N PRO A 267 9.58 26.43 36.52
CA PRO A 267 8.56 27.48 36.33
C PRO A 267 7.90 27.38 34.96
N ASN A 268 6.89 28.23 34.77
CA ASN A 268 6.04 28.26 33.58
C ASN A 268 5.20 26.99 33.44
N TYR A 269 5.01 26.24 34.53
CA TYR A 269 4.19 25.04 34.46
C TYR A 269 2.72 25.38 34.17
N GLU A 270 2.28 26.56 34.59
CA GLU A 270 0.92 27.00 34.26
C GLU A 270 0.79 27.33 32.77
N ASP A 271 1.87 27.84 32.16
CA ASP A 271 1.85 28.03 30.71
C ASP A 271 1.83 26.68 29.99
N VAL A 272 2.50 25.68 30.55
CA VAL A 272 2.42 24.33 30.00
C VAL A 272 1.01 23.78 30.14
N ALA A 273 0.34 24.11 31.25
CA ALA A 273 -1.03 23.63 31.46
C ALA A 273 -1.98 24.21 30.41
N THR A 274 -1.87 25.50 30.13
CA THR A 274 -2.66 26.10 29.06
C THR A 274 -2.33 25.45 27.72
N PHE A 275 -1.06 25.11 27.52
CA PHE A 275 -0.62 24.49 26.27
C PHE A 275 -1.25 23.11 26.07
N LEU A 276 -1.50 22.38 27.16
CA LEU A 276 -2.11 21.07 27.10
C LEU A 276 -3.63 21.11 27.27
N ARG A 277 -4.24 22.30 27.24
CA ARG A 277 -5.67 22.47 27.46
C ARG A 277 -6.07 21.89 28.83
N VAL A 278 -5.28 22.20 29.84
CA VAL A 278 -5.50 21.70 31.20
C VAL A 278 -6.19 22.78 32.01
N ASP A 279 -7.32 22.43 32.61
CA ASP A 279 -8.00 23.34 33.53
C ASP A 279 -7.17 23.47 34.80
N PRO A 280 -6.71 24.67 35.16
CA PRO A 280 -5.87 24.80 36.35
C PRO A 280 -6.56 24.40 37.63
N ALA A 281 -7.87 24.61 37.73
CA ALA A 281 -8.62 24.25 38.92
C ALA A 281 -9.06 22.78 38.94
N LYS A 282 -8.57 21.98 38.01
CA LYS A 282 -8.96 20.57 37.94
C LYS A 282 -7.77 19.66 37.66
N GLY A 283 -6.99 19.98 36.63
CA GLY A 283 -5.96 19.07 36.17
C GLY A 283 -4.53 19.48 36.45
N LEU A 284 -4.33 20.60 37.13
CA LEU A 284 -3.00 21.10 37.45
C LEU A 284 -2.62 20.66 38.87
N PHE A 285 -1.46 20.03 39.00
CA PHE A 285 -0.96 19.56 40.29
C PHE A 285 0.54 19.78 40.35
N TYR A 286 0.97 20.63 41.28
CA TYR A 286 2.37 21.02 41.41
C TYR A 286 2.88 20.59 42.79
N PHE A 287 3.96 19.81 42.80
CA PHE A 287 4.61 19.37 44.02
C PHE A 287 6.07 19.76 43.97
N ASP A 288 6.51 20.59 44.91
CA ASP A 288 7.88 21.10 44.89
C ASP A 288 8.88 19.98 45.19
N ASN A 289 10.15 20.33 45.19
CA ASN A 289 11.22 19.36 45.41
C ASN A 289 11.20 18.74 46.79
N SER A 290 10.45 19.33 47.74
CA SER A 290 10.33 18.72 49.06
C SER A 290 9.58 17.40 49.03
N PHE A 291 8.90 17.08 47.94
CA PHE A 291 8.19 15.82 47.78
C PHE A 291 9.07 14.72 47.18
N ARG A 292 10.37 14.97 47.08
CA ARG A 292 11.31 13.91 46.69
C ARG A 292 11.31 12.84 47.78
N PRO A 293 10.97 11.59 47.46
CA PRO A 293 10.85 10.57 48.50
C PRO A 293 12.11 10.38 49.33
N VAL A 294 13.29 10.56 48.73
CA VAL A 294 14.57 10.48 49.43
C VAL A 294 15.16 11.88 49.47
N PRO A 295 15.42 12.44 50.65
CA PRO A 295 16.05 13.77 50.71
C PRO A 295 17.40 13.78 50.02
N LEU A 296 17.71 14.90 49.37
CA LEU A 296 18.89 15.03 48.53
C LEU A 296 19.75 16.18 49.02
N GLU A 297 20.98 15.86 49.41
CA GLU A 297 21.99 16.88 49.70
C GLU A 297 22.76 17.18 48.43
N GLN A 298 22.78 18.44 48.03
CA GLN A 298 23.40 18.85 46.77
C GLN A 298 24.80 19.38 46.99
N THR A 299 25.67 19.14 46.02
CA THR A 299 27.05 19.65 46.03
C THR A 299 27.42 20.04 44.62
N TYR A 300 27.75 21.31 44.41
CA TYR A 300 28.12 21.85 43.11
C TYR A 300 29.55 22.34 43.18
N VAL A 301 30.40 21.81 42.30
CA VAL A 301 31.82 22.14 42.28
C VAL A 301 32.09 22.89 40.97
N GLY A 302 32.26 24.21 41.08
CA GLY A 302 32.55 25.02 39.92
C GLY A 302 34.03 25.35 39.80
N ILE A 303 34.68 24.81 38.78
CA ILE A 303 36.13 24.96 38.62
C ILE A 303 36.42 26.28 37.93
N THR A 304 37.40 27.03 38.47
CA THR A 304 37.82 28.29 37.87
C THR A 304 38.96 28.11 36.86
N GLU A 305 39.74 27.03 36.99
CA GLU A 305 40.86 26.81 36.09
C GLU A 305 40.38 26.63 34.66
N LYS A 306 40.83 27.52 33.76
CA LYS A 306 40.39 27.50 32.37
C LYS A 306 41.37 26.78 31.45
N LYS A 307 42.60 26.53 31.89
CA LYS A 307 43.56 25.78 31.09
C LYS A 307 43.19 24.30 31.10
N ALA A 308 43.09 23.71 29.91
CA ALA A 308 42.50 22.38 29.78
C ALA A 308 43.31 21.32 30.51
N ILE A 309 44.63 21.44 30.51
CA ILE A 309 45.48 20.40 31.08
C ILE A 309 45.37 20.39 32.60
N LYS A 310 45.52 21.55 33.24
CA LYS A 310 45.45 21.60 34.69
C LYS A 310 44.01 21.45 35.19
N ARG A 311 43.03 21.92 34.40
CA ARG A 311 41.63 21.67 34.76
C ARG A 311 41.31 20.18 34.71
N PHE A 312 42.01 19.43 33.86
CA PHE A 312 41.81 17.99 33.81
C PHE A 312 42.27 17.31 35.10
N GLN A 313 43.42 17.72 35.64
CA GLN A 313 43.91 17.13 36.87
C GLN A 313 43.15 17.64 38.09
N ILE A 314 42.71 18.90 38.08
CA ILE A 314 41.87 19.41 39.15
C ILE A 314 40.58 18.60 39.22
N MET A 315 40.02 18.24 38.06
CA MET A 315 38.84 17.40 38.04
C MET A 315 39.12 16.03 38.66
N ASN A 316 40.26 15.43 38.30
CA ASN A 316 40.61 14.12 38.83
C ASN A 316 40.99 14.17 40.31
N GLU A 317 41.40 15.33 40.81
CA GLU A 317 41.68 15.47 42.24
C GLU A 317 40.40 15.65 43.05
N ILE A 318 39.40 16.31 42.47
CA ILE A 318 38.15 16.52 43.20
C ILE A 318 37.37 15.21 43.31
N VAL A 319 37.32 14.43 42.24
CA VAL A 319 36.58 13.17 42.28
C VAL A 319 37.22 12.21 43.28
N TYR A 320 38.56 12.25 43.40
CA TYR A 320 39.23 11.41 44.38
C TYR A 320 38.89 11.84 45.81
N GLU A 321 38.89 13.14 46.06
CA GLU A 321 38.54 13.63 47.40
C GLU A 321 37.10 13.31 47.74
N LYS A 322 36.19 13.43 46.78
CA LYS A 322 34.79 13.09 47.02
C LYS A 322 34.60 11.58 47.17
N ILE A 323 35.37 10.78 46.43
CA ILE A 323 35.27 9.33 46.55
C ILE A 323 35.72 8.89 47.95
N MET A 324 36.80 9.48 48.45
CA MET A 324 37.33 9.08 49.75
C MET A 324 36.36 9.41 50.88
N GLU A 325 35.53 10.45 50.71
CA GLU A 325 34.55 10.79 51.74
C GLU A 325 33.51 9.69 51.90
N HIS A 326 33.25 8.92 50.84
CA HIS A 326 32.27 7.84 50.88
C HIS A 326 32.91 6.46 50.70
N ALA A 327 34.23 6.40 50.58
CA ALA A 327 34.91 5.12 50.41
C ALA A 327 34.72 4.25 51.66
N GLY A 328 34.10 3.08 51.48
CA GLY A 328 33.81 2.18 52.57
C GLY A 328 32.50 2.42 53.27
N LYS A 329 31.92 3.62 53.13
CA LYS A 329 30.65 3.97 53.77
C LYS A 329 29.46 3.83 52.83
N ASN A 330 29.58 4.32 51.61
CA ASN A 330 28.46 4.31 50.67
C ASN A 330 28.98 4.05 49.26
N GLN A 331 28.13 3.45 48.42
CA GLN A 331 28.44 3.29 47.02
C GLN A 331 28.44 4.63 46.31
N VAL A 332 29.31 4.76 45.31
CA VAL A 332 29.42 5.98 44.52
C VAL A 332 29.20 5.63 43.06
N LEU A 333 28.33 6.38 42.39
CA LEU A 333 28.05 6.22 40.97
C LEU A 333 28.54 7.46 40.24
N VAL A 334 29.51 7.27 39.34
CA VAL A 334 30.15 8.36 38.61
C VAL A 334 29.62 8.37 37.18
N PHE A 335 29.20 9.53 36.71
CA PHE A 335 28.66 9.70 35.36
C PHE A 335 29.65 10.46 34.50
N VAL A 336 30.14 9.82 33.45
CA VAL A 336 30.96 10.46 32.44
C VAL A 336 30.18 10.50 31.13
N HIS A 337 30.74 11.21 30.14
CA HIS A 337 30.00 11.55 28.93
C HIS A 337 30.58 10.90 27.69
N SER A 338 31.18 9.73 27.84
CA SER A 338 31.68 8.96 26.70
C SER A 338 31.93 7.53 27.14
N ARG A 339 31.70 6.59 26.22
CA ARG A 339 31.93 5.18 26.52
C ARG A 339 33.40 4.89 26.80
N LYS A 340 34.31 5.73 26.31
CA LYS A 340 35.73 5.52 26.55
C LYS A 340 36.17 6.07 27.91
N GLU A 341 35.55 7.17 28.36
CA GLU A 341 35.94 7.78 29.62
C GLU A 341 35.61 6.90 30.84
N THR A 342 34.69 5.94 30.68
CA THR A 342 34.35 5.06 31.79
C THR A 342 35.57 4.29 32.28
N GLY A 343 36.30 3.66 31.35
CA GLY A 343 37.49 2.94 31.75
C GLY A 343 38.61 3.85 32.22
N LYS A 344 38.76 5.01 31.57
CA LYS A 344 39.80 5.95 31.98
C LYS A 344 39.54 6.49 33.38
N THR A 345 38.32 6.94 33.64
CA THR A 345 37.99 7.50 34.96
C THR A 345 38.07 6.44 36.04
N ALA A 346 37.57 5.23 35.76
CA ALA A 346 37.62 4.16 36.76
C ALA A 346 39.07 3.78 37.08
N ARG A 347 39.92 3.72 36.05
CA ARG A 347 41.32 3.40 36.29
C ARG A 347 42.06 4.56 36.95
N ALA A 348 41.82 5.79 36.48
CA ALA A 348 42.51 6.95 37.03
C ALA A 348 42.20 7.12 38.52
N ILE A 349 40.95 6.89 38.92
CA ILE A 349 40.61 6.93 40.33
C ILE A 349 41.37 5.87 41.10
N ARG A 350 41.20 4.61 40.70
CA ARG A 350 41.84 3.50 41.41
C ARG A 350 43.35 3.67 41.44
N ASP A 351 43.97 4.01 40.30
CA ASP A 351 45.42 4.13 40.23
C ASP A 351 45.96 5.09 41.28
N MET A 352 45.23 6.18 41.53
CA MET A 352 45.63 7.12 42.57
C MET A 352 45.30 6.61 43.97
N CYS A 353 44.34 5.69 44.11
CA CYS A 353 44.03 5.14 45.43
C CYS A 353 45.20 4.30 45.96
N LEU A 354 45.69 3.35 45.15
CA LEU A 354 46.84 2.57 45.59
C LEU A 354 48.14 3.36 45.52
N GLU A 355 48.17 4.46 44.76
CA GLU A 355 49.27 5.40 44.87
C GLU A 355 49.31 6.04 46.25
N LYS A 356 48.15 6.19 46.88
CA LYS A 356 48.04 6.64 48.26
C LYS A 356 47.78 5.50 49.23
N ASP A 357 47.67 4.26 48.72
CA ASP A 357 47.42 3.07 49.53
C ASP A 357 46.12 3.21 50.32
N THR A 358 45.02 3.30 49.59
CA THR A 358 43.68 3.45 50.17
C THR A 358 42.71 2.51 49.48
N LEU A 359 43.10 1.24 49.31
CA LEU A 359 42.25 0.25 48.67
C LEU A 359 41.45 -0.57 49.68
N GLY A 360 41.98 -0.76 50.89
CA GLY A 360 41.32 -1.56 51.90
C GLY A 360 40.05 -0.98 52.46
N LEU A 361 39.67 0.23 52.07
CA LEU A 361 38.44 0.83 52.57
C LEU A 361 37.22 0.30 51.81
N PHE A 362 37.36 0.08 50.51
CA PHE A 362 36.22 -0.35 49.69
C PHE A 362 35.80 -1.78 50.05
N LEU A 363 36.76 -2.66 50.30
CA LEU A 363 36.49 -4.06 50.59
C LEU A 363 37.12 -4.45 51.92
N ARG A 364 36.43 -5.32 52.66
CA ARG A 364 36.91 -5.75 53.96
C ARG A 364 38.09 -6.71 53.89
N GLU A 365 38.50 -7.11 52.68
CA GLU A 365 39.66 -7.98 52.48
C GLU A 365 39.52 -9.31 53.21
N GLY A 366 38.29 -9.80 53.34
CA GLY A 366 38.05 -11.06 54.02
C GLY A 366 36.60 -11.34 54.30
N SER A 367 35.70 -10.57 53.70
CA SER A 367 34.27 -10.75 53.85
C SER A 367 33.68 -11.26 52.54
N ALA A 368 32.37 -11.51 52.57
CA ALA A 368 31.69 -12.04 51.39
C ALA A 368 31.72 -11.09 50.21
N SER A 369 31.88 -9.78 50.46
CA SER A 369 31.89 -8.81 49.38
C SER A 369 33.11 -8.96 48.48
N THR A 370 34.23 -9.42 49.04
CA THR A 370 35.49 -9.45 48.29
C THR A 370 35.54 -10.62 47.32
N GLU A 371 35.15 -11.82 47.76
CA GLU A 371 35.34 -13.01 46.94
C GLU A 371 34.45 -12.99 45.71
N VAL A 372 33.15 -12.69 45.88
CA VAL A 372 32.22 -12.75 44.77
C VAL A 372 32.57 -11.72 43.71
N LEU A 373 33.30 -10.65 44.10
CA LEU A 373 33.85 -9.73 43.12
C LEU A 373 34.99 -10.37 42.33
N ARG A 374 35.58 -11.46 42.84
CA ARG A 374 36.69 -12.13 42.17
C ARG A 374 36.23 -13.34 41.34
N THR A 375 35.21 -14.07 41.80
CA THR A 375 34.77 -15.23 41.04
C THR A 375 34.08 -14.82 39.74
N GLU A 376 33.34 -13.72 39.77
CA GLU A 376 32.66 -13.26 38.56
C GLU A 376 33.59 -12.46 37.65
N ALA A 377 34.63 -11.85 38.21
CA ALA A 377 35.64 -11.19 37.38
C ALA A 377 36.35 -12.19 36.49
N GLU A 378 36.40 -13.46 36.90
CA GLU A 378 37.01 -14.49 36.07
C GLU A 378 36.14 -14.83 34.88
N GLN A 379 34.84 -15.03 35.11
CA GLN A 379 33.91 -15.44 34.07
C GLN A 379 33.25 -14.26 33.36
N CYS A 380 33.68 -13.03 33.64
CA CYS A 380 33.02 -11.86 33.09
C CYS A 380 33.26 -11.67 31.59
N LYS A 381 34.38 -12.20 31.07
CA LYS A 381 34.79 -12.11 29.67
C LYS A 381 35.35 -10.73 29.32
N ASN A 382 34.75 -9.67 29.84
CA ASN A 382 35.20 -8.32 29.51
C ASN A 382 36.63 -8.10 30.00
N LEU A 383 37.42 -7.38 29.20
CA LEU A 383 38.82 -7.17 29.53
C LEU A 383 39.00 -5.98 30.46
N GLU A 384 38.39 -4.84 30.14
CA GLU A 384 38.51 -3.66 30.99
C GLU A 384 37.90 -3.90 32.36
N LEU A 385 36.71 -4.51 32.40
CA LEU A 385 36.07 -4.79 33.67
C LEU A 385 36.81 -5.85 34.48
N LYS A 386 37.62 -6.69 33.82
CA LYS A 386 38.37 -7.71 34.54
C LYS A 386 39.39 -7.09 35.47
N ASP A 387 40.00 -5.98 35.06
CA ASP A 387 41.04 -5.33 35.86
C ASP A 387 40.47 -4.47 36.98
N LEU A 388 39.16 -4.20 36.98
CA LEU A 388 38.57 -3.32 37.98
C LEU A 388 37.62 -4.02 38.94
N LEU A 389 37.05 -5.16 38.55
CA LEU A 389 36.06 -5.82 39.41
C LEU A 389 36.64 -6.31 40.73
N PRO A 390 37.83 -6.93 40.80
CA PRO A 390 38.33 -7.35 42.12
C PRO A 390 38.52 -6.22 43.11
N TYR A 391 38.84 -5.01 42.65
CA TYR A 391 39.10 -3.89 43.54
C TYR A 391 37.83 -3.18 43.99
N GLY A 392 36.65 -3.60 43.52
CA GLY A 392 35.42 -2.92 43.84
C GLY A 392 34.96 -1.93 42.79
N PHE A 393 35.67 -1.80 41.68
CA PHE A 393 35.35 -0.85 40.63
C PHE A 393 34.64 -1.54 39.48
N ALA A 394 33.96 -0.75 38.66
CA ALA A 394 33.23 -1.27 37.52
C ALA A 394 32.91 -0.15 36.55
N ILE A 395 32.55 -0.54 35.33
CA ILE A 395 32.12 0.38 34.29
C ILE A 395 30.82 -0.14 33.68
N HIS A 396 30.17 0.73 32.91
CA HIS A 396 28.88 0.38 32.30
C HIS A 396 28.60 1.35 31.16
N HIS A 397 28.46 0.82 29.95
CA HIS A 397 28.09 1.63 28.80
C HIS A 397 27.53 0.71 27.72
N ALA A 398 26.87 1.32 26.74
CA ALA A 398 26.17 0.56 25.71
C ALA A 398 27.10 -0.25 24.84
N GLY A 399 28.38 0.12 24.75
CA GLY A 399 29.33 -0.63 23.94
C GLY A 399 29.63 -2.02 24.48
N MET A 400 29.35 -2.26 25.76
CA MET A 400 29.61 -3.56 26.37
C MET A 400 28.54 -4.56 25.96
N THR A 401 28.70 -5.80 26.43
CA THR A 401 27.74 -6.84 26.14
C THR A 401 26.43 -6.59 26.89
N ARG A 402 25.47 -7.49 26.72
CA ARG A 402 24.21 -7.40 27.46
C ARG A 402 24.27 -8.13 28.80
N VAL A 403 25.01 -9.23 28.87
CA VAL A 403 25.11 -9.97 30.12
C VAL A 403 26.17 -9.38 31.04
N ASP A 404 27.16 -8.66 30.50
CA ASP A 404 28.12 -7.96 31.36
C ASP A 404 27.45 -6.80 32.07
N ARG A 405 26.67 -5.99 31.34
CA ARG A 405 25.95 -4.89 31.96
C ARG A 405 24.96 -5.40 33.01
N THR A 406 24.29 -6.52 32.72
CA THR A 406 23.39 -7.11 33.71
C THR A 406 24.16 -7.58 34.93
N LEU A 407 25.37 -8.10 34.74
CA LEU A 407 26.19 -8.48 35.88
C LEU A 407 26.65 -7.25 36.66
N VAL A 408 27.02 -6.18 35.95
CA VAL A 408 27.36 -4.94 36.63
C VAL A 408 26.16 -4.41 37.42
N GLU A 409 24.97 -4.49 36.83
CA GLU A 409 23.76 -4.09 37.54
C GLU A 409 23.48 -5.03 38.71
N ASP A 410 23.68 -6.33 38.52
CA ASP A 410 23.43 -7.28 39.59
C ASP A 410 24.42 -7.11 40.73
N LEU A 411 25.71 -6.99 40.40
CA LEU A 411 26.73 -6.84 41.43
C LEU A 411 26.60 -5.51 42.16
N PHE A 412 26.16 -4.46 41.48
CA PHE A 412 25.97 -3.17 42.14
C PHE A 412 24.72 -3.17 43.01
N ALA A 413 23.64 -3.82 42.54
CA ALA A 413 22.43 -3.89 43.34
C ALA A 413 22.63 -4.73 44.59
N ASP A 414 23.55 -5.69 44.56
CA ASP A 414 23.89 -6.50 45.71
C ASP A 414 24.95 -5.85 46.60
N LYS A 415 25.22 -4.56 46.39
CA LYS A 415 26.16 -3.79 47.22
C LYS A 415 27.57 -4.37 47.18
N HIS A 416 27.93 -5.04 46.08
CA HIS A 416 29.27 -5.57 45.92
C HIS A 416 30.21 -4.56 45.27
N ILE A 417 29.79 -3.94 44.17
CA ILE A 417 30.57 -2.89 43.54
C ILE A 417 30.52 -1.63 44.41
N GLN A 418 31.67 -0.97 44.57
CA GLN A 418 31.78 0.23 45.39
C GLN A 418 31.85 1.51 44.56
N VAL A 419 32.52 1.47 43.41
CA VAL A 419 32.67 2.63 42.54
C VAL A 419 32.29 2.20 41.14
N LEU A 420 31.20 2.75 40.61
CA LEU A 420 30.71 2.44 39.28
C LEU A 420 30.75 3.70 38.43
N VAL A 421 31.50 3.66 37.33
CA VAL A 421 31.61 4.78 36.40
C VAL A 421 30.86 4.38 35.13
N SER A 422 29.82 5.15 34.80
CA SER A 422 28.97 4.83 33.66
C SER A 422 28.55 6.12 32.97
N THR A 423 27.74 5.96 31.92
CA THR A 423 27.23 7.07 31.14
C THR A 423 25.74 7.28 31.44
N ALA A 424 25.13 8.22 30.71
CA ALA A 424 23.73 8.56 30.95
C ALA A 424 22.78 7.44 30.54
N THR A 425 23.22 6.51 29.69
CA THR A 425 22.35 5.43 29.25
C THR A 425 21.89 4.58 30.44
N LEU A 426 22.76 4.37 31.43
CA LEU A 426 22.38 3.61 32.61
C LEU A 426 21.30 4.32 33.40
N ALA A 427 21.35 5.66 33.45
CA ALA A 427 20.38 6.40 34.24
C ALA A 427 18.97 6.33 33.66
N TRP A 428 18.86 6.24 32.32
CA TRP A 428 17.55 6.21 31.68
C TRP A 428 16.98 4.81 31.56
N GLY A 429 17.81 3.83 31.20
CA GLY A 429 17.31 2.50 30.88
C GLY A 429 17.17 1.54 32.04
N VAL A 430 17.88 1.80 33.15
CA VAL A 430 17.87 0.93 34.30
C VAL A 430 17.51 1.75 35.54
N ASN A 431 16.76 1.12 36.46
CA ASN A 431 16.43 1.73 37.74
C ASN A 431 17.47 1.26 38.76
N LEU A 432 18.64 1.90 38.71
CA LEU A 432 19.79 1.53 39.54
C LEU A 432 20.21 2.74 40.37
N PRO A 433 19.57 2.95 41.52
CA PRO A 433 19.95 4.09 42.37
C PRO A 433 21.22 3.80 43.16
N ALA A 434 21.86 4.88 43.59
CA ALA A 434 23.06 4.81 44.40
C ALA A 434 23.02 5.92 45.46
N HIS A 435 23.70 5.67 46.57
CA HIS A 435 23.70 6.65 47.67
C HIS A 435 24.33 7.96 47.23
N THR A 436 25.50 7.90 46.59
CA THR A 436 26.22 9.07 46.14
C THR A 436 26.37 9.01 44.63
N VAL A 437 26.08 10.13 43.96
CA VAL A 437 26.20 10.25 42.52
C VAL A 437 27.08 11.45 42.21
N ILE A 438 28.08 11.24 41.36
CA ILE A 438 29.01 12.29 40.96
C ILE A 438 28.92 12.47 39.45
N ILE A 439 28.72 13.70 39.01
CA ILE A 439 28.69 14.04 37.60
C ILE A 439 30.03 14.71 37.29
N LYS A 440 30.99 13.91 36.84
CA LYS A 440 32.32 14.40 36.52
C LYS A 440 32.26 15.21 35.23
N GLY A 441 32.22 16.53 35.35
CA GLY A 441 32.15 17.40 34.20
C GLY A 441 30.76 17.45 33.59
N THR A 442 30.42 18.58 32.96
CA THR A 442 29.14 18.74 32.29
C THR A 442 29.32 19.10 30.82
N GLN A 443 30.45 18.74 30.22
CA GLN A 443 30.77 19.05 28.84
C GLN A 443 30.53 17.83 27.96
N VAL A 444 29.80 18.03 26.87
CA VAL A 444 29.48 16.97 25.92
C VAL A 444 29.84 17.46 24.53
N TYR A 445 30.32 16.55 23.68
CA TYR A 445 30.62 16.87 22.29
C TYR A 445 29.35 16.71 21.46
N SER A 446 28.95 17.78 20.77
CA SER A 446 27.76 17.77 19.93
C SER A 446 28.17 17.71 18.47
N PRO A 447 28.04 16.56 17.80
CA PRO A 447 28.33 16.52 16.36
C PRO A 447 27.35 17.33 15.54
N GLU A 448 26.08 17.42 15.97
CA GLU A 448 25.11 18.25 15.28
C GLU A 448 25.53 19.71 15.29
N LYS A 449 26.06 20.17 16.42
CA LYS A 449 26.57 21.54 16.54
C LYS A 449 28.05 21.66 16.20
N GLY A 450 28.75 20.54 16.03
CA GLY A 450 30.15 20.58 15.66
C GLY A 450 31.05 21.22 16.69
N ARG A 451 30.72 21.10 17.97
CA ARG A 451 31.49 21.73 19.03
C ARG A 451 31.13 21.08 20.35
N TRP A 452 31.91 21.41 21.38
CA TRP A 452 31.61 20.96 22.74
C TRP A 452 30.54 21.85 23.33
N THR A 453 29.54 21.24 23.96
CA THR A 453 28.44 21.96 24.58
C THR A 453 28.20 21.45 25.98
N GLU A 454 27.34 22.15 26.71
CA GLU A 454 26.92 21.70 28.03
C GLU A 454 25.96 20.52 27.91
N LEU A 455 25.90 19.72 28.96
CA LEU A 455 25.02 18.56 28.97
C LEU A 455 23.56 19.01 29.00
N GLY A 456 22.69 18.17 28.43
CA GLY A 456 21.28 18.51 28.39
C GLY A 456 20.65 18.53 29.77
N ALA A 457 19.61 19.36 29.91
CA ALA A 457 18.95 19.50 31.20
C ALA A 457 18.27 18.20 31.62
N LEU A 458 17.70 17.47 30.67
CA LEU A 458 17.02 16.23 31.00
C LEU A 458 17.99 15.19 31.55
N ASP A 459 19.20 15.12 30.98
CA ASP A 459 20.19 14.17 31.47
C ASP A 459 20.64 14.52 32.88
N ILE A 460 20.78 15.81 33.18
CA ILE A 460 21.22 16.24 34.51
C ILE A 460 20.21 15.82 35.57
N LEU A 461 18.93 16.07 35.30
CA LEU A 461 17.90 15.73 36.27
C LEU A 461 17.79 14.22 36.46
N GLN A 462 17.93 13.45 35.38
CA GLN A 462 17.80 12.01 35.48
C GLN A 462 18.98 11.38 36.20
N MET A 463 20.19 11.88 35.93
CA MET A 463 21.37 11.35 36.59
C MET A 463 21.36 11.63 38.09
N LEU A 464 21.15 12.89 38.47
CA LEU A 464 21.09 13.24 39.89
C LEU A 464 19.85 12.67 40.56
N GLY A 465 18.81 12.33 39.80
CA GLY A 465 17.65 11.67 40.38
C GLY A 465 17.94 10.29 40.93
N ARG A 466 19.03 9.67 40.48
CA ARG A 466 19.42 8.34 40.97
C ARG A 466 20.17 8.41 42.30
N ALA A 467 20.39 9.61 42.85
CA ALA A 467 21.10 9.75 44.11
C ALA A 467 20.18 9.40 45.27
N GLY A 468 20.55 8.38 46.04
CA GLY A 468 19.76 7.96 47.17
C GLY A 468 18.85 6.79 46.89
N ARG A 469 19.08 5.67 47.58
CA ARG A 469 18.23 4.51 47.39
C ARG A 469 16.98 4.62 48.27
N PRO A 470 15.80 4.29 47.73
CA PRO A 470 14.56 4.48 48.49
C PRO A 470 14.43 3.63 49.74
N GLN A 471 15.40 2.75 50.03
CA GLN A 471 15.31 1.88 51.21
C GLN A 471 16.45 2.16 52.18
N TYR A 472 17.69 1.80 51.84
CA TYR A 472 18.81 1.96 52.75
C TYR A 472 19.02 3.42 53.12
N ASP A 473 19.18 4.27 52.11
CA ASP A 473 19.62 5.65 52.31
C ASP A 473 18.46 6.47 52.86
N THR A 474 18.66 7.05 54.05
CA THR A 474 17.77 8.10 54.53
C THR A 474 17.98 9.41 53.79
N LYS A 475 19.04 9.51 52.99
CA LYS A 475 19.31 10.70 52.19
C LYS A 475 20.25 10.32 51.07
N GLY A 476 20.18 11.09 49.98
CA GLY A 476 21.07 10.94 48.84
C GLY A 476 22.00 12.12 48.75
N GLU A 477 23.18 11.89 48.16
CA GLU A 477 24.21 12.92 48.06
C GLU A 477 24.61 13.07 46.59
N GLY A 478 24.10 14.10 45.94
CA GLY A 478 24.42 14.37 44.55
C GLY A 478 25.52 15.41 44.44
N ILE A 479 26.54 15.08 43.65
CA ILE A 479 27.69 15.95 43.44
C ILE A 479 27.81 16.22 41.95
N LEU A 480 27.88 17.50 41.58
CA LEU A 480 27.93 17.92 40.18
C LEU A 480 29.13 18.83 40.00
N ILE A 481 30.09 18.39 39.20
CA ILE A 481 31.30 19.16 38.91
C ILE A 481 31.17 19.80 37.54
N THR A 482 31.41 21.11 37.48
CA THR A 482 31.28 21.84 36.23
C THR A 482 32.22 23.04 36.27
N SER A 483 32.19 23.84 35.21
CA SER A 483 32.92 25.09 35.19
C SER A 483 32.21 26.12 36.06
N HIS A 484 32.99 27.09 36.56
CA HIS A 484 32.46 28.04 37.53
C HIS A 484 31.35 28.89 36.92
N GLY A 485 31.47 29.23 35.64
CA GLY A 485 30.47 30.07 34.99
C GLY A 485 29.11 29.44 34.82
N GLU A 486 28.98 28.15 35.08
CA GLU A 486 27.72 27.44 34.91
C GLU A 486 27.08 27.04 36.24
N LEU A 487 27.57 27.57 37.36
CA LEU A 487 26.99 27.23 38.65
C LEU A 487 25.56 27.76 38.76
N GLN A 488 25.33 28.99 38.32
CA GLN A 488 23.99 29.58 38.42
C GLN A 488 22.96 28.79 37.62
N TYR A 489 23.38 28.16 36.52
CA TYR A 489 22.44 27.39 35.72
C TYR A 489 21.97 26.15 36.46
N TYR A 490 22.91 25.28 36.83
CA TYR A 490 22.54 24.01 37.48
C TYR A 490 21.93 24.24 38.85
N LEU A 491 22.27 25.35 39.51
CA LEU A 491 21.57 25.71 40.74
C LEU A 491 20.11 26.02 40.46
N SER A 492 19.83 26.66 39.33
CA SER A 492 18.45 26.97 38.97
C SER A 492 17.70 25.74 38.50
N LEU A 493 18.37 24.84 37.78
CA LEU A 493 17.70 23.68 37.20
C LEU A 493 17.22 22.72 38.29
N LEU A 494 18.03 22.52 39.33
CA LEU A 494 17.72 21.56 40.38
C LEU A 494 17.06 22.19 41.60
N ASN A 495 16.66 23.45 41.51
CA ASN A 495 16.00 24.14 42.62
C ASN A 495 14.79 24.91 42.12
N GLN A 496 14.04 24.31 41.19
CA GLN A 496 12.73 24.80 40.76
C GLN A 496 12.79 26.22 40.18
N GLN A 497 13.90 26.58 39.53
CA GLN A 497 14.03 27.96 39.09
C GLN A 497 14.55 28.09 37.66
N LEU A 498 14.52 27.02 36.85
CA LEU A 498 14.88 27.13 35.45
C LEU A 498 13.61 27.15 34.61
N PRO A 499 13.18 28.30 34.09
CA PRO A 499 11.90 28.36 33.37
C PRO A 499 11.93 27.54 32.09
N ILE A 500 10.79 26.93 31.78
CA ILE A 500 10.62 26.17 30.54
C ILE A 500 10.17 27.14 29.45
N GLU A 501 11.00 27.32 28.43
CA GLU A 501 10.73 28.25 27.35
C GLU A 501 10.47 27.48 26.06
N SER A 502 10.32 28.24 24.97
CA SER A 502 9.99 27.69 23.66
C SER A 502 11.17 27.88 22.71
N GLN A 503 11.72 26.77 22.24
CA GLN A 503 12.75 26.78 21.19
C GLN A 503 12.14 26.58 19.80
N MET A 504 10.90 27.03 19.61
CA MET A 504 10.12 26.64 18.45
C MET A 504 10.41 27.47 17.20
N VAL A 505 10.92 28.69 17.35
CA VAL A 505 11.15 29.53 16.18
C VAL A 505 12.25 28.99 15.27
N SER A 506 13.11 28.11 15.80
CA SER A 506 14.18 27.55 14.98
C SER A 506 13.64 26.56 13.95
N LYS A 507 12.81 25.62 14.40
CA LYS A 507 12.25 24.60 13.53
C LYS A 507 10.91 25.01 12.94
N LEU A 508 10.56 26.29 13.00
CA LEU A 508 9.23 26.72 12.54
C LEU A 508 8.98 26.44 11.06
N PRO A 509 9.89 26.76 10.12
CA PRO A 509 9.59 26.47 8.71
C PRO A 509 9.38 24.99 8.42
N ASP A 510 10.13 24.11 9.08
CA ASP A 510 9.96 22.68 8.85
C ASP A 510 8.62 22.18 9.40
N MET A 511 8.13 22.77 10.49
CA MET A 511 6.89 22.31 11.08
C MET A 511 5.68 22.83 10.33
N LEU A 512 5.74 24.07 9.82
CA LEU A 512 4.65 24.59 9.02
C LEU A 512 4.47 23.77 7.74
N ASN A 513 5.59 23.38 7.11
CA ASN A 513 5.50 22.55 5.91
C ASN A 513 4.87 21.20 6.22
N ALA A 514 5.15 20.65 7.41
CA ALA A 514 4.57 19.36 7.78
C ALA A 514 3.06 19.43 7.92
N GLU A 515 2.53 20.59 8.35
CA GLU A 515 1.08 20.74 8.43
C GLU A 515 0.46 21.04 7.08
N ILE A 516 1.23 21.62 6.15
CA ILE A 516 0.72 21.83 4.80
C ILE A 516 0.61 20.50 4.06
N VAL A 517 1.63 19.64 4.19
CA VAL A 517 1.61 18.35 3.53
C VAL A 517 0.45 17.50 4.03
N LEU A 518 0.10 17.65 5.31
CA LEU A 518 -1.02 16.93 5.89
C LEU A 518 -2.38 17.50 5.50
N GLY A 519 -2.41 18.70 4.94
CA GLY A 519 -3.67 19.36 4.64
C GLY A 519 -4.30 20.08 5.80
N ASN A 520 -3.69 20.04 6.99
CA ASN A 520 -4.26 20.74 8.13
C ASN A 520 -4.13 22.25 7.99
N VAL A 521 -3.13 22.71 7.24
CA VAL A 521 -2.92 24.13 6.99
C VAL A 521 -2.90 24.33 5.48
N GLN A 522 -3.91 25.03 4.96
CA GLN A 522 -4.00 25.30 3.53
C GLN A 522 -3.73 26.76 3.17
N ASN A 523 -3.77 27.67 4.14
CA ASN A 523 -3.47 29.07 3.90
C ASN A 523 -2.82 29.65 5.16
N ALA A 524 -2.52 30.95 5.10
CA ALA A 524 -1.85 31.60 6.22
C ALA A 524 -2.75 31.69 7.45
N LYS A 525 -4.06 31.88 7.25
CA LYS A 525 -4.97 32.00 8.38
C LYS A 525 -5.10 30.66 9.11
N ASP A 526 -5.05 29.55 8.38
CA ASP A 526 -4.97 28.24 9.03
C ASP A 526 -3.69 28.12 9.85
N ALA A 527 -2.59 28.67 9.33
CA ALA A 527 -1.33 28.60 10.05
C ALA A 527 -1.34 29.50 11.27
N VAL A 528 -1.95 30.68 11.17
CA VAL A 528 -2.08 31.56 12.32
C VAL A 528 -2.91 30.90 13.41
N ASN A 529 -3.99 30.22 13.00
CA ASN A 529 -4.79 29.46 13.96
C ASN A 529 -4.00 28.29 14.53
N TRP A 530 -3.26 27.57 13.66
CA TRP A 530 -2.46 26.44 14.13
C TRP A 530 -1.34 26.91 15.04
N LEU A 531 -0.74 28.07 14.75
CA LEU A 531 0.33 28.58 15.60
C LEU A 531 -0.17 28.91 16.99
N GLY A 532 -1.46 29.22 17.13
CA GLY A 532 -2.04 29.54 18.42
C GLY A 532 -2.15 28.35 19.36
N TYR A 533 -1.85 27.14 18.89
CA TYR A 533 -1.89 25.95 19.72
C TYR A 533 -0.51 25.53 20.22
N ALA A 534 0.53 26.25 19.83
CA ALA A 534 1.90 25.89 20.21
C ALA A 534 2.29 26.57 21.51
N TYR A 535 3.24 25.94 22.22
CA TYR A 535 3.74 26.50 23.47
C TYR A 535 4.45 27.84 23.26
N LEU A 536 4.91 28.12 22.05
CA LEU A 536 5.49 29.43 21.77
C LEU A 536 4.45 30.53 21.89
N TYR A 537 3.21 30.25 21.49
CA TYR A 537 2.17 31.27 21.54
C TYR A 537 1.83 31.66 22.96
N ILE A 538 1.71 30.67 23.85
CA ILE A 538 1.38 30.97 25.25
C ILE A 538 2.51 31.75 25.91
N ARG A 539 3.76 31.34 25.65
CA ARG A 539 4.90 32.05 26.23
C ARG A 539 5.05 33.45 25.63
N MET A 540 4.65 33.64 24.38
CA MET A 540 4.68 34.98 23.80
C MET A 540 3.65 35.90 24.44
N LEU A 541 2.53 35.36 24.89
CA LEU A 541 1.51 36.16 25.54
C LEU A 541 1.90 36.51 26.98
N ARG A 542 2.47 35.55 27.71
CA ARG A 542 2.77 35.78 29.12
C ARG A 542 4.10 36.47 29.32
N SER A 543 5.04 36.33 28.39
CA SER A 543 6.36 36.96 28.48
C SER A 543 6.79 37.44 27.11
N PRO A 544 6.16 38.50 26.60
CA PRO A 544 6.50 38.97 25.25
C PRO A 544 7.90 39.56 25.15
N THR A 545 8.42 40.12 26.25
CA THR A 545 9.75 40.72 26.19
C THR A 545 10.83 39.66 25.98
N LEU A 546 10.59 38.43 26.44
CA LEU A 546 11.57 37.36 26.26
C LEU A 546 11.61 36.85 24.83
N TYR A 547 10.60 37.15 24.03
CA TYR A 547 10.49 36.63 22.67
C TYR A 547 10.54 37.75 21.65
N GLY A 548 11.36 38.77 21.92
CA GLY A 548 11.58 39.85 20.97
C GLY A 548 10.36 40.68 20.65
N ILE A 549 9.37 40.72 21.54
CA ILE A 549 8.15 41.48 21.34
C ILE A 549 8.10 42.60 22.38
N SER A 550 7.78 43.81 21.92
CA SER A 550 7.54 44.89 22.87
C SER A 550 6.34 44.54 23.74
N HIS A 551 6.33 45.08 24.95
CA HIS A 551 5.12 44.96 25.75
C HIS A 551 4.05 45.96 25.33
N ASP A 552 4.35 46.84 24.38
CA ASP A 552 3.35 47.70 23.76
C ASP A 552 2.94 47.23 22.38
N ASP A 553 3.85 46.62 21.62
CA ASP A 553 3.42 45.86 20.45
C ASP A 553 2.53 44.70 20.85
N LEU A 554 2.62 44.26 22.11
CA LEU A 554 1.83 43.12 22.57
C LEU A 554 0.34 43.42 22.51
N LYS A 555 -0.06 44.69 22.65
CA LYS A 555 -1.46 45.05 22.64
C LYS A 555 -1.80 46.10 21.58
N GLY A 556 -0.82 46.51 20.76
CA GLY A 556 -1.22 46.95 19.44
C GLY A 556 -1.71 45.81 18.59
N ASP A 557 -1.90 44.65 19.22
CA ASP A 557 -2.25 43.34 18.68
C ASP A 557 -2.42 42.41 19.88
N PRO A 558 -3.48 42.58 20.68
CA PRO A 558 -3.53 41.91 21.99
C PRO A 558 -3.54 40.39 21.89
N LEU A 559 -4.11 39.83 20.84
CA LEU A 559 -4.09 38.39 20.62
C LEU A 559 -2.89 37.95 19.79
N LEU A 560 -1.96 38.87 19.49
CA LEU A 560 -0.79 38.58 18.68
C LEU A 560 -1.17 38.03 17.32
N ASP A 561 -2.21 38.62 16.72
CA ASP A 561 -2.63 38.23 15.38
C ASP A 561 -1.60 38.64 14.33
N GLN A 562 -1.14 39.90 14.39
CA GLN A 562 -0.15 40.37 13.43
C GLN A 562 1.19 39.65 13.62
N ARG A 563 1.60 39.45 14.86
CA ARG A 563 2.90 38.84 15.12
C ARG A 563 2.96 37.41 14.59
N ARG A 564 1.92 36.62 14.85
CA ARG A 564 1.85 35.27 14.31
C ARG A 564 1.81 35.30 12.79
N LEU A 565 1.03 36.23 12.22
CA LEU A 565 0.92 36.33 10.77
C LEU A 565 2.23 36.73 10.13
N ASP A 566 3.03 37.57 10.80
CA ASP A 566 4.36 37.88 10.31
C ASP A 566 5.27 36.65 10.38
N LEU A 567 5.16 35.88 11.46
CA LEU A 567 5.95 34.66 11.58
C LEU A 567 5.56 33.64 10.52
N VAL A 568 4.27 33.52 10.24
CA VAL A 568 3.81 32.62 9.19
C VAL A 568 4.29 33.11 7.83
N HIS A 569 4.19 34.42 7.59
CA HIS A 569 4.64 34.99 6.32
C HIS A 569 6.13 34.74 6.11
N THR A 570 6.94 34.88 7.16
CA THR A 570 8.37 34.65 7.03
C THR A 570 8.66 33.19 6.73
N ALA A 571 8.01 32.27 7.44
CA ALA A 571 8.26 30.85 7.23
C ALA A 571 7.77 30.40 5.86
N ALA A 572 6.63 30.93 5.41
CA ALA A 572 6.11 30.55 4.10
C ALA A 572 7.03 31.01 2.98
N LEU A 573 7.64 32.19 3.13
CA LEU A 573 8.57 32.69 2.13
C LEU A 573 9.81 31.80 2.04
N MET A 574 10.31 31.34 3.19
CA MET A 574 11.47 30.45 3.18
C MET A 574 11.13 29.12 2.52
N LEU A 575 9.92 28.61 2.73
CA LEU A 575 9.50 27.39 2.07
C LEU A 575 9.29 27.60 0.58
N ASP A 576 8.84 28.79 0.18
CA ASP A 576 8.61 29.06 -1.23
C ASP A 576 9.93 29.19 -1.98
N LYS A 577 10.93 29.83 -1.37
CA LYS A 577 12.22 29.99 -2.03
C LYS A 577 12.89 28.65 -2.27
N ASN A 578 12.74 27.72 -1.33
CA ASN A 578 13.33 26.39 -1.43
C ASN A 578 12.43 25.41 -2.20
N ASN A 579 11.35 25.89 -2.79
CA ASN A 579 10.49 25.11 -3.70
C ASN A 579 9.81 23.94 -2.98
N LEU A 580 9.57 24.08 -1.69
CA LEU A 580 8.74 23.12 -0.96
C LEU A 580 7.27 23.50 -1.00
N VAL A 581 6.98 24.79 -1.12
CA VAL A 581 5.62 25.33 -1.07
C VAL A 581 5.48 26.39 -2.15
N LYS A 582 4.32 26.46 -2.77
CA LYS A 582 3.96 27.56 -3.66
C LYS A 582 3.06 28.51 -2.88
N TYR A 583 3.58 29.68 -2.55
CA TYR A 583 2.94 30.61 -1.62
C TYR A 583 2.41 31.81 -2.39
N ASP A 584 1.10 32.00 -2.36
CA ASP A 584 0.46 33.19 -2.91
C ASP A 584 0.47 34.27 -1.84
N LYS A 585 1.33 35.28 -2.02
CA LYS A 585 1.59 36.25 -0.96
C LYS A 585 0.34 37.05 -0.61
N LYS A 586 -0.52 37.35 -1.59
CA LYS A 586 -1.65 38.23 -1.34
C LYS A 586 -2.84 37.47 -0.76
N THR A 587 -3.24 36.37 -1.41
CA THR A 587 -4.37 35.58 -0.92
C THR A 587 -4.00 34.69 0.25
N GLY A 588 -2.71 34.41 0.44
CA GLY A 588 -2.26 33.60 1.56
C GLY A 588 -2.34 32.10 1.37
N ASN A 589 -2.81 31.63 0.22
CA ASN A 589 -2.98 30.21 0.01
C ASN A 589 -1.63 29.50 -0.12
N PHE A 590 -1.58 28.27 0.39
CA PHE A 590 -0.41 27.41 0.27
C PHE A 590 -0.70 26.29 -0.70
N GLN A 591 0.32 25.89 -1.47
CA GLN A 591 0.21 24.79 -2.41
C GLN A 591 1.29 23.76 -2.08
N VAL A 592 0.87 22.52 -1.84
CA VAL A 592 1.81 21.45 -1.53
C VAL A 592 2.54 21.02 -2.79
N THR A 593 3.75 20.50 -2.62
CA THR A 593 4.54 19.97 -3.72
C THR A 593 5.08 18.60 -3.32
N GLU A 594 5.47 17.82 -4.33
CA GLU A 594 6.08 16.53 -4.06
C GLU A 594 7.40 16.69 -3.31
N LEU A 595 8.15 17.74 -3.62
CA LEU A 595 9.37 18.03 -2.88
C LEU A 595 9.07 18.36 -1.42
N GLY A 596 8.04 19.18 -1.18
CA GLY A 596 7.68 19.51 0.18
C GLY A 596 7.17 18.32 0.97
N ARG A 597 6.54 17.36 0.29
CA ARG A 597 6.06 16.17 0.98
C ARG A 597 7.20 15.28 1.42
N ILE A 598 8.21 15.12 0.55
CA ILE A 598 9.33 14.23 0.87
C ILE A 598 10.13 14.77 2.04
N ALA A 599 10.30 16.10 2.11
CA ALA A 599 10.98 16.70 3.25
C ALA A 599 10.21 16.44 4.53
N SER A 600 8.88 16.40 4.47
CA SER A 600 8.08 16.14 5.66
C SER A 600 8.12 14.66 6.02
N HIS A 601 7.89 13.78 5.05
CA HIS A 601 7.75 12.36 5.35
C HIS A 601 9.07 11.72 5.76
N TYR A 602 10.20 12.26 5.30
CA TYR A 602 11.50 11.69 5.60
C TYR A 602 12.26 12.49 6.65
N TYR A 603 11.61 13.47 7.28
CA TYR A 603 12.20 14.26 8.37
C TYR A 603 13.47 14.98 7.91
N ILE A 604 13.36 15.67 6.79
CA ILE A 604 14.48 16.40 6.20
C ILE A 604 14.18 17.90 6.30
N THR A 605 15.20 18.68 6.66
CA THR A 605 15.04 20.11 6.74
C THR A 605 14.86 20.70 5.33
N ASN A 606 14.23 21.87 5.27
CA ASN A 606 13.84 22.44 3.99
C ASN A 606 15.05 22.90 3.18
N ASP A 607 16.12 23.34 3.84
CA ASP A 607 17.31 23.78 3.11
C ASP A 607 17.99 22.62 2.40
N THR A 608 17.87 21.40 2.93
CA THR A 608 18.55 20.26 2.32
C THR A 608 17.88 19.84 1.02
N VAL A 609 16.55 19.69 1.04
CA VAL A 609 15.84 19.28 -0.16
C VAL A 609 15.94 20.34 -1.25
N GLN A 610 16.19 21.59 -0.88
CA GLN A 610 16.50 22.61 -1.88
C GLN A 610 17.82 22.29 -2.58
N THR A 611 18.84 21.93 -1.80
CA THR A 611 20.12 21.54 -2.40
C THR A 611 19.96 20.28 -3.24
N TYR A 612 19.15 19.33 -2.77
CA TYR A 612 18.88 18.14 -3.57
C TYR A 612 18.19 18.51 -4.88
N ASN A 613 17.22 19.43 -4.82
CA ASN A 613 16.53 19.85 -6.05
C ASN A 613 17.49 20.56 -7.00
N GLN A 614 18.52 21.21 -6.48
CA GLN A 614 19.44 21.97 -7.33
C GLN A 614 20.42 21.05 -8.04
N LEU A 615 21.00 20.08 -7.33
CA LEU A 615 22.13 19.33 -7.85
C LEU A 615 21.76 17.98 -8.45
N LEU A 616 20.62 17.41 -8.09
CA LEU A 616 20.26 16.09 -8.61
C LEU A 616 19.88 16.19 -10.08
N LYS A 617 20.54 15.39 -10.91
CA LYS A 617 20.30 15.31 -12.34
C LYS A 617 20.45 13.86 -12.77
N PRO A 618 19.72 13.45 -13.82
CA PRO A 618 19.79 12.03 -14.24
C PRO A 618 21.17 11.60 -14.70
N THR A 619 22.03 12.54 -15.10
CA THR A 619 23.38 12.23 -15.55
C THR A 619 24.38 12.23 -14.41
N LEU A 620 23.92 12.13 -13.16
CA LEU A 620 24.81 12.27 -12.02
C LEU A 620 25.69 11.04 -11.85
N SER A 621 26.98 11.28 -11.61
CA SER A 621 27.90 10.20 -11.32
C SER A 621 27.80 9.81 -9.84
N GLU A 622 28.42 8.68 -9.50
CA GLU A 622 28.53 8.31 -8.10
C GLU A 622 29.47 9.25 -7.34
N ILE A 623 30.38 9.92 -8.04
CA ILE A 623 31.25 10.89 -7.40
C ILE A 623 30.45 12.09 -6.90
N GLU A 624 29.62 12.65 -7.78
CA GLU A 624 28.81 13.79 -7.38
C GLU A 624 27.69 13.39 -6.41
N LEU A 625 27.22 12.13 -6.50
CA LEU A 625 26.18 11.67 -5.59
C LEU A 625 26.67 11.74 -4.14
N PHE A 626 27.89 11.27 -3.89
CA PHE A 626 28.45 11.38 -2.54
C PHE A 626 28.62 12.84 -2.14
N ARG A 627 29.02 13.69 -3.08
CA ARG A 627 29.18 15.11 -2.78
C ARG A 627 27.83 15.77 -2.51
N VAL A 628 26.79 15.37 -3.24
CA VAL A 628 25.45 15.90 -2.97
C VAL A 628 25.01 15.57 -1.55
N PHE A 629 25.28 14.35 -1.11
CA PHE A 629 24.92 13.96 0.25
C PHE A 629 25.71 14.76 1.29
N SER A 630 26.99 15.01 1.02
CA SER A 630 27.84 15.71 1.97
C SER A 630 27.46 17.17 2.15
N LEU A 631 26.61 17.74 1.29
CA LEU A 631 26.21 19.13 1.37
C LEU A 631 24.89 19.32 2.09
N SER A 632 24.30 18.26 2.64
CA SER A 632 23.01 18.37 3.31
C SER A 632 23.13 19.25 4.55
N SER A 633 22.13 20.11 4.76
CA SER A 633 22.20 21.12 5.81
C SER A 633 22.26 20.51 7.20
N GLU A 634 21.93 19.23 7.35
CA GLU A 634 22.09 18.56 8.63
C GLU A 634 23.54 18.50 9.10
N PHE A 635 24.49 18.80 8.21
CA PHE A 635 25.91 18.82 8.55
C PHE A 635 26.49 20.22 8.42
N LYS A 636 25.66 21.25 8.62
CA LYS A 636 26.09 22.62 8.38
C LYS A 636 27.11 23.11 9.41
N ASN A 637 27.17 22.48 10.58
CA ASN A 637 28.08 22.90 11.64
C ASN A 637 29.38 22.11 11.67
N ILE A 638 29.52 21.10 10.81
CA ILE A 638 30.72 20.27 10.81
C ILE A 638 31.87 21.05 10.20
N THR A 639 33.02 21.01 10.87
CA THR A 639 34.23 21.67 10.40
C THR A 639 35.38 20.66 10.36
N VAL A 640 36.44 21.04 9.67
CA VAL A 640 37.65 20.24 9.57
C VAL A 640 38.66 20.79 10.57
N ARG A 641 38.90 20.05 11.64
CA ARG A 641 39.85 20.47 12.66
C ARG A 641 41.28 20.17 12.21
N GLU A 642 42.22 21.00 12.67
CA GLU A 642 43.60 20.88 12.25
C GLU A 642 44.22 19.56 12.71
N GLU A 643 43.76 19.02 13.84
CA GLU A 643 44.24 17.73 14.31
C GLU A 643 43.63 16.55 13.57
N GLU A 644 42.66 16.81 12.68
CA GLU A 644 42.02 15.76 11.90
C GLU A 644 42.55 15.65 10.48
N LYS A 645 43.25 16.67 9.99
CA LYS A 645 43.61 16.71 8.58
C LYS A 645 44.62 15.63 8.20
N LEU A 646 45.49 15.24 9.14
CA LEU A 646 46.48 14.22 8.83
C LEU A 646 45.82 12.86 8.64
N GLU A 647 44.94 12.47 9.57
CA GLU A 647 44.24 11.20 9.42
C GLU A 647 43.24 11.25 8.26
N LEU A 648 42.65 12.42 8.00
CA LEU A 648 41.70 12.53 6.91
C LEU A 648 42.39 12.46 5.56
N GLN A 649 43.54 13.11 5.41
CA GLN A 649 44.27 13.07 4.15
C GLN A 649 44.79 11.67 3.84
N LYS A 650 45.16 10.91 4.88
CA LYS A 650 45.56 9.52 4.67
C LYS A 650 44.46 8.73 3.99
N LEU A 651 43.20 8.96 4.38
CA LEU A 651 42.07 8.28 3.75
C LEU A 651 41.70 8.91 2.43
N LEU A 652 41.83 10.22 2.29
CA LEU A 652 41.41 10.91 1.06
C LEU A 652 42.20 10.42 -0.14
N GLU A 653 43.49 10.14 0.04
CA GLU A 653 44.32 9.66 -1.06
C GLU A 653 44.09 8.19 -1.38
N ARG A 654 43.12 7.54 -0.73
CA ARG A 654 42.86 6.13 -0.98
C ARG A 654 41.36 5.79 -1.00
N VAL A 655 40.48 6.77 -0.95
CA VAL A 655 39.04 6.47 -0.96
C VAL A 655 38.66 5.86 -2.31
N PRO A 656 37.76 4.88 -2.34
CA PRO A 656 37.40 4.28 -3.64
C PRO A 656 36.58 5.19 -4.52
N ILE A 657 35.78 6.08 -3.94
CA ILE A 657 35.03 7.08 -4.70
C ILE A 657 35.82 8.39 -4.64
N PRO A 658 36.33 8.89 -5.77
CA PRO A 658 37.17 10.09 -5.73
C PRO A 658 36.41 11.30 -5.19
N VAL A 659 37.14 12.20 -4.56
CA VAL A 659 36.59 13.42 -3.97
C VAL A 659 37.23 14.61 -4.67
N LYS A 660 36.39 15.48 -5.23
CA LYS A 660 36.91 16.64 -5.96
C LYS A 660 37.32 17.76 -5.02
N GLU A 661 36.56 17.96 -3.93
CA GLU A 661 36.84 19.05 -3.01
C GLU A 661 38.14 18.82 -2.25
N SER A 662 38.76 19.91 -1.84
CA SER A 662 40.01 19.83 -1.10
C SER A 662 39.73 19.50 0.36
N ILE A 663 40.82 19.21 1.09
CA ILE A 663 40.71 18.76 2.47
C ILE A 663 40.16 19.86 3.38
N GLU A 664 40.42 21.12 3.04
CA GLU A 664 39.92 22.22 3.85
C GLU A 664 38.40 22.32 3.85
N GLU A 665 37.74 21.81 2.81
CA GLU A 665 36.29 21.86 2.73
C GLU A 665 35.68 20.80 3.65
N PRO A 666 34.71 21.17 4.49
CA PRO A 666 34.06 20.16 5.35
C PRO A 666 33.27 19.12 4.57
N SER A 667 32.83 19.42 3.35
CA SER A 667 32.11 18.43 2.56
C SER A 667 33.00 17.26 2.18
N ALA A 668 34.30 17.49 2.06
CA ALA A 668 35.22 16.38 1.80
C ALA A 668 35.39 15.51 3.03
N LYS A 669 35.40 16.12 4.22
CA LYS A 669 35.46 15.34 5.46
C LYS A 669 34.21 14.48 5.62
N ILE A 670 33.04 15.04 5.32
CA ILE A 670 31.81 14.26 5.38
C ILE A 670 31.83 13.15 4.34
N ASN A 671 32.37 13.44 3.16
CA ASN A 671 32.44 12.43 2.10
C ASN A 671 33.35 11.28 2.50
N VAL A 672 34.52 11.59 3.06
CA VAL A 672 35.46 10.54 3.45
C VAL A 672 34.91 9.73 4.62
N LEU A 673 34.26 10.40 5.58
CA LEU A 673 33.72 9.70 6.73
C LEU A 673 32.63 8.71 6.33
N LEU A 674 31.84 9.04 5.31
CA LEU A 674 30.83 8.10 4.83
C LEU A 674 31.46 6.89 4.17
N GLN A 675 32.46 7.12 3.32
CA GLN A 675 33.15 6.01 2.66
C GLN A 675 33.91 5.15 3.66
N ALA A 676 34.46 5.76 4.71
CA ALA A 676 35.15 4.99 5.74
C ALA A 676 34.18 4.15 6.55
N PHE A 677 32.92 4.59 6.67
CA PHE A 677 31.93 3.83 7.40
C PHE A 677 31.47 2.60 6.62
N ILE A 678 31.39 2.71 5.30
CA ILE A 678 30.97 1.56 4.49
C ILE A 678 32.04 0.49 4.48
N SER A 679 33.32 0.89 4.45
CA SER A 679 34.43 -0.05 4.49
C SER A 679 34.72 -0.56 5.89
N GLN A 680 34.04 -0.05 6.91
CA GLN A 680 34.21 -0.49 8.30
C GLN A 680 35.64 -0.30 8.79
N LEU A 681 36.07 0.97 8.77
CA LEU A 681 37.38 1.35 9.24
C LEU A 681 37.25 2.17 10.52
N LYS A 682 38.10 1.90 11.50
CA LYS A 682 38.08 2.59 12.78
C LYS A 682 39.19 3.64 12.80
N LEU A 683 38.80 4.91 12.95
CA LEU A 683 39.76 5.99 13.05
C LEU A 683 40.07 6.27 14.52
N GLU A 684 41.04 7.17 14.74
CA GLU A 684 41.52 7.44 16.08
C GLU A 684 41.01 8.74 16.67
N GLY A 685 40.77 9.76 15.84
CA GLY A 685 40.26 11.03 16.33
C GLY A 685 38.93 10.88 17.05
N PHE A 686 38.86 11.38 18.28
CA PHE A 686 37.63 11.26 19.05
C PHE A 686 36.49 12.05 18.42
N ALA A 687 36.79 13.24 17.90
CA ALA A 687 35.76 14.01 17.21
C ALA A 687 35.39 13.39 15.86
N LEU A 688 36.36 12.78 15.18
CA LEU A 688 36.09 12.15 13.89
C LEU A 688 35.14 10.97 14.04
N MET A 689 35.30 10.20 15.12
CA MET A 689 34.43 9.04 15.34
C MET A 689 33.01 9.48 15.66
N ALA A 690 32.85 10.50 16.51
CA ALA A 690 31.52 11.01 16.81
C ALA A 690 30.91 11.71 15.59
N ASP A 691 31.74 12.36 14.78
CA ASP A 691 31.22 12.98 13.56
C ASP A 691 30.80 11.94 12.55
N MET A 692 31.53 10.82 12.46
CA MET A 692 31.19 9.78 11.51
C MET A 692 29.87 9.11 11.88
N VAL A 693 29.62 8.92 13.17
CA VAL A 693 28.38 8.28 13.60
C VAL A 693 27.18 9.16 13.26
N TYR A 694 27.28 10.46 13.55
CA TYR A 694 26.17 11.36 13.27
C TYR A 694 25.91 11.49 11.78
N VAL A 695 26.97 11.52 10.98
CA VAL A 695 26.80 11.64 9.53
C VAL A 695 26.12 10.40 8.96
N THR A 696 26.54 9.21 9.41
CA THR A 696 26.01 7.98 8.85
C THR A 696 24.67 7.59 9.48
N GLN A 697 24.42 7.99 10.73
CA GLN A 697 23.09 7.80 11.29
C GLN A 697 22.05 8.58 10.51
N SER A 698 22.41 9.78 10.03
CA SER A 698 21.53 10.57 9.20
C SER A 698 21.53 10.12 7.74
N ALA A 699 22.52 9.34 7.33
CA ALA A 699 22.62 8.93 5.93
C ALA A 699 21.46 8.04 5.52
N GLY A 700 20.89 7.29 6.46
CA GLY A 700 19.80 6.38 6.15
C GLY A 700 18.59 7.06 5.55
N ARG A 701 17.98 7.98 6.29
CA ARG A 701 16.78 8.66 5.79
C ARG A 701 17.14 9.69 4.73
N LEU A 702 18.36 10.23 4.75
CA LEU A 702 18.77 11.20 3.74
C LEU A 702 18.88 10.53 2.37
N MET A 703 19.66 9.44 2.28
CA MET A 703 19.79 8.74 1.01
C MET A 703 18.49 8.11 0.57
N ARG A 704 17.64 7.68 1.52
CA ARG A 704 16.32 7.17 1.16
C ARG A 704 15.45 8.26 0.57
N ALA A 705 15.65 9.52 0.99
CA ALA A 705 14.89 10.62 0.40
C ALA A 705 15.35 10.89 -1.03
N ILE A 706 16.66 10.87 -1.28
CA ILE A 706 17.17 11.05 -2.63
C ILE A 706 16.66 9.94 -3.55
N PHE A 707 16.52 8.73 -3.01
CA PHE A 707 16.06 7.60 -3.82
C PHE A 707 14.63 7.83 -4.31
N GLU A 708 13.73 8.25 -3.41
CA GLU A 708 12.35 8.47 -3.81
C GLU A 708 12.21 9.64 -4.77
N ILE A 709 13.07 10.65 -4.64
CA ILE A 709 13.03 11.79 -5.57
C ILE A 709 13.35 11.33 -6.98
N VAL A 710 14.48 10.63 -7.15
CA VAL A 710 14.93 10.23 -8.47
C VAL A 710 14.14 9.06 -9.03
N LEU A 711 13.49 8.26 -8.18
CA LEU A 711 12.69 7.15 -8.67
C LEU A 711 11.42 7.64 -9.35
N ASN A 712 10.70 8.54 -8.68
CA ASN A 712 9.45 9.07 -9.24
C ASN A 712 9.67 9.97 -10.45
N ARG A 713 10.90 10.41 -10.69
CA ARG A 713 11.22 11.18 -11.89
C ARG A 713 11.64 10.31 -13.07
N GLY A 714 11.79 9.00 -12.85
CA GLY A 714 12.11 8.09 -13.93
C GLY A 714 13.58 7.98 -14.29
N TRP A 715 14.47 8.52 -13.45
CA TRP A 715 15.91 8.49 -13.74
C TRP A 715 16.44 7.10 -13.40
N ALA A 716 16.57 6.26 -14.42
CA ALA A 716 16.90 4.86 -14.20
C ALA A 716 18.32 4.69 -13.63
N GLN A 717 19.29 5.42 -14.20
CA GLN A 717 20.67 5.23 -13.78
C GLN A 717 20.91 5.76 -12.36
N LEU A 718 20.36 6.94 -12.05
CA LEU A 718 20.56 7.50 -10.72
C LEU A 718 19.78 6.74 -9.66
N THR A 719 18.62 6.19 -10.04
CA THR A 719 17.86 5.38 -9.08
C THR A 719 18.64 4.15 -8.66
N ASP A 720 19.29 3.48 -9.61
CA ASP A 720 20.12 2.33 -9.28
C ASP A 720 21.31 2.74 -8.41
N LYS A 721 21.84 3.95 -8.62
CA LYS A 721 22.98 4.40 -7.83
C LYS A 721 22.57 4.67 -6.38
N THR A 722 21.44 5.36 -6.18
CA THR A 722 21.03 5.73 -4.83
C THR A 722 20.47 4.53 -4.06
N LEU A 723 19.75 3.64 -4.75
CA LEU A 723 19.24 2.45 -4.07
C LEU A 723 20.38 1.57 -3.57
N ASN A 724 21.45 1.45 -4.36
CA ASN A 724 22.61 0.70 -3.91
C ASN A 724 23.29 1.40 -2.74
N LEU A 725 23.42 2.73 -2.80
CA LEU A 725 24.05 3.47 -1.71
C LEU A 725 23.26 3.34 -0.42
N CYS A 726 21.93 3.27 -0.51
CA CYS A 726 21.13 3.03 0.68
C CYS A 726 21.48 1.69 1.31
N LYS A 727 21.62 0.65 0.49
CA LYS A 727 21.94 -0.68 1.01
C LYS A 727 23.40 -0.77 1.45
N MET A 728 24.30 -0.06 0.76
CA MET A 728 25.71 -0.07 1.16
C MET A 728 25.90 0.61 2.52
N ILE A 729 25.04 1.57 2.85
CA ILE A 729 25.12 2.21 4.16
C ILE A 729 24.53 1.31 5.24
N ASP A 730 23.45 0.59 4.90
CA ASP A 730 22.82 -0.29 5.88
C ASP A 730 23.63 -1.57 6.09
N LYS A 731 24.09 -2.19 5.00
CA LYS A 731 24.85 -3.44 5.11
C LYS A 731 26.32 -3.21 5.43
N ARG A 732 26.82 -1.98 5.24
CA ARG A 732 28.22 -1.63 5.49
C ARG A 732 29.16 -2.48 4.63
N MET A 733 28.96 -2.39 3.32
CA MET A 733 29.79 -3.08 2.34
C MET A 733 29.46 -2.53 0.96
N TRP A 734 30.48 -2.46 0.11
CA TRP A 734 30.32 -2.01 -1.26
C TRP A 734 29.75 -3.14 -2.12
N GLN A 735 29.53 -2.85 -3.41
CA GLN A 735 29.05 -3.89 -4.31
C GLN A 735 30.15 -4.88 -4.66
N SER A 736 31.42 -4.44 -4.62
CA SER A 736 32.52 -5.28 -5.07
C SER A 736 32.71 -6.52 -4.20
N MET A 737 32.18 -6.51 -2.98
CA MET A 737 32.34 -7.64 -2.08
C MET A 737 31.43 -8.79 -2.47
N CYS A 738 31.73 -9.96 -1.92
CA CYS A 738 30.86 -11.12 -2.14
C CYS A 738 29.55 -10.91 -1.41
N PRO A 739 28.41 -11.14 -2.06
CA PRO A 739 27.11 -10.93 -1.39
C PRO A 739 26.88 -11.83 -0.20
N LEU A 740 27.72 -12.85 0.01
CA LEU A 740 27.58 -13.72 1.17
C LEU A 740 27.97 -13.05 2.47
N ARG A 741 28.58 -11.86 2.43
CA ARG A 741 28.88 -11.13 3.65
C ARG A 741 27.62 -10.75 4.40
N GLN A 742 26.50 -10.58 3.68
CA GLN A 742 25.25 -10.18 4.32
C GLN A 742 24.72 -11.24 5.28
N PHE A 743 25.24 -12.46 5.21
CA PHE A 743 24.94 -13.49 6.20
C PHE A 743 25.93 -13.32 7.34
N ARG A 744 25.50 -12.65 8.41
CA ARG A 744 26.38 -12.39 9.55
C ARG A 744 26.80 -13.67 10.26
N LYS A 745 26.01 -14.74 10.15
CA LYS A 745 26.29 -15.99 10.85
C LYS A 745 27.22 -16.83 9.98
N LEU A 746 28.50 -16.46 9.97
CA LEU A 746 29.48 -17.12 9.13
C LEU A 746 30.90 -16.80 9.61
N PRO A 747 31.78 -17.81 9.75
CA PRO A 747 33.19 -17.54 10.06
C PRO A 747 33.85 -16.76 8.92
N GLU A 748 34.05 -15.46 9.14
CA GLU A 748 34.21 -14.51 8.04
C GLU A 748 35.35 -14.89 7.10
N GLU A 749 36.46 -15.42 7.62
CA GLU A 749 37.69 -15.47 6.83
C GLU A 749 37.59 -16.34 5.57
N VAL A 750 36.42 -16.89 5.28
CA VAL A 750 36.24 -17.62 4.03
C VAL A 750 35.66 -16.75 2.93
N VAL A 751 34.66 -15.90 3.24
CA VAL A 751 34.08 -15.08 2.19
C VAL A 751 35.10 -14.08 1.65
N LYS A 752 36.08 -13.69 2.48
CA LYS A 752 37.17 -12.87 1.96
C LYS A 752 38.07 -13.67 1.02
N LYS A 753 38.13 -14.99 1.20
CA LYS A 753 38.85 -15.84 0.26
C LYS A 753 38.03 -16.11 -0.99
N ILE A 754 36.70 -16.22 -0.84
CA ILE A 754 35.84 -16.37 -2.01
C ILE A 754 35.91 -15.13 -2.88
N GLU A 755 36.05 -13.95 -2.26
CA GLU A 755 36.29 -12.73 -3.04
C GLU A 755 37.64 -12.81 -3.76
N LYS A 756 38.66 -13.35 -3.10
CA LYS A 756 39.96 -13.52 -3.74
C LYS A 756 39.87 -14.45 -4.94
N LYS A 757 39.06 -15.51 -4.83
CA LYS A 757 38.81 -16.42 -5.94
C LYS A 757 38.03 -15.66 -7.02
N ASN A 758 38.69 -15.38 -8.14
CA ASN A 758 38.11 -14.58 -9.21
C ASN A 758 37.11 -15.43 -9.99
N PHE A 759 35.88 -15.47 -9.49
CA PHE A 759 34.78 -16.16 -10.15
C PHE A 759 33.48 -15.53 -9.69
N PRO A 760 32.49 -15.44 -10.58
CA PRO A 760 31.25 -14.77 -10.22
C PRO A 760 30.42 -15.58 -9.24
N PHE A 761 29.65 -14.86 -8.41
CA PHE A 761 28.79 -15.51 -7.44
C PHE A 761 27.67 -16.31 -8.11
N GLU A 762 27.30 -15.95 -9.35
CA GLU A 762 26.24 -16.66 -10.05
C GLU A 762 26.61 -18.10 -10.37
N ARG A 763 27.90 -18.41 -10.44
CA ARG A 763 28.33 -19.76 -10.79
C ARG A 763 28.13 -20.77 -9.67
N LEU A 764 27.74 -20.32 -8.47
CA LEU A 764 27.60 -21.21 -7.33
C LEU A 764 26.21 -21.84 -7.23
N TYR A 765 25.23 -21.38 -8.01
CA TYR A 765 23.89 -21.91 -7.94
C TYR A 765 23.82 -23.31 -8.53
N ASP A 766 24.00 -23.42 -9.85
CA ASP A 766 24.03 -24.71 -10.53
C ASP A 766 25.39 -25.35 -10.26
N LEU A 767 25.52 -25.94 -9.08
CA LEU A 767 26.79 -26.49 -8.64
C LEU A 767 26.56 -27.49 -7.52
N ASN A 768 27.47 -28.45 -7.39
CA ASN A 768 27.36 -29.48 -6.37
C ASN A 768 27.44 -28.87 -4.98
N HIS A 769 26.87 -29.59 -4.02
CA HIS A 769 27.00 -29.21 -2.61
C HIS A 769 28.44 -29.32 -2.12
N ASN A 770 29.32 -29.95 -2.89
CA ASN A 770 30.72 -30.13 -2.48
C ASN A 770 31.74 -29.71 -3.52
N GLU A 771 31.35 -29.51 -4.78
CA GLU A 771 32.25 -28.86 -5.72
C GLU A 771 32.62 -27.46 -5.26
N ILE A 772 31.83 -26.90 -4.32
CA ILE A 772 32.20 -25.66 -3.66
C ILE A 772 33.51 -25.80 -2.91
N GLY A 773 33.81 -27.00 -2.41
CA GLY A 773 34.94 -27.17 -1.50
C GLY A 773 36.28 -27.16 -2.19
N GLU A 774 36.38 -27.79 -3.36
CA GLU A 774 37.59 -27.68 -4.16
C GLU A 774 37.78 -26.28 -4.73
N LEU A 775 36.71 -25.49 -4.79
CA LEU A 775 36.83 -24.14 -5.34
C LEU A 775 37.32 -23.14 -4.29
N ILE A 776 36.88 -23.28 -3.05
CA ILE A 776 37.24 -22.36 -1.99
C ILE A 776 38.25 -22.96 -1.01
N ARG A 777 38.63 -24.22 -1.18
CA ARG A 777 39.62 -24.98 -0.38
C ARG A 777 39.03 -25.54 0.90
N MET A 778 37.71 -25.58 1.07
CA MET A 778 37.11 -26.03 2.33
C MET A 778 35.96 -27.01 2.06
N PRO A 779 36.26 -28.26 1.70
CA PRO A 779 35.30 -29.33 1.99
C PRO A 779 35.04 -29.45 3.48
N LYS A 780 36.03 -29.07 4.29
CA LYS A 780 35.89 -28.71 5.69
C LYS A 780 34.55 -28.03 5.92
N MET A 781 34.40 -26.83 5.39
CA MET A 781 33.15 -26.07 5.48
C MET A 781 32.37 -26.20 4.17
N GLY A 782 32.01 -27.45 3.88
CA GLY A 782 31.43 -27.79 2.59
C GLY A 782 30.05 -27.22 2.35
N LYS A 783 29.02 -28.03 2.62
CA LYS A 783 27.65 -27.64 2.34
C LYS A 783 27.17 -26.46 3.19
N THR A 784 28.02 -25.91 4.06
CA THR A 784 27.67 -24.68 4.76
C THR A 784 27.52 -23.53 3.77
N ILE A 785 28.38 -23.48 2.76
CA ILE A 785 28.26 -22.46 1.72
C ILE A 785 27.04 -22.70 0.86
N HIS A 786 26.80 -23.97 0.49
CA HIS A 786 25.64 -24.29 -0.34
C HIS A 786 24.33 -23.93 0.35
N LYS A 787 24.32 -23.92 1.69
CA LYS A 787 23.12 -23.54 2.41
C LYS A 787 22.77 -22.07 2.18
N TYR A 788 23.74 -21.18 2.38
CA TYR A 788 23.48 -19.75 2.27
C TYR A 788 23.43 -19.27 0.82
N VAL A 789 23.93 -20.07 -0.12
CA VAL A 789 23.81 -19.70 -1.53
C VAL A 789 22.36 -19.71 -1.96
N HIS A 790 21.60 -20.70 -1.50
CA HIS A 790 20.18 -20.80 -1.82
C HIS A 790 19.29 -20.11 -0.80
N LEU A 791 19.85 -19.69 0.34
CA LEU A 791 19.13 -18.81 1.24
C LEU A 791 19.11 -17.37 0.73
N PHE A 792 20.04 -17.02 -0.16
CA PHE A 792 20.05 -15.69 -0.76
C PHE A 792 18.81 -15.52 -1.62
N PRO A 793 18.09 -14.40 -1.52
CA PRO A 793 16.87 -14.23 -2.29
C PRO A 793 17.14 -14.25 -3.79
N LYS A 794 16.31 -14.98 -4.52
CA LYS A 794 16.44 -15.08 -5.97
C LYS A 794 15.05 -15.31 -6.56
N LEU A 795 14.69 -14.50 -7.55
CA LEU A 795 13.40 -14.59 -8.22
C LEU A 795 13.60 -14.83 -9.71
N GLU A 796 12.72 -15.64 -10.29
CA GLU A 796 12.74 -15.91 -11.73
C GLU A 796 11.54 -15.25 -12.38
N LEU A 797 11.76 -14.68 -13.56
CA LEU A 797 10.76 -13.87 -14.25
C LEU A 797 10.42 -14.47 -15.60
N SER A 798 9.12 -14.51 -15.90
CA SER A 798 8.62 -14.85 -17.22
C SER A 798 7.54 -13.85 -17.59
N VAL A 799 7.45 -13.54 -18.89
CA VAL A 799 6.60 -12.47 -19.37
C VAL A 799 5.70 -12.98 -20.49
N HIS A 800 4.48 -12.45 -20.53
CA HIS A 800 3.55 -12.69 -21.63
C HIS A 800 3.09 -11.33 -22.15
N LEU A 801 3.47 -11.01 -23.38
CA LEU A 801 3.12 -9.72 -23.97
C LEU A 801 1.70 -9.77 -24.52
N GLN A 802 0.89 -8.78 -24.14
CA GLN A 802 -0.50 -8.68 -24.59
C GLN A 802 -0.70 -7.32 -25.23
N PRO A 803 -0.56 -7.21 -26.55
CA PRO A 803 -0.73 -5.91 -27.21
C PRO A 803 -2.18 -5.45 -27.16
N ILE A 804 -2.39 -4.22 -26.76
CA ILE A 804 -3.72 -3.61 -26.77
C ILE A 804 -3.96 -2.85 -28.06
N THR A 805 -2.99 -2.03 -28.48
CA THR A 805 -3.03 -1.33 -29.74
C THR A 805 -1.64 -1.41 -30.37
N ARG A 806 -1.40 -0.59 -31.38
CA ARG A 806 -0.05 -0.34 -31.83
C ARG A 806 0.62 0.77 -31.00
N SER A 807 -0.08 1.28 -29.99
CA SER A 807 0.44 2.31 -29.10
C SER A 807 0.62 1.84 -27.66
N THR A 808 -0.07 0.78 -27.25
CA THR A 808 -0.08 0.36 -25.85
C THR A 808 0.06 -1.15 -25.75
N LEU A 809 0.80 -1.61 -24.74
CA LEU A 809 1.00 -3.02 -24.47
C LEU A 809 0.66 -3.29 -23.01
N LYS A 810 -0.08 -4.36 -22.76
CA LYS A 810 -0.36 -4.84 -21.41
C LYS A 810 0.57 -6.00 -21.10
N VAL A 811 1.43 -5.82 -20.11
CA VAL A 811 2.44 -6.80 -19.75
C VAL A 811 1.96 -7.60 -18.55
N GLU A 812 1.98 -8.93 -18.66
CA GLU A 812 1.65 -9.83 -17.57
C GLU A 812 2.96 -10.48 -17.10
N LEU A 813 3.50 -9.98 -16.00
CA LEU A 813 4.75 -10.48 -15.46
C LEU A 813 4.49 -11.57 -14.44
N THR A 814 5.19 -12.69 -14.57
CA THR A 814 5.09 -13.81 -13.64
C THR A 814 6.37 -13.88 -12.83
N ILE A 815 6.23 -13.75 -11.51
CA ILE A 815 7.36 -13.79 -10.59
C ILE A 815 7.33 -15.14 -9.87
N THR A 816 8.41 -15.90 -9.99
CA THR A 816 8.52 -17.21 -9.36
C THR A 816 9.73 -17.24 -8.45
N PRO A 817 9.55 -17.36 -7.14
CA PRO A 817 10.71 -17.39 -6.24
C PRO A 817 11.55 -18.64 -6.45
N ASP A 818 12.86 -18.45 -6.46
CA ASP A 818 13.82 -19.54 -6.64
C ASP A 818 14.84 -19.56 -5.50
N PHE A 819 14.36 -19.31 -4.28
CA PHE A 819 15.18 -19.41 -3.09
C PHE A 819 14.33 -20.07 -2.00
N GLN A 820 14.87 -20.14 -0.79
CA GLN A 820 14.15 -20.76 0.32
C GLN A 820 14.07 -19.80 1.49
N TRP A 821 12.91 -19.81 2.16
CA TRP A 821 12.64 -18.88 3.25
C TRP A 821 13.16 -19.44 4.56
N ASP A 822 13.86 -18.59 5.30
CA ASP A 822 14.27 -18.87 6.68
C ASP A 822 13.95 -17.63 7.50
N GLU A 823 12.97 -17.75 8.40
CA GLU A 823 12.51 -16.59 9.16
C GLU A 823 13.64 -15.93 9.93
N LYS A 824 14.66 -16.69 10.31
CA LYS A 824 15.82 -16.11 10.99
C LYS A 824 16.64 -15.21 10.07
N VAL A 825 16.48 -15.35 8.76
CA VAL A 825 17.24 -14.57 7.80
C VAL A 825 16.35 -13.58 7.03
N HIS A 826 15.15 -14.01 6.63
CA HIS A 826 14.28 -13.19 5.80
C HIS A 826 13.15 -12.53 6.59
N GLY A 827 12.93 -12.93 7.84
CA GLY A 827 11.89 -12.30 8.63
C GLY A 827 10.50 -12.70 8.16
N SER A 828 9.59 -11.74 8.16
CA SER A 828 8.20 -12.00 7.79
C SER A 828 7.90 -11.68 6.33
N SER A 829 8.70 -10.83 5.69
CA SER A 829 8.46 -10.48 4.30
C SER A 829 9.76 -10.00 3.67
N GLU A 830 9.78 -9.97 2.34
CA GLU A 830 10.91 -9.48 1.57
C GLU A 830 10.40 -8.53 0.51
N ALA A 831 10.96 -7.32 0.49
CA ALA A 831 10.50 -6.25 -0.39
C ALA A 831 11.36 -6.18 -1.64
N PHE A 832 10.71 -5.93 -2.78
CA PHE A 832 11.39 -5.83 -4.07
C PHE A 832 10.81 -4.66 -4.84
N TRP A 833 11.59 -4.17 -5.80
CA TRP A 833 11.18 -3.08 -6.68
C TRP A 833 11.11 -3.62 -8.11
N ILE A 834 9.91 -3.64 -8.68
CA ILE A 834 9.73 -4.00 -10.08
C ILE A 834 9.97 -2.74 -10.92
N LEU A 835 10.95 -2.80 -11.80
CA LEU A 835 11.34 -1.65 -12.60
C LEU A 835 11.30 -2.03 -14.08
N VAL A 836 10.60 -1.22 -14.87
CA VAL A 836 10.50 -1.41 -16.31
C VAL A 836 11.24 -0.25 -16.97
N GLU A 837 12.40 -0.54 -17.54
CA GLU A 837 13.25 0.48 -18.16
C GLU A 837 13.15 0.40 -19.68
N ASP A 838 13.50 1.51 -20.33
CA ASP A 838 13.43 1.58 -21.79
C ASP A 838 14.63 0.92 -22.44
N VAL A 839 14.89 1.27 -23.70
CA VAL A 839 15.93 0.57 -24.46
C VAL A 839 17.31 0.90 -23.92
N ASP A 840 17.53 2.16 -23.54
CA ASP A 840 18.86 2.63 -23.16
C ASP A 840 19.10 2.59 -21.65
N SER A 841 18.24 1.91 -20.90
CA SER A 841 18.33 1.87 -19.43
C SER A 841 18.41 3.27 -18.86
N GLU A 842 17.62 4.18 -19.44
CA GLU A 842 17.68 5.60 -19.13
C GLU A 842 16.39 6.16 -18.53
N VAL A 843 15.24 5.59 -18.89
CA VAL A 843 13.95 6.07 -18.42
C VAL A 843 13.18 4.89 -17.82
N ILE A 844 12.62 5.10 -16.64
CA ILE A 844 11.79 4.10 -15.98
C ILE A 844 10.36 4.29 -16.51
N LEU A 845 9.96 3.42 -17.43
CA LEU A 845 8.61 3.52 -18.01
C LEU A 845 7.53 3.17 -17.00
N HIS A 846 7.84 2.27 -16.06
CA HIS A 846 6.88 1.89 -15.03
C HIS A 846 7.63 1.23 -13.88
N HIS A 847 7.11 1.45 -12.67
CA HIS A 847 7.70 0.86 -11.47
C HIS A 847 6.62 0.70 -10.42
N GLU A 848 6.77 -0.34 -9.60
CA GLU A 848 5.84 -0.55 -8.49
C GLU A 848 6.53 -1.36 -7.40
N TYR A 849 5.93 -1.32 -6.22
CA TYR A 849 6.48 -1.96 -5.02
C TYR A 849 5.91 -3.37 -4.89
N PHE A 850 6.80 -4.35 -4.69
CA PHE A 850 6.42 -5.76 -4.59
C PHE A 850 6.92 -6.32 -3.27
N LEU A 851 6.00 -6.81 -2.46
CA LEU A 851 6.30 -7.39 -1.16
C LEU A 851 5.99 -8.88 -1.18
N LEU A 852 7.00 -9.71 -0.90
CA LEU A 852 6.86 -11.16 -0.89
C LEU A 852 6.67 -11.60 0.55
N LYS A 853 5.42 -11.90 0.91
CA LYS A 853 5.12 -12.36 2.26
C LYS A 853 5.62 -13.79 2.46
N ALA A 854 5.83 -14.15 3.73
CA ALA A 854 6.35 -15.48 4.04
C ALA A 854 5.33 -16.57 3.76
N LYS A 855 4.03 -16.27 3.89
CA LYS A 855 3.01 -17.27 3.64
C LYS A 855 2.91 -17.66 2.16
N TYR A 856 3.41 -16.80 1.26
CA TYR A 856 3.39 -17.07 -0.17
C TYR A 856 4.79 -17.16 -0.75
N ALA A 857 5.73 -17.69 0.04
CA ALA A 857 7.14 -17.73 -0.37
C ALA A 857 7.40 -18.75 -1.47
N GLN A 858 6.44 -19.61 -1.80
CA GLN A 858 6.64 -20.63 -2.82
C GLN A 858 5.67 -20.53 -3.99
N ASP A 859 4.70 -19.63 -3.94
CA ASP A 859 3.71 -19.50 -4.99
C ASP A 859 4.13 -18.46 -6.01
N GLU A 860 3.67 -18.66 -7.25
CA GLU A 860 3.93 -17.69 -8.31
C GLU A 860 3.11 -16.42 -8.08
N HIS A 861 3.63 -15.30 -8.57
CA HIS A 861 2.97 -14.02 -8.43
C HIS A 861 2.77 -13.39 -9.81
N LEU A 862 1.59 -12.84 -10.03
CA LEU A 862 1.21 -12.23 -11.30
C LEU A 862 1.09 -10.73 -11.14
N ILE A 863 1.80 -9.98 -11.99
CA ILE A 863 1.77 -8.53 -11.98
C ILE A 863 1.41 -8.05 -13.38
N THR A 864 0.46 -7.13 -13.47
CA THR A 864 -0.03 -6.61 -14.74
C THR A 864 0.12 -5.09 -14.76
N PHE A 865 0.61 -4.57 -15.88
CA PHE A 865 0.77 -3.13 -16.06
C PHE A 865 0.80 -2.82 -17.55
N PHE A 866 0.69 -1.53 -17.86
CA PHE A 866 0.71 -1.04 -19.23
C PHE A 866 2.01 -0.30 -19.52
N VAL A 867 2.46 -0.38 -20.77
CA VAL A 867 3.63 0.36 -21.22
C VAL A 867 3.36 0.92 -22.61
N PRO A 868 3.85 2.11 -22.94
CA PRO A 868 3.66 2.64 -24.29
C PRO A 868 4.73 2.13 -25.25
N VAL A 869 4.35 2.08 -26.54
CA VAL A 869 5.25 1.65 -27.61
C VAL A 869 5.04 2.54 -28.82
N PHE A 870 6.08 2.65 -29.64
CA PHE A 870 6.04 3.37 -30.91
C PHE A 870 6.34 2.39 -32.05
N GLU A 871 6.20 2.86 -33.28
CA GLU A 871 6.08 1.93 -34.39
C GLU A 871 7.32 1.75 -35.25
N PRO A 872 8.42 2.49 -35.02
CA PRO A 872 9.72 1.88 -35.32
C PRO A 872 10.18 1.01 -34.15
N LEU A 873 9.35 0.00 -33.82
CA LEU A 873 9.35 -0.79 -32.60
C LEU A 873 10.74 -0.95 -32.01
N PRO A 874 10.97 -0.45 -30.80
CA PRO A 874 12.32 -0.44 -30.22
C PRO A 874 12.85 -1.85 -30.06
N PRO A 875 14.18 -2.02 -30.01
CA PRO A 875 14.74 -3.37 -29.92
C PRO A 875 14.20 -4.18 -28.75
N GLN A 876 14.20 -3.62 -27.54
CA GLN A 876 13.71 -4.34 -26.37
C GLN A 876 13.57 -3.38 -25.21
N TYR A 877 12.74 -3.77 -24.26
CA TYR A 877 12.68 -3.13 -22.95
C TYR A 877 13.41 -4.00 -21.93
N PHE A 878 13.41 -3.56 -20.68
CA PHE A 878 14.07 -4.30 -19.61
C PHE A 878 13.19 -4.28 -18.37
N ILE A 879 12.99 -5.44 -17.77
CA ILE A 879 12.26 -5.58 -16.51
C ILE A 879 13.27 -5.99 -15.44
N ARG A 880 13.45 -5.14 -14.43
CA ARG A 880 14.38 -5.40 -13.34
C ARG A 880 13.59 -5.52 -12.04
N VAL A 881 13.77 -6.65 -11.35
CA VAL A 881 13.18 -6.86 -10.04
C VAL A 881 14.34 -6.85 -9.04
N VAL A 882 14.53 -5.72 -8.37
CA VAL A 882 15.65 -5.51 -7.47
C VAL A 882 15.13 -5.54 -6.03
N SER A 883 15.88 -6.21 -5.16
CA SER A 883 15.51 -6.28 -3.75
C SER A 883 15.71 -4.92 -3.09
N ASP A 884 14.93 -4.68 -2.03
CA ASP A 884 14.93 -3.39 -1.36
C ASP A 884 16.00 -3.27 -0.28
N ARG A 885 16.53 -4.38 0.23
CA ARG A 885 17.51 -4.32 1.30
C ARG A 885 18.73 -5.20 1.04
N TRP A 886 18.55 -6.27 0.27
CA TRP A 886 19.65 -7.17 -0.02
C TRP A 886 20.54 -6.60 -1.12
N LEU A 887 21.85 -6.62 -0.90
CA LEU A 887 22.80 -6.06 -1.84
C LEU A 887 23.14 -7.08 -2.93
N SER A 888 23.24 -6.58 -4.17
CA SER A 888 23.47 -7.42 -5.35
C SER A 888 22.44 -8.54 -5.44
N CYS A 889 21.17 -8.14 -5.37
CA CYS A 889 20.02 -9.06 -5.40
C CYS A 889 19.09 -8.56 -6.50
N GLU A 890 19.27 -9.06 -7.71
CA GLU A 890 18.56 -8.51 -8.86
C GLU A 890 18.37 -9.60 -9.92
N THR A 891 17.26 -9.49 -10.65
CA THR A 891 16.99 -10.34 -11.81
C THR A 891 16.43 -9.44 -12.91
N GLN A 892 17.19 -9.26 -13.98
CA GLN A 892 16.77 -8.45 -15.11
C GLN A 892 16.35 -9.35 -16.26
N LEU A 893 15.13 -9.16 -16.76
CA LEU A 893 14.63 -9.95 -17.88
C LEU A 893 14.48 -9.05 -19.11
N PRO A 894 15.27 -9.26 -20.16
CA PRO A 894 15.09 -8.46 -21.38
C PRO A 894 13.79 -8.84 -22.07
N VAL A 895 13.08 -7.81 -22.54
CA VAL A 895 11.80 -8.02 -23.22
C VAL A 895 11.95 -7.65 -24.69
N SER A 896 12.34 -8.61 -25.51
CA SER A 896 12.54 -8.37 -26.93
C SER A 896 11.22 -8.25 -27.66
N PHE A 897 11.17 -7.33 -28.62
CA PHE A 897 9.99 -7.13 -29.46
C PHE A 897 10.20 -7.66 -30.88
N ARG A 898 11.19 -8.54 -31.07
CA ARG A 898 11.50 -9.02 -32.41
C ARG A 898 10.37 -9.88 -32.99
N HIS A 899 9.65 -10.60 -32.13
CA HIS A 899 8.56 -11.46 -32.57
C HIS A 899 7.20 -10.97 -32.10
N LEU A 900 7.11 -9.70 -31.68
CA LEU A 900 5.86 -9.15 -31.19
C LEU A 900 4.93 -8.85 -32.37
N ILE A 901 3.73 -9.41 -32.33
CA ILE A 901 2.73 -9.23 -33.38
C ILE A 901 1.77 -8.13 -32.93
N LEU A 902 1.86 -6.97 -33.57
CA LEU A 902 0.96 -5.88 -33.24
C LEU A 902 -0.38 -6.05 -33.95
N PRO A 903 -1.48 -5.69 -33.31
CA PRO A 903 -2.78 -5.75 -33.98
C PRO A 903 -2.88 -4.70 -35.08
N GLU A 904 -3.78 -4.96 -36.02
CA GLU A 904 -3.94 -4.05 -37.15
C GLU A 904 -4.61 -2.75 -36.71
N LYS A 905 -4.34 -1.69 -37.45
CA LYS A 905 -4.97 -0.41 -37.18
C LYS A 905 -6.48 -0.51 -37.37
N TYR A 906 -7.23 0.11 -36.45
CA TYR A 906 -8.68 -0.01 -36.50
C TYR A 906 -9.23 0.75 -37.70
N PRO A 907 -10.28 0.24 -38.34
CA PRO A 907 -10.81 0.86 -39.56
C PRO A 907 -11.39 2.23 -39.27
N PRO A 908 -11.57 3.07 -40.29
CA PRO A 908 -12.19 4.38 -40.10
C PRO A 908 -13.62 4.24 -39.61
N PRO A 909 -14.16 5.25 -38.93
CA PRO A 909 -15.50 5.15 -38.36
C PRO A 909 -16.59 5.32 -39.41
N THR A 910 -17.80 4.96 -39.00
CA THR A 910 -18.99 5.30 -39.78
C THR A 910 -19.18 6.81 -39.77
N GLU A 911 -19.10 7.43 -40.94
CA GLU A 911 -19.27 8.88 -41.03
C GLU A 911 -20.70 9.26 -40.66
N LEU A 912 -20.82 10.33 -39.88
CA LEU A 912 -22.14 10.84 -39.51
C LEU A 912 -22.72 11.64 -40.68
N LEU A 913 -23.82 11.15 -41.24
CA LEU A 913 -24.43 11.78 -42.39
C LEU A 913 -25.12 13.08 -41.99
N ASP A 914 -25.07 14.06 -42.91
CA ASP A 914 -25.74 15.34 -42.71
C ASP A 914 -27.22 15.23 -43.10
N LEU A 915 -27.91 14.33 -42.40
CA LEU A 915 -29.31 14.06 -42.69
C LEU A 915 -30.21 15.07 -42.00
N GLN A 916 -31.44 15.17 -42.51
CA GLN A 916 -32.43 16.02 -41.87
C GLN A 916 -32.88 15.39 -40.55
N PRO A 917 -33.05 16.19 -39.50
CA PRO A 917 -33.50 15.64 -38.21
C PRO A 917 -34.86 14.97 -38.35
N LEU A 918 -34.96 13.76 -37.82
CA LEU A 918 -36.17 12.95 -37.98
C LEU A 918 -37.23 13.38 -36.98
N PRO A 919 -38.42 13.77 -37.42
CA PRO A 919 -39.48 14.14 -36.48
C PRO A 919 -40.00 12.93 -35.72
N VAL A 920 -40.64 13.20 -34.58
CA VAL A 920 -41.26 12.13 -33.80
C VAL A 920 -42.44 11.52 -34.54
N SER A 921 -43.05 12.27 -35.47
CA SER A 921 -44.16 11.75 -36.26
C SER A 921 -43.72 10.74 -37.31
N ALA A 922 -42.41 10.57 -37.52
CA ALA A 922 -41.94 9.60 -38.51
C ALA A 922 -42.24 8.17 -38.10
N LEU A 923 -42.60 7.93 -36.83
CA LEU A 923 -43.01 6.60 -36.42
C LEU A 923 -44.32 6.19 -37.06
N ARG A 924 -45.15 7.17 -37.43
CA ARG A 924 -46.46 6.92 -38.06
C ARG A 924 -47.32 6.02 -37.18
N ASN A 925 -47.44 6.39 -35.90
CA ASN A 925 -48.26 5.65 -34.94
C ASN A 925 -48.62 6.60 -33.81
N SER A 926 -49.90 6.91 -33.68
CA SER A 926 -50.33 7.88 -32.67
C SER A 926 -49.97 7.42 -31.26
N ALA A 927 -50.13 6.13 -30.98
CA ALA A 927 -49.80 5.62 -29.65
C ALA A 927 -48.30 5.65 -29.40
N PHE A 928 -47.49 5.38 -30.42
CA PHE A 928 -46.04 5.39 -30.25
C PHE A 928 -45.52 6.81 -30.12
N GLU A 929 -46.11 7.75 -30.87
CA GLU A 929 -45.66 9.14 -30.81
C GLU A 929 -45.97 9.80 -29.47
N SER A 930 -46.96 9.30 -28.74
CA SER A 930 -47.27 9.84 -27.42
C SER A 930 -46.18 9.56 -26.39
N LEU A 931 -45.14 8.81 -26.76
CA LEU A 931 -44.03 8.53 -25.85
C LEU A 931 -42.92 9.57 -25.93
N TYR A 932 -42.78 10.28 -27.04
CA TYR A 932 -41.68 11.22 -27.23
C TYR A 932 -42.13 12.62 -27.64
N GLN A 933 -43.43 12.86 -27.82
CA GLN A 933 -43.88 14.15 -28.35
C GLN A 933 -43.56 15.29 -27.39
N ASP A 934 -43.69 15.06 -26.09
CA ASP A 934 -43.47 16.11 -25.10
C ASP A 934 -42.02 16.20 -24.64
N LYS A 935 -41.16 15.26 -25.03
CA LYS A 935 -39.79 15.24 -24.54
C LYS A 935 -38.83 16.02 -25.42
N PHE A 936 -38.92 15.86 -26.74
CA PHE A 936 -38.03 16.53 -27.67
C PHE A 936 -38.73 16.63 -29.02
N PRO A 937 -38.31 17.56 -29.88
CA PRO A 937 -38.99 17.72 -31.17
C PRO A 937 -38.53 16.72 -32.22
N PHE A 938 -37.22 16.48 -32.32
CA PHE A 938 -36.69 15.56 -33.32
C PHE A 938 -35.57 14.73 -32.71
N PHE A 939 -35.32 13.56 -33.31
CA PHE A 939 -34.25 12.69 -32.86
C PHE A 939 -32.89 13.27 -33.23
N ASN A 940 -31.86 12.84 -32.48
CA ASN A 940 -30.51 13.32 -32.73
C ASN A 940 -29.97 12.71 -34.03
N PRO A 941 -28.87 13.26 -34.57
CA PRO A 941 -28.32 12.72 -35.82
C PRO A 941 -27.99 11.23 -35.77
N ILE A 942 -27.63 10.69 -34.60
CA ILE A 942 -27.29 9.27 -34.52
C ILE A 942 -28.55 8.43 -34.57
N GLN A 943 -29.58 8.81 -33.80
CA GLN A 943 -30.87 8.16 -33.91
C GLN A 943 -31.48 8.35 -35.30
N THR A 944 -31.08 9.41 -36.00
CA THR A 944 -31.60 9.66 -37.34
C THR A 944 -31.07 8.64 -38.35
N GLN A 945 -29.78 8.32 -38.26
CA GLN A 945 -29.16 7.43 -39.24
C GLN A 945 -29.72 6.02 -39.15
N VAL A 946 -29.86 5.50 -37.93
CA VAL A 946 -30.16 4.09 -37.73
C VAL A 946 -31.67 3.85 -37.75
N PHE A 947 -32.45 4.89 -38.02
CA PHE A 947 -33.90 4.76 -37.93
C PHE A 947 -34.43 3.75 -38.94
N ASN A 948 -34.01 3.87 -40.20
CA ASN A 948 -34.53 2.99 -41.25
C ASN A 948 -34.15 1.54 -41.00
N THR A 949 -32.95 1.30 -40.46
CA THR A 949 -32.48 -0.06 -40.27
C THR A 949 -33.05 -0.70 -39.01
N VAL A 950 -33.38 0.09 -38.00
CA VAL A 950 -33.91 -0.47 -36.77
C VAL A 950 -35.44 -0.49 -36.76
N TYR A 951 -36.08 0.52 -37.37
CA TYR A 951 -37.53 0.63 -37.35
C TYR A 951 -38.18 -0.03 -38.57
N ASN A 952 -37.53 0.06 -39.74
CA ASN A 952 -38.08 -0.46 -40.99
C ASN A 952 -37.26 -1.62 -41.53
N SER A 953 -36.76 -2.48 -40.65
CA SER A 953 -35.95 -3.61 -41.06
C SER A 953 -35.91 -4.63 -39.93
N ASP A 954 -35.55 -5.86 -40.29
CA ASP A 954 -35.44 -6.95 -39.32
C ASP A 954 -34.02 -7.50 -39.25
N ASP A 955 -33.07 -6.87 -39.92
CA ASP A 955 -31.69 -7.34 -39.88
C ASP A 955 -31.07 -7.06 -38.51
N ASN A 956 -30.03 -7.83 -38.19
CA ASN A 956 -29.26 -7.58 -36.99
C ASN A 956 -28.48 -6.27 -37.15
N VAL A 957 -28.54 -5.42 -36.14
CA VAL A 957 -27.99 -4.06 -36.21
C VAL A 957 -27.02 -3.86 -35.06
N PHE A 958 -25.92 -3.16 -35.34
CA PHE A 958 -24.96 -2.74 -34.33
C PHE A 958 -24.92 -1.22 -34.31
N VAL A 959 -24.99 -0.65 -33.11
CA VAL A 959 -24.94 0.80 -32.92
C VAL A 959 -23.85 1.09 -31.90
N GLY A 960 -22.74 1.64 -32.38
CA GLY A 960 -21.65 2.03 -31.51
C GLY A 960 -21.48 3.54 -31.46
N ALA A 961 -21.79 4.14 -30.32
CA ALA A 961 -21.79 5.59 -30.18
C ALA A 961 -21.32 5.93 -28.78
N PRO A 962 -20.80 7.15 -28.57
CA PRO A 962 -20.34 7.53 -27.23
C PRO A 962 -21.47 7.49 -26.21
N THR A 963 -21.08 7.36 -24.94
CA THR A 963 -22.06 7.37 -23.86
C THR A 963 -22.74 8.72 -23.79
N GLY A 964 -24.07 8.72 -23.83
CA GLY A 964 -24.84 9.94 -23.89
C GLY A 964 -25.37 10.30 -25.26
N SER A 965 -25.20 9.43 -26.25
CA SER A 965 -25.67 9.68 -27.61
C SER A 965 -27.13 9.34 -27.82
N GLY A 966 -27.82 8.85 -26.80
CA GLY A 966 -29.22 8.46 -26.94
C GLY A 966 -29.42 7.09 -27.53
N LYS A 967 -28.55 6.13 -27.20
CA LYS A 967 -28.68 4.78 -27.74
C LYS A 967 -29.86 4.03 -27.15
N THR A 968 -30.37 4.46 -25.99
CA THR A 968 -31.51 3.77 -25.39
C THR A 968 -32.74 3.87 -26.28
N ILE A 969 -32.95 5.02 -26.92
CA ILE A 969 -34.08 5.18 -27.82
C ILE A 969 -33.88 4.32 -29.07
N CYS A 970 -32.63 4.11 -29.48
CA CYS A 970 -32.35 3.23 -30.63
C CYS A 970 -32.90 1.83 -30.39
N ALA A 971 -32.71 1.30 -29.19
CA ALA A 971 -33.28 -0.01 -28.87
C ALA A 971 -34.79 0.05 -28.76
N GLU A 972 -35.34 1.19 -28.35
CA GLU A 972 -36.79 1.33 -28.30
C GLU A 972 -37.42 1.29 -29.68
N PHE A 973 -36.67 1.69 -30.71
CA PHE A 973 -37.15 1.55 -32.08
C PHE A 973 -37.42 0.09 -32.41
N ALA A 974 -36.49 -0.79 -32.05
CA ALA A 974 -36.66 -2.22 -32.33
C ALA A 974 -37.78 -2.81 -31.49
N ILE A 975 -37.98 -2.30 -30.28
CA ILE A 975 -39.08 -2.79 -29.44
C ILE A 975 -40.42 -2.35 -30.02
N LEU A 976 -40.51 -1.10 -30.46
CA LEU A 976 -41.76 -0.61 -31.05
C LEU A 976 -42.08 -1.32 -32.36
N ARG A 977 -41.05 -1.74 -33.11
CA ARG A 977 -41.29 -2.48 -34.34
C ARG A 977 -41.81 -3.88 -34.03
N MET A 978 -41.27 -4.52 -33.00
CA MET A 978 -41.72 -5.86 -32.63
C MET A 978 -43.20 -5.86 -32.24
N LEU A 979 -43.63 -4.81 -31.53
CA LEU A 979 -45.03 -4.72 -31.10
C LEU A 979 -45.99 -4.51 -32.27
N LEU A 980 -45.52 -3.94 -33.38
CA LEU A 980 -46.37 -3.77 -34.55
C LEU A 980 -46.64 -5.12 -35.23
N GLN A 981 -45.58 -5.89 -35.47
CA GLN A 981 -45.71 -7.20 -36.07
C GLN A 981 -46.47 -8.14 -35.15
N SER A 982 -45.80 -8.66 -34.12
CA SER A 982 -46.44 -9.48 -33.10
C SER A 982 -46.87 -8.57 -31.96
N SER A 983 -48.17 -8.32 -31.86
CA SER A 983 -48.68 -7.40 -30.84
C SER A 983 -48.40 -7.87 -29.43
N GLU A 984 -48.22 -9.17 -29.23
CA GLU A 984 -47.82 -9.72 -27.94
C GLU A 984 -46.46 -10.43 -28.07
N GLY A 985 -45.58 -9.85 -28.87
CA GLY A 985 -44.22 -10.35 -28.97
C GLY A 985 -43.47 -10.20 -27.65
N ARG A 986 -42.32 -10.85 -27.59
CA ARG A 986 -41.54 -10.90 -26.36
C ARG A 986 -40.10 -10.54 -26.66
N CYS A 987 -39.63 -9.46 -26.04
CA CYS A 987 -38.26 -8.99 -26.19
C CYS A 987 -37.50 -9.13 -24.88
N VAL A 988 -36.20 -9.37 -24.98
CA VAL A 988 -35.32 -9.53 -23.83
C VAL A 988 -34.20 -8.51 -23.94
N TYR A 989 -34.14 -7.59 -22.97
CA TYR A 989 -33.12 -6.55 -22.95
C TYR A 989 -32.09 -6.90 -21.89
N ILE A 990 -30.81 -6.87 -22.28
CA ILE A 990 -29.71 -7.24 -21.41
C ILE A 990 -28.81 -6.02 -21.23
N THR A 991 -28.55 -5.67 -19.97
CA THR A 991 -27.60 -4.61 -19.62
C THR A 991 -26.64 -5.13 -18.57
N PRO A 992 -25.37 -4.75 -18.64
CA PRO A 992 -24.37 -5.41 -17.79
C PRO A 992 -24.48 -5.08 -16.31
N MET A 993 -24.98 -3.90 -15.95
CA MET A 993 -25.00 -3.46 -14.57
C MET A 993 -26.41 -3.55 -14.00
N GLU A 994 -26.51 -4.00 -12.75
CA GLU A 994 -27.82 -4.09 -12.09
C GLU A 994 -28.41 -2.70 -11.84
N ALA A 995 -27.56 -1.70 -11.64
CA ALA A 995 -28.04 -0.33 -11.47
C ALA A 995 -28.62 0.22 -12.78
N LEU A 996 -28.07 -0.22 -13.92
CA LEU A 996 -28.63 0.20 -15.20
C LEU A 996 -29.98 -0.47 -15.45
N ALA A 997 -30.14 -1.72 -15.03
CA ALA A 997 -31.40 -2.42 -15.24
C ALA A 997 -32.53 -1.79 -14.44
N GLU A 998 -32.25 -1.38 -13.19
CA GLU A 998 -33.27 -0.74 -12.38
C GLU A 998 -33.69 0.60 -12.97
N GLN A 999 -32.76 1.32 -13.60
CA GLN A 999 -33.11 2.60 -14.20
C GLN A 999 -33.89 2.40 -15.50
N VAL A 1000 -33.48 1.42 -16.31
CA VAL A 1000 -34.20 1.14 -17.55
C VAL A 1000 -35.60 0.62 -17.24
N TYR A 1001 -35.75 -0.17 -16.18
CA TYR A 1001 -37.05 -0.72 -15.83
C TYR A 1001 -38.04 0.38 -15.48
N MET A 1002 -37.58 1.45 -14.83
CA MET A 1002 -38.48 2.52 -14.43
C MET A 1002 -38.94 3.33 -15.63
N ASP A 1003 -38.04 3.58 -16.59
CA ASP A 1003 -38.42 4.34 -17.78
C ASP A 1003 -39.33 3.52 -18.69
N TRP A 1004 -38.96 2.26 -18.94
CA TRP A 1004 -39.73 1.41 -19.84
C TRP A 1004 -41.03 0.89 -19.23
N TYR A 1005 -41.23 1.05 -17.92
CA TYR A 1005 -42.51 0.69 -17.33
C TYR A 1005 -43.58 1.74 -17.66
N GLU A 1006 -43.19 3.02 -17.67
CA GLU A 1006 -44.15 4.06 -18.03
C GLU A 1006 -44.40 4.07 -19.53
N LYS A 1007 -43.35 3.87 -20.33
CA LYS A 1007 -43.50 3.96 -21.78
C LYS A 1007 -44.34 2.81 -22.33
N PHE A 1008 -43.96 1.57 -22.02
CA PHE A 1008 -44.55 0.42 -22.68
C PHE A 1008 -45.71 -0.19 -21.90
N GLN A 1009 -45.78 -0.01 -20.58
CA GLN A 1009 -46.85 -0.57 -19.78
C GLN A 1009 -47.90 0.46 -19.38
N ASP A 1010 -47.49 1.65 -18.95
CA ASP A 1010 -48.47 2.66 -18.54
C ASP A 1010 -49.16 3.27 -19.75
N ARG A 1011 -48.44 3.47 -20.85
CA ARG A 1011 -48.99 4.10 -22.04
C ARG A 1011 -49.44 3.09 -23.08
N LEU A 1012 -48.56 2.18 -23.50
CA LEU A 1012 -48.90 1.21 -24.52
C LEU A 1012 -49.64 -0.01 -23.97
N ASN A 1013 -49.79 -0.11 -22.65
CA ASN A 1013 -50.53 -1.19 -22.00
C ASN A 1013 -49.98 -2.56 -22.38
N LYS A 1014 -48.67 -2.71 -22.20
CA LYS A 1014 -47.99 -3.99 -22.35
C LYS A 1014 -47.48 -4.44 -20.99
N LYS A 1015 -46.63 -5.47 -20.98
CA LYS A 1015 -46.09 -6.04 -19.76
C LYS A 1015 -44.58 -5.89 -19.75
N VAL A 1016 -44.06 -5.15 -18.77
CA VAL A 1016 -42.62 -4.93 -18.60
C VAL A 1016 -42.23 -5.46 -17.24
N VAL A 1017 -41.29 -6.39 -17.20
CA VAL A 1017 -40.87 -7.04 -15.97
C VAL A 1017 -39.37 -6.86 -15.80
N LEU A 1018 -38.90 -7.12 -14.59
CA LEU A 1018 -37.49 -7.06 -14.24
C LEU A 1018 -37.10 -8.34 -13.51
N LEU A 1019 -36.06 -9.00 -14.01
CA LEU A 1019 -35.61 -10.24 -13.38
C LEU A 1019 -34.93 -9.96 -12.05
N THR A 1020 -35.25 -10.78 -11.05
CA THR A 1020 -34.83 -10.54 -9.68
C THR A 1020 -33.58 -11.30 -9.28
N GLY A 1021 -33.18 -12.32 -10.05
CA GLY A 1021 -32.10 -13.20 -9.68
C GLY A 1021 -32.55 -14.42 -8.92
N GLU A 1022 -33.64 -14.32 -8.17
CA GLU A 1022 -34.26 -15.47 -7.55
C GLU A 1022 -34.99 -16.27 -8.63
N THR A 1023 -34.41 -17.41 -9.02
CA THR A 1023 -35.04 -18.26 -10.01
C THR A 1023 -36.42 -18.73 -9.57
N SER A 1024 -36.69 -18.74 -8.25
CA SER A 1024 -37.98 -19.23 -7.77
C SER A 1024 -39.14 -18.37 -8.27
N THR A 1025 -38.88 -17.13 -8.68
CA THR A 1025 -39.90 -16.29 -9.30
C THR A 1025 -39.29 -15.49 -10.46
N ASP A 1026 -38.48 -16.15 -11.28
CA ASP A 1026 -37.91 -15.54 -12.48
C ASP A 1026 -38.45 -16.16 -13.77
N LEU A 1027 -38.57 -17.49 -13.83
CA LEU A 1027 -39.20 -18.13 -14.98
C LEU A 1027 -40.64 -17.68 -15.17
N LYS A 1028 -41.23 -17.06 -14.15
CA LYS A 1028 -42.63 -16.68 -14.14
C LYS A 1028 -42.88 -15.30 -14.73
N LEU A 1029 -41.83 -14.50 -14.91
CA LEU A 1029 -41.95 -13.16 -15.47
C LEU A 1029 -41.75 -13.12 -16.98
N LEU A 1030 -40.79 -13.89 -17.51
CA LEU A 1030 -40.57 -13.87 -18.95
C LEU A 1030 -41.75 -14.48 -19.69
N GLY A 1031 -42.39 -15.49 -19.13
CA GLY A 1031 -43.64 -15.98 -19.71
C GLY A 1031 -44.81 -15.03 -19.55
N LYS A 1032 -44.66 -14.01 -18.71
CA LYS A 1032 -45.73 -13.04 -18.45
C LYS A 1032 -45.53 -11.71 -19.17
N GLY A 1033 -44.29 -11.29 -19.37
CA GLY A 1033 -44.01 -9.98 -19.90
C GLY A 1033 -43.73 -9.94 -21.39
N ASN A 1034 -43.81 -8.73 -21.95
CA ASN A 1034 -43.45 -8.48 -23.35
C ASN A 1034 -42.05 -7.91 -23.50
N ILE A 1035 -41.51 -7.27 -22.46
CA ILE A 1035 -40.15 -6.75 -22.47
C ILE A 1035 -39.48 -7.23 -21.18
N ILE A 1036 -38.43 -8.02 -21.32
CA ILE A 1036 -37.73 -8.62 -20.19
C ILE A 1036 -36.41 -7.90 -20.02
N ILE A 1037 -36.23 -7.24 -18.88
CA ILE A 1037 -35.01 -6.53 -18.55
C ILE A 1037 -34.22 -7.36 -17.53
N SER A 1038 -32.96 -7.62 -17.83
CA SER A 1038 -32.18 -8.54 -17.01
C SER A 1038 -30.69 -8.23 -17.16
N THR A 1039 -29.91 -8.76 -16.22
CA THR A 1039 -28.46 -8.72 -16.25
C THR A 1039 -27.92 -10.00 -16.88
N PRO A 1040 -26.65 -10.02 -17.32
CA PRO A 1040 -26.12 -11.22 -17.99
C PRO A 1040 -26.27 -12.51 -17.20
N GLU A 1041 -25.76 -12.52 -15.96
CA GLU A 1041 -25.83 -13.74 -15.15
C GLU A 1041 -27.27 -14.13 -14.87
N LYS A 1042 -28.15 -13.14 -14.70
CA LYS A 1042 -29.57 -13.43 -14.44
C LYS A 1042 -30.19 -14.16 -15.63
N TRP A 1043 -29.84 -13.75 -16.84
CA TRP A 1043 -30.34 -14.43 -18.03
C TRP A 1043 -29.61 -15.72 -18.32
N ASP A 1044 -28.39 -15.89 -17.80
CA ASP A 1044 -27.58 -17.06 -18.13
C ASP A 1044 -28.18 -18.34 -17.57
N ILE A 1045 -28.73 -18.29 -16.35
CA ILE A 1045 -29.27 -19.50 -15.74
C ILE A 1045 -30.48 -20.01 -16.51
N LEU A 1046 -31.36 -19.09 -16.95
CA LEU A 1046 -32.51 -19.50 -17.75
C LEU A 1046 -32.12 -19.78 -19.19
N SER A 1047 -31.02 -19.18 -19.67
CA SER A 1047 -30.58 -19.41 -21.05
C SER A 1047 -30.10 -20.85 -21.24
N ARG A 1048 -29.58 -21.49 -20.19
CA ARG A 1048 -29.01 -22.81 -20.33
C ARG A 1048 -30.07 -23.86 -20.63
N ARG A 1049 -31.27 -23.72 -20.08
CA ARG A 1049 -32.36 -24.68 -20.30
C ARG A 1049 -33.24 -24.30 -21.48
N TRP A 1050 -32.64 -23.81 -22.58
CA TRP A 1050 -33.44 -23.31 -23.69
C TRP A 1050 -34.09 -24.43 -24.48
N LYS A 1051 -33.48 -25.61 -24.51
CA LYS A 1051 -34.00 -26.70 -25.32
C LYS A 1051 -35.25 -27.35 -24.75
N GLN A 1052 -35.56 -27.11 -23.47
CA GLN A 1052 -36.77 -27.64 -22.87
C GLN A 1052 -37.79 -26.57 -22.51
N ARG A 1053 -37.34 -25.38 -22.11
CA ARG A 1053 -38.24 -24.29 -21.77
C ARG A 1053 -38.49 -23.44 -23.02
N LYS A 1054 -39.76 -23.40 -23.45
CA LYS A 1054 -40.10 -22.73 -24.70
C LYS A 1054 -40.04 -21.21 -24.61
N ASN A 1055 -40.13 -20.65 -23.41
CA ASN A 1055 -40.14 -19.20 -23.26
C ASN A 1055 -38.77 -18.54 -23.50
N VAL A 1056 -37.77 -19.27 -23.97
CA VAL A 1056 -36.46 -18.72 -24.24
C VAL A 1056 -36.15 -18.70 -25.74
N GLN A 1057 -36.60 -19.71 -26.48
CA GLN A 1057 -36.37 -19.76 -27.91
C GLN A 1057 -37.48 -19.11 -28.72
N ASN A 1058 -38.61 -18.79 -28.10
CA ASN A 1058 -39.70 -18.08 -28.76
C ASN A 1058 -39.48 -16.58 -28.80
N ILE A 1059 -38.30 -16.11 -28.40
CA ILE A 1059 -38.05 -14.68 -28.29
C ILE A 1059 -37.98 -14.07 -29.70
N ASN A 1060 -38.69 -12.95 -29.88
CA ASN A 1060 -38.70 -12.24 -31.15
C ASN A 1060 -37.54 -11.28 -31.30
N LEU A 1061 -37.14 -10.63 -30.21
CA LEU A 1061 -36.11 -9.59 -30.25
C LEU A 1061 -35.20 -9.73 -29.04
N PHE A 1062 -33.89 -9.70 -29.29
CA PHE A 1062 -32.89 -9.78 -28.23
C PHE A 1062 -31.98 -8.57 -28.33
N VAL A 1063 -31.94 -7.76 -27.27
CA VAL A 1063 -31.15 -6.53 -27.23
C VAL A 1063 -30.15 -6.63 -26.08
N VAL A 1064 -28.87 -6.44 -26.40
CA VAL A 1064 -27.81 -6.38 -25.40
C VAL A 1064 -27.20 -4.98 -25.45
N ASP A 1065 -27.23 -4.29 -24.32
CA ASP A 1065 -26.75 -2.93 -24.21
C ASP A 1065 -25.38 -2.89 -23.55
N GLU A 1066 -24.64 -1.82 -23.83
CA GLU A 1066 -23.30 -1.60 -23.26
C GLU A 1066 -22.41 -2.83 -23.49
N VAL A 1067 -22.47 -3.38 -24.71
CA VAL A 1067 -21.75 -4.61 -25.01
C VAL A 1067 -20.24 -4.43 -24.99
N HIS A 1068 -19.75 -3.19 -24.92
CA HIS A 1068 -18.31 -2.97 -24.82
C HIS A 1068 -17.75 -3.41 -23.47
N LEU A 1069 -18.61 -3.69 -22.49
CA LEU A 1069 -18.18 -4.26 -21.21
C LEU A 1069 -17.75 -5.72 -21.34
N ILE A 1070 -17.64 -6.22 -22.58
CA ILE A 1070 -17.19 -7.58 -22.81
C ILE A 1070 -15.76 -7.77 -22.31
N GLY A 1071 -14.93 -6.73 -22.43
CA GLY A 1071 -13.58 -6.78 -21.94
C GLY A 1071 -13.42 -6.53 -20.46
N GLY A 1072 -14.52 -6.39 -19.73
CA GLY A 1072 -14.47 -6.11 -18.31
C GLY A 1072 -14.32 -7.36 -17.46
N GLU A 1073 -14.50 -7.17 -16.15
CA GLU A 1073 -14.31 -8.27 -15.22
C GLU A 1073 -15.40 -9.33 -15.37
N ASN A 1074 -16.64 -8.91 -15.63
CA ASN A 1074 -17.76 -9.82 -15.81
C ASN A 1074 -18.19 -9.91 -17.28
N GLY A 1075 -17.23 -9.73 -18.18
CA GLY A 1075 -17.49 -9.81 -19.60
C GLY A 1075 -17.88 -11.17 -20.14
N PRO A 1076 -17.13 -12.23 -19.77
CA PRO A 1076 -17.42 -13.56 -20.33
C PRO A 1076 -18.87 -14.01 -20.21
N VAL A 1077 -19.55 -13.68 -19.11
CA VAL A 1077 -20.96 -14.06 -18.97
C VAL A 1077 -21.80 -13.36 -20.04
N LEU A 1078 -21.45 -12.11 -20.36
CA LEU A 1078 -22.14 -11.41 -21.45
C LEU A 1078 -21.85 -12.04 -22.80
N GLU A 1079 -20.64 -12.61 -22.96
CA GLU A 1079 -20.30 -13.26 -24.22
C GLU A 1079 -21.06 -14.56 -24.41
N VAL A 1080 -21.28 -15.31 -23.34
CA VAL A 1080 -21.85 -16.64 -23.46
C VAL A 1080 -23.30 -16.56 -23.93
N ILE A 1081 -24.10 -15.67 -23.32
CA ILE A 1081 -25.52 -15.64 -23.61
C ILE A 1081 -25.77 -15.15 -25.03
N CYS A 1082 -25.06 -14.11 -25.46
CA CYS A 1082 -25.23 -13.60 -26.82
C CYS A 1082 -24.74 -14.60 -27.86
N SER A 1083 -23.64 -15.31 -27.54
CA SER A 1083 -23.22 -16.41 -28.39
C SER A 1083 -24.24 -17.55 -28.35
N ARG A 1084 -24.93 -17.71 -27.23
CA ARG A 1084 -25.97 -18.74 -27.15
C ARG A 1084 -27.20 -18.35 -27.95
N MET A 1085 -27.60 -17.08 -27.88
CA MET A 1085 -28.75 -16.63 -28.66
C MET A 1085 -28.50 -16.75 -30.16
N ARG A 1086 -27.24 -16.62 -30.59
CA ARG A 1086 -26.91 -16.85 -31.98
C ARG A 1086 -27.03 -18.32 -32.35
N TYR A 1087 -26.49 -19.20 -31.50
CA TYR A 1087 -26.58 -20.64 -31.74
C TYR A 1087 -28.03 -21.10 -31.67
N ILE A 1088 -28.81 -20.55 -30.73
CA ILE A 1088 -30.23 -20.86 -30.66
C ILE A 1088 -30.92 -20.44 -31.95
N SER A 1089 -30.63 -19.22 -32.41
CA SER A 1089 -31.25 -18.71 -33.63
C SER A 1089 -30.90 -19.54 -34.85
N SER A 1090 -29.77 -20.26 -34.83
CA SER A 1090 -29.39 -21.09 -35.96
C SER A 1090 -30.17 -22.40 -36.01
N GLN A 1091 -30.66 -22.87 -34.87
CA GLN A 1091 -31.41 -24.11 -34.77
C GLN A 1091 -32.83 -23.87 -34.28
N ILE A 1092 -33.47 -22.82 -34.80
CA ILE A 1092 -34.79 -22.40 -34.36
C ILE A 1092 -35.73 -22.11 -35.52
N GLU A 1093 -35.29 -22.27 -36.77
CA GLU A 1093 -36.10 -22.08 -37.96
C GLU A 1093 -36.51 -20.62 -38.16
N ARG A 1094 -37.04 -19.98 -37.12
CA ARG A 1094 -37.42 -18.58 -37.19
C ARG A 1094 -36.34 -17.73 -36.53
N PRO A 1095 -35.50 -17.03 -37.29
CA PRO A 1095 -34.34 -16.36 -36.69
C PRO A 1095 -34.74 -15.29 -35.68
N ILE A 1096 -33.88 -15.09 -34.68
CA ILE A 1096 -34.09 -14.11 -33.63
C ILE A 1096 -33.30 -12.85 -33.98
N ARG A 1097 -33.98 -11.71 -33.99
CA ARG A 1097 -33.29 -10.45 -34.25
C ARG A 1097 -32.44 -10.05 -33.05
N ILE A 1098 -31.19 -9.69 -33.31
CA ILE A 1098 -30.24 -9.29 -32.28
C ILE A 1098 -29.83 -7.85 -32.53
N VAL A 1099 -29.99 -7.01 -31.51
CA VAL A 1099 -29.62 -5.60 -31.56
C VAL A 1099 -28.55 -5.35 -30.50
N ALA A 1100 -27.42 -4.79 -30.92
CA ALA A 1100 -26.29 -4.55 -30.03
C ALA A 1100 -26.01 -3.07 -29.93
N LEU A 1101 -25.98 -2.56 -28.71
CA LEU A 1101 -25.62 -1.18 -28.43
C LEU A 1101 -24.30 -1.16 -27.67
N SER A 1102 -23.42 -0.23 -28.03
CA SER A 1102 -22.08 -0.20 -27.46
C SER A 1102 -21.53 1.22 -27.48
N SER A 1103 -20.54 1.44 -26.62
CA SER A 1103 -19.70 2.62 -26.76
C SER A 1103 -18.82 2.49 -28.00
N SER A 1104 -18.19 3.58 -28.38
CA SER A 1104 -17.37 3.60 -29.57
C SER A 1104 -16.25 2.58 -29.48
N LEU A 1105 -16.30 1.57 -30.35
CA LEU A 1105 -15.34 0.47 -30.34
C LEU A 1105 -14.36 0.62 -31.50
N SER A 1106 -13.08 0.37 -31.22
CA SER A 1106 -12.09 0.36 -32.30
C SER A 1106 -12.29 -0.85 -33.20
N ASN A 1107 -12.58 -2.01 -32.63
CA ASN A 1107 -12.83 -3.23 -33.39
C ASN A 1107 -14.31 -3.56 -33.43
N ALA A 1108 -15.12 -2.58 -33.85
CA ALA A 1108 -16.57 -2.79 -33.90
C ALA A 1108 -16.96 -3.77 -34.99
N LYS A 1109 -16.19 -3.85 -36.07
CA LYS A 1109 -16.47 -4.83 -37.12
C LYS A 1109 -16.37 -6.25 -36.60
N ASP A 1110 -15.57 -6.47 -35.55
CA ASP A 1110 -15.48 -7.79 -34.94
C ASP A 1110 -16.77 -8.13 -34.21
N VAL A 1111 -17.30 -7.19 -33.44
CA VAL A 1111 -18.58 -7.41 -32.76
C VAL A 1111 -19.70 -7.60 -33.76
N ALA A 1112 -19.62 -6.90 -34.89
CA ALA A 1112 -20.63 -7.03 -35.93
C ALA A 1112 -20.60 -8.42 -36.57
N HIS A 1113 -19.41 -8.88 -36.95
CA HIS A 1113 -19.28 -10.20 -37.57
C HIS A 1113 -19.63 -11.32 -36.58
N TRP A 1114 -19.35 -11.10 -35.29
CA TRP A 1114 -19.64 -12.13 -34.29
C TRP A 1114 -21.14 -12.25 -34.03
N LEU A 1115 -21.88 -11.15 -34.12
CA LEU A 1115 -23.32 -11.14 -33.84
C LEU A 1115 -24.15 -11.21 -35.12
N GLY A 1116 -23.53 -11.45 -36.26
CA GLY A 1116 -24.26 -11.56 -37.51
C GLY A 1116 -24.86 -10.27 -38.02
N CYS A 1117 -24.17 -9.14 -37.84
CA CYS A 1117 -24.64 -7.86 -38.32
C CYS A 1117 -24.00 -7.60 -39.68
N SER A 1118 -24.85 -7.30 -40.66
CA SER A 1118 -24.33 -6.92 -41.97
C SER A 1118 -23.57 -5.61 -41.87
N ALA A 1119 -22.59 -5.43 -42.75
CA ALA A 1119 -21.76 -4.23 -42.73
C ALA A 1119 -22.59 -2.97 -42.97
N THR A 1120 -23.67 -3.09 -43.75
CA THR A 1120 -24.54 -1.94 -43.97
C THR A 1120 -25.33 -1.59 -42.72
N SER A 1121 -25.57 -2.57 -41.85
CA SER A 1121 -26.28 -2.35 -40.60
C SER A 1121 -25.34 -2.18 -39.41
N THR A 1122 -24.05 -1.99 -39.66
CA THR A 1122 -23.05 -1.79 -38.61
C THR A 1122 -22.73 -0.30 -38.54
N PHE A 1123 -23.16 0.33 -37.45
CA PHE A 1123 -22.94 1.76 -37.24
C PHE A 1123 -21.86 1.92 -36.17
N ASN A 1124 -20.64 2.16 -36.61
CA ASN A 1124 -19.47 2.30 -35.74
C ASN A 1124 -19.08 3.77 -35.71
N PHE A 1125 -19.65 4.51 -34.77
CA PHE A 1125 -19.32 5.92 -34.60
C PHE A 1125 -18.20 6.07 -33.57
N HIS A 1126 -17.44 7.15 -33.70
CA HIS A 1126 -16.32 7.46 -32.84
C HIS A 1126 -16.67 8.61 -31.90
N PRO A 1127 -15.91 8.81 -30.81
CA PRO A 1127 -16.33 9.79 -29.79
C PRO A 1127 -16.54 11.20 -30.30
N ASN A 1128 -16.06 11.54 -31.49
CA ASN A 1128 -16.17 12.92 -31.97
C ASN A 1128 -17.58 13.28 -32.45
N VAL A 1129 -18.46 12.30 -32.61
CA VAL A 1129 -19.79 12.56 -33.17
C VAL A 1129 -20.87 12.59 -32.09
N ARG A 1130 -20.48 12.79 -30.83
CA ARG A 1130 -21.48 12.87 -29.77
C ARG A 1130 -22.40 14.06 -30.02
N PRO A 1131 -23.72 13.89 -29.81
CA PRO A 1131 -24.66 14.99 -30.08
C PRO A 1131 -24.31 16.27 -29.33
N VAL A 1132 -24.18 16.18 -28.02
CA VAL A 1132 -23.70 17.31 -27.23
C VAL A 1132 -22.17 17.25 -27.22
N PRO A 1133 -21.49 18.26 -27.77
CA PRO A 1133 -20.03 18.20 -27.85
C PRO A 1133 -19.40 18.07 -26.48
N LEU A 1134 -18.34 17.28 -26.41
CA LEU A 1134 -17.65 16.96 -25.15
C LEU A 1134 -16.30 17.67 -25.15
N GLU A 1135 -16.12 18.58 -24.21
CA GLU A 1135 -14.85 19.29 -24.01
C GLU A 1135 -14.10 18.59 -22.88
N LEU A 1136 -13.07 17.83 -23.25
CA LEU A 1136 -12.34 16.99 -22.30
C LEU A 1136 -11.02 17.65 -21.92
N HIS A 1137 -10.75 17.71 -20.63
CA HIS A 1137 -9.49 18.22 -20.09
C HIS A 1137 -8.89 17.17 -19.18
N ILE A 1138 -7.60 16.90 -19.34
CA ILE A 1138 -6.89 15.88 -18.56
C ILE A 1138 -5.71 16.56 -17.88
N GLN A 1139 -5.80 16.72 -16.56
CA GLN A 1139 -4.74 17.33 -15.78
C GLN A 1139 -3.91 16.25 -15.09
N GLY A 1140 -2.59 16.37 -15.20
CA GLY A 1140 -1.69 15.47 -14.52
C GLY A 1140 -1.21 16.07 -13.21
N PHE A 1141 -1.00 15.22 -12.22
CA PHE A 1141 -0.56 15.63 -10.89
C PHE A 1141 0.66 14.82 -10.49
N ASN A 1142 1.74 15.52 -10.12
CA ASN A 1142 3.04 14.90 -9.94
C ASN A 1142 3.17 14.10 -8.65
N ILE A 1143 2.35 14.40 -7.64
CA ILE A 1143 2.50 13.77 -6.34
C ILE A 1143 2.16 12.28 -6.43
N SER A 1144 3.03 11.45 -5.86
CA SER A 1144 2.83 10.00 -5.89
C SER A 1144 2.12 9.48 -4.65
N HIS A 1145 2.11 10.23 -3.55
CA HIS A 1145 1.38 9.84 -2.35
C HIS A 1145 -0.09 10.17 -2.54
N THR A 1146 -0.95 9.16 -2.44
CA THR A 1146 -2.36 9.32 -2.81
C THR A 1146 -3.05 10.39 -1.97
N GLN A 1147 -2.90 10.31 -0.65
CA GLN A 1147 -3.56 11.29 0.22
C GLN A 1147 -3.02 12.70 0.00
N THR A 1148 -1.74 12.83 -0.31
CA THR A 1148 -1.18 14.14 -0.61
C THR A 1148 -1.62 14.62 -1.98
N ARG A 1149 -1.73 13.70 -2.95
CA ARG A 1149 -2.20 14.08 -4.28
C ARG A 1149 -3.65 14.53 -4.23
N LEU A 1150 -4.48 13.89 -3.40
CA LEU A 1150 -5.86 14.31 -3.26
C LEU A 1150 -5.95 15.71 -2.70
N LEU A 1151 -5.03 16.07 -1.80
CA LEU A 1151 -5.00 17.43 -1.27
C LEU A 1151 -4.65 18.44 -2.35
N SER A 1152 -3.63 18.13 -3.16
CA SER A 1152 -3.21 19.04 -4.23
C SER A 1152 -4.28 19.27 -5.28
N MET A 1153 -5.33 18.45 -5.29
CA MET A 1153 -6.42 18.58 -6.24
C MET A 1153 -7.67 19.22 -5.62
N ALA A 1154 -7.63 19.56 -4.33
CA ALA A 1154 -8.82 20.08 -3.66
C ALA A 1154 -9.22 21.43 -4.24
N LYS A 1155 -8.33 22.42 -4.14
CA LYS A 1155 -8.63 23.76 -4.65
C LYS A 1155 -8.72 23.80 -6.18
N PRO A 1156 -7.92 23.02 -6.92
CA PRO A 1156 -8.17 22.92 -8.36
C PRO A 1156 -9.57 22.43 -8.72
N VAL A 1157 -10.21 21.66 -7.84
CA VAL A 1157 -11.60 21.26 -8.09
C VAL A 1157 -12.51 22.47 -8.07
N TYR A 1158 -12.34 23.35 -7.08
CA TYR A 1158 -13.14 24.57 -7.03
C TYR A 1158 -12.79 25.50 -8.19
N HIS A 1159 -11.51 25.60 -8.54
CA HIS A 1159 -11.11 26.48 -9.62
C HIS A 1159 -11.60 25.98 -10.98
N ALA A 1160 -11.79 24.67 -11.12
CA ALA A 1160 -12.37 24.14 -12.35
C ALA A 1160 -13.87 24.42 -12.42
N ILE A 1161 -14.54 24.48 -11.27
CA ILE A 1161 -15.96 24.79 -11.25
C ILE A 1161 -16.19 26.23 -11.68
N THR A 1162 -15.45 27.18 -11.11
CA THR A 1162 -15.61 28.59 -11.44
C THR A 1162 -15.16 28.92 -12.86
N LYS A 1163 -14.43 28.02 -13.52
CA LYS A 1163 -13.94 28.26 -14.87
C LYS A 1163 -14.82 27.64 -15.95
N HIS A 1164 -15.14 26.35 -15.81
CA HIS A 1164 -15.86 25.62 -16.86
C HIS A 1164 -17.36 25.63 -16.66
N SER A 1165 -17.85 25.88 -15.44
CA SER A 1165 -19.29 25.92 -15.19
C SER A 1165 -19.57 26.75 -13.95
N PRO A 1166 -19.47 28.08 -14.03
CA PRO A 1166 -19.64 28.90 -12.82
C PRO A 1166 -21.05 28.88 -12.26
N LYS A 1167 -22.06 28.65 -13.10
CA LYS A 1167 -23.44 28.67 -12.64
C LYS A 1167 -24.25 27.44 -13.02
N LYS A 1168 -23.70 26.52 -13.81
CA LYS A 1168 -24.41 25.33 -14.24
C LYS A 1168 -24.02 24.14 -13.38
N PRO A 1169 -24.90 23.12 -13.29
CA PRO A 1169 -24.66 22.03 -12.34
C PRO A 1169 -23.35 21.29 -12.60
N VAL A 1170 -22.75 20.81 -11.51
CA VAL A 1170 -21.46 20.14 -11.53
C VAL A 1170 -21.54 18.85 -10.73
N ILE A 1171 -20.96 17.78 -11.28
CA ILE A 1171 -20.82 16.50 -10.58
C ILE A 1171 -19.33 16.25 -10.33
N VAL A 1172 -18.99 15.87 -9.11
CA VAL A 1172 -17.61 15.55 -8.74
C VAL A 1172 -17.57 14.10 -8.28
N PHE A 1173 -16.78 13.28 -8.96
CA PHE A 1173 -16.59 11.88 -8.61
C PHE A 1173 -15.33 11.74 -7.76
N VAL A 1174 -15.49 11.16 -6.58
CA VAL A 1174 -14.37 10.99 -5.64
C VAL A 1174 -14.16 9.49 -5.45
N PRO A 1175 -12.96 9.08 -5.04
CA PRO A 1175 -12.65 7.65 -4.95
C PRO A 1175 -13.44 6.89 -3.89
N SER A 1176 -13.53 7.42 -2.67
CA SER A 1176 -14.08 6.68 -1.54
C SER A 1176 -15.29 7.40 -0.97
N ARG A 1177 -15.98 6.69 -0.06
CA ARG A 1177 -17.16 7.24 0.59
C ARG A 1177 -16.80 8.38 1.53
N LYS A 1178 -15.68 8.27 2.25
CA LYS A 1178 -15.28 9.31 3.17
C LYS A 1178 -14.91 10.60 2.45
N GLN A 1179 -14.43 10.49 1.20
CA GLN A 1179 -14.05 11.68 0.46
C GLN A 1179 -15.25 12.51 0.00
N THR A 1180 -16.43 11.89 -0.08
CA THR A 1180 -17.63 12.64 -0.47
C THR A 1180 -17.88 13.79 0.50
N ARG A 1181 -17.81 13.52 1.80
CA ARG A 1181 -18.05 14.54 2.79
C ARG A 1181 -16.89 15.54 2.86
N LEU A 1182 -15.66 15.04 2.78
CA LEU A 1182 -14.50 15.91 2.91
C LEU A 1182 -14.40 16.90 1.75
N THR A 1183 -14.62 16.43 0.52
CA THR A 1183 -14.56 17.33 -0.63
C THR A 1183 -15.70 18.34 -0.59
N ALA A 1184 -16.90 17.91 -0.21
CA ALA A 1184 -18.03 18.83 -0.14
C ALA A 1184 -17.77 19.95 0.86
N ILE A 1185 -17.05 19.66 1.94
CA ILE A 1185 -16.69 20.70 2.90
C ILE A 1185 -15.55 21.56 2.35
N ASP A 1186 -14.61 20.95 1.63
CA ASP A 1186 -13.49 21.71 1.07
C ASP A 1186 -13.96 22.68 0.01
N ILE A 1187 -14.89 22.25 -0.85
CA ILE A 1187 -15.43 23.14 -1.87
C ILE A 1187 -16.10 24.34 -1.23
N LEU A 1188 -16.81 24.12 -0.13
CA LEU A 1188 -17.50 25.21 0.55
C LEU A 1188 -16.53 26.12 1.30
N THR A 1189 -15.44 25.56 1.83
CA THR A 1189 -14.45 26.38 2.51
C THR A 1189 -13.76 27.32 1.53
N THR A 1190 -13.40 26.82 0.35
CA THR A 1190 -12.83 27.68 -0.68
C THR A 1190 -13.87 28.69 -1.17
N CYS A 1191 -15.13 28.26 -1.32
CA CYS A 1191 -16.20 29.18 -1.62
C CYS A 1191 -16.39 30.19 -0.51
N ALA A 1192 -16.07 29.80 0.73
CA ALA A 1192 -16.19 30.71 1.87
C ALA A 1192 -15.10 31.77 1.85
N ALA A 1193 -13.85 31.35 1.64
CA ALA A 1193 -12.74 32.30 1.57
C ALA A 1193 -12.86 33.23 0.38
N ASP A 1194 -13.63 32.85 -0.64
CA ASP A 1194 -13.90 33.70 -1.78
C ASP A 1194 -15.05 34.67 -1.54
N ILE A 1195 -15.67 34.63 -0.36
CA ILE A 1195 -16.88 35.37 -0.05
C ILE A 1195 -17.93 35.08 -1.12
N GLN A 1196 -17.95 33.84 -1.59
CA GLN A 1196 -18.95 33.35 -2.51
C GLN A 1196 -19.91 32.38 -1.84
N ARG A 1197 -20.11 32.56 -0.53
CA ARG A 1197 -20.96 31.64 0.23
C ARG A 1197 -22.37 31.65 -0.32
N GLN A 1198 -22.95 30.45 -0.43
CA GLN A 1198 -24.30 30.24 -0.97
C GLN A 1198 -24.41 30.68 -2.43
N ARG A 1199 -23.30 30.63 -3.17
CA ARG A 1199 -23.36 30.88 -4.61
C ARG A 1199 -23.81 29.66 -5.37
N PHE A 1200 -23.51 28.46 -4.86
CA PHE A 1200 -24.03 27.22 -5.42
C PHE A 1200 -25.45 26.91 -4.95
N LEU A 1201 -26.02 27.77 -4.11
CA LEU A 1201 -27.39 27.60 -3.60
C LEU A 1201 -28.30 28.52 -4.40
N HIS A 1202 -29.05 27.94 -5.33
CA HIS A 1202 -29.99 28.69 -6.16
C HIS A 1202 -31.41 28.62 -5.64
N CYS A 1203 -31.65 27.90 -4.55
CA CYS A 1203 -32.94 27.82 -3.90
C CYS A 1203 -32.92 28.65 -2.62
N THR A 1204 -34.02 29.35 -2.36
CA THR A 1204 -34.12 30.13 -1.14
C THR A 1204 -33.93 29.22 0.07
N GLU A 1205 -33.17 29.69 1.05
CA GLU A 1205 -32.86 28.88 2.22
C GLU A 1205 -34.14 28.33 2.85
N LYS A 1206 -35.14 29.19 3.04
CA LYS A 1206 -36.36 28.78 3.71
C LYS A 1206 -37.20 27.80 2.89
N ASP A 1207 -37.00 27.73 1.58
CA ASP A 1207 -37.77 26.84 0.72
C ASP A 1207 -37.11 25.48 0.56
N LEU A 1208 -36.22 25.10 1.48
CA LEU A 1208 -35.54 23.82 1.42
C LEU A 1208 -35.72 22.96 2.67
N ILE A 1209 -36.08 23.57 3.80
CA ILE A 1209 -36.28 22.78 5.03
C ILE A 1209 -37.38 21.73 4.86
N PRO A 1210 -38.47 21.98 4.11
CA PRO A 1210 -39.38 20.86 3.80
C PRO A 1210 -38.66 19.63 3.27
N TYR A 1211 -37.60 19.80 2.48
CA TYR A 1211 -36.78 18.68 2.03
C TYR A 1211 -35.59 18.40 2.93
N LEU A 1212 -35.15 19.38 3.73
CA LEU A 1212 -33.87 19.28 4.41
C LEU A 1212 -33.94 18.44 5.68
N GLU A 1213 -34.99 18.62 6.49
CA GLU A 1213 -35.06 17.94 7.77
C GLU A 1213 -35.60 16.51 7.67
N LYS A 1214 -35.47 15.87 6.51
CA LYS A 1214 -35.77 14.46 6.35
C LYS A 1214 -34.54 13.58 6.46
N LEU A 1215 -33.38 14.16 6.74
CA LEU A 1215 -32.12 13.44 6.69
C LEU A 1215 -31.64 13.08 8.10
N SER A 1216 -30.69 12.15 8.15
CA SER A 1216 -30.04 11.76 9.39
C SER A 1216 -28.65 12.34 9.55
N ASP A 1217 -27.93 12.52 8.45
CA ASP A 1217 -26.58 13.08 8.50
C ASP A 1217 -26.65 14.57 8.80
N SER A 1218 -25.98 14.99 9.87
CA SER A 1218 -25.96 16.41 10.22
C SER A 1218 -25.08 17.20 9.25
N THR A 1219 -23.95 16.64 8.84
CA THR A 1219 -23.07 17.33 7.90
C THR A 1219 -23.75 17.53 6.56
N LEU A 1220 -24.52 16.54 6.10
CA LEU A 1220 -25.22 16.67 4.83
C LEU A 1220 -26.22 17.82 4.86
N LYS A 1221 -26.78 18.13 6.03
CA LYS A 1221 -27.71 19.25 6.14
C LYS A 1221 -27.01 20.58 6.00
N GLU A 1222 -25.82 20.71 6.60
CA GLU A 1222 -25.13 21.99 6.61
C GLU A 1222 -24.62 22.37 5.23
N THR A 1223 -24.02 21.40 4.51
CA THR A 1223 -23.50 21.70 3.18
C THR A 1223 -24.62 21.89 2.17
N LEU A 1224 -25.74 21.18 2.34
CA LEU A 1224 -26.89 21.40 1.48
C LEU A 1224 -27.46 22.80 1.67
N LEU A 1225 -27.31 23.36 2.87
CA LEU A 1225 -27.72 24.74 3.11
C LEU A 1225 -26.90 25.74 2.30
N ASN A 1226 -25.75 25.31 1.78
CA ASN A 1226 -24.88 26.16 0.97
C ASN A 1226 -24.78 25.68 -0.48
N GLY A 1227 -25.75 24.88 -0.92
CA GLY A 1227 -25.81 24.47 -2.32
C GLY A 1227 -24.87 23.36 -2.71
N VAL A 1228 -24.42 22.55 -1.76
CA VAL A 1228 -23.49 21.46 -2.04
C VAL A 1228 -23.98 20.20 -1.34
N GLY A 1229 -24.30 19.18 -2.14
CA GLY A 1229 -24.67 17.88 -1.63
C GLY A 1229 -23.59 16.85 -1.90
N TYR A 1230 -23.86 15.64 -1.41
CA TYR A 1230 -22.98 14.51 -1.70
C TYR A 1230 -23.78 13.22 -1.60
N LEU A 1231 -23.33 12.22 -2.37
CA LEU A 1231 -23.98 10.92 -2.43
C LEU A 1231 -22.94 9.83 -2.20
N HIS A 1232 -23.32 8.82 -1.42
CA HIS A 1232 -22.46 7.66 -1.23
C HIS A 1232 -23.31 6.47 -0.85
N GLU A 1233 -22.68 5.29 -0.89
CA GLU A 1233 -23.37 4.03 -0.67
C GLU A 1233 -23.92 3.89 0.74
N GLY A 1234 -23.38 4.64 1.70
CA GLY A 1234 -23.85 4.58 3.07
C GLY A 1234 -25.07 5.41 3.38
N LEU A 1235 -25.45 6.31 2.48
CA LEU A 1235 -26.65 7.11 2.70
C LEU A 1235 -27.90 6.25 2.61
N SER A 1236 -29.00 6.80 3.10
CA SER A 1236 -30.27 6.10 3.01
C SER A 1236 -30.72 6.03 1.55
N PRO A 1237 -31.47 4.99 1.17
CA PRO A 1237 -32.06 4.97 -0.18
C PRO A 1237 -32.99 6.14 -0.43
N MET A 1238 -33.55 6.75 0.62
CA MET A 1238 -34.41 7.92 0.50
C MET A 1238 -33.59 9.21 0.47
N GLU A 1239 -32.56 9.32 1.31
CA GLU A 1239 -31.75 10.53 1.33
C GLU A 1239 -31.13 10.82 -0.03
N ARG A 1240 -30.74 9.78 -0.75
CA ARG A 1240 -30.14 9.97 -2.06
C ARG A 1240 -31.15 10.57 -3.05
N ARG A 1241 -32.40 10.12 -2.99
CA ARG A 1241 -33.42 10.66 -3.90
C ARG A 1241 -33.69 12.14 -3.61
N LEU A 1242 -33.60 12.54 -2.34
CA LEU A 1242 -33.80 13.96 -2.01
C LEU A 1242 -32.66 14.81 -2.56
N VAL A 1243 -31.42 14.31 -2.46
CA VAL A 1243 -30.29 15.07 -2.99
C VAL A 1243 -30.29 15.03 -4.51
N GLU A 1244 -30.70 13.91 -5.11
CA GLU A 1244 -30.79 13.82 -6.56
C GLU A 1244 -31.86 14.75 -7.11
N GLN A 1245 -32.98 14.89 -6.39
CA GLN A 1245 -34.06 15.75 -6.86
C GLN A 1245 -33.70 17.22 -6.67
N LEU A 1246 -33.00 17.56 -5.59
CA LEU A 1246 -32.57 18.94 -5.39
C LEU A 1246 -31.52 19.35 -6.41
N PHE A 1247 -30.72 18.39 -6.89
CA PHE A 1247 -29.71 18.69 -7.89
C PHE A 1247 -30.34 18.92 -9.26
N SER A 1248 -31.22 18.01 -9.68
CA SER A 1248 -31.88 18.16 -10.97
C SER A 1248 -32.83 19.36 -10.97
N SER A 1249 -33.34 19.75 -9.80
CA SER A 1249 -34.18 20.93 -9.70
C SER A 1249 -33.41 22.23 -9.86
N GLY A 1250 -32.08 22.18 -9.79
CA GLY A 1250 -31.28 23.39 -9.79
C GLY A 1250 -31.17 24.06 -8.44
N ALA A 1251 -31.75 23.47 -7.39
CA ALA A 1251 -31.65 24.04 -6.05
C ALA A 1251 -30.19 24.09 -5.59
N ILE A 1252 -29.50 22.96 -5.66
CA ILE A 1252 -28.07 22.89 -5.37
C ILE A 1252 -27.33 22.74 -6.69
N GLN A 1253 -26.14 23.35 -6.78
CA GLN A 1253 -25.38 23.37 -8.01
C GLN A 1253 -24.32 22.28 -8.09
N VAL A 1254 -23.76 21.87 -6.95
CA VAL A 1254 -22.68 20.89 -6.92
C VAL A 1254 -23.09 19.73 -6.02
N VAL A 1255 -22.81 18.51 -6.48
CA VAL A 1255 -22.97 17.32 -5.66
C VAL A 1255 -21.73 16.45 -5.87
N VAL A 1256 -21.26 15.83 -4.79
CA VAL A 1256 -20.02 15.07 -4.79
C VAL A 1256 -20.38 13.59 -4.62
N ALA A 1257 -20.25 12.82 -5.69
CA ALA A 1257 -20.64 11.42 -5.70
C ALA A 1257 -19.42 10.51 -5.58
N SER A 1258 -19.60 9.39 -4.91
CA SER A 1258 -18.54 8.40 -4.78
C SER A 1258 -18.35 7.67 -6.10
N ARG A 1259 -17.23 6.94 -6.20
CA ARG A 1259 -16.89 6.25 -7.43
C ARG A 1259 -17.85 5.09 -7.71
N SER A 1260 -18.25 4.37 -6.66
CA SER A 1260 -19.07 3.18 -6.83
C SER A 1260 -20.50 3.47 -7.24
N LEU A 1261 -20.92 4.73 -7.23
CA LEU A 1261 -22.28 5.11 -7.59
C LEU A 1261 -22.40 5.58 -9.03
N CYS A 1262 -21.33 5.46 -9.83
CA CYS A 1262 -21.34 6.03 -11.17
C CYS A 1262 -22.30 5.33 -12.13
N TRP A 1263 -22.74 4.11 -11.79
CA TRP A 1263 -23.63 3.37 -12.68
C TRP A 1263 -25.10 3.52 -12.33
N GLY A 1264 -25.42 4.01 -11.14
CA GLY A 1264 -26.81 4.19 -10.74
C GLY A 1264 -27.16 5.62 -10.39
N MET A 1265 -26.69 6.57 -11.18
CA MET A 1265 -26.88 8.00 -10.95
C MET A 1265 -27.91 8.51 -11.95
N ASN A 1266 -29.07 8.93 -11.46
CA ASN A 1266 -30.16 9.41 -12.30
C ASN A 1266 -30.17 10.93 -12.42
N VAL A 1267 -28.99 11.55 -12.48
CA VAL A 1267 -28.88 12.99 -12.67
C VAL A 1267 -27.72 13.27 -13.61
N ALA A 1268 -27.87 14.32 -14.42
CA ALA A 1268 -26.85 14.77 -15.33
C ALA A 1268 -26.48 16.22 -15.01
N ALA A 1269 -25.33 16.65 -15.50
CA ALA A 1269 -24.84 17.99 -15.21
C ALA A 1269 -24.05 18.51 -16.41
N HIS A 1270 -23.62 19.77 -16.30
CA HIS A 1270 -22.87 20.44 -17.35
C HIS A 1270 -21.37 20.22 -17.24
N LEU A 1271 -20.86 20.05 -16.03
CA LEU A 1271 -19.44 19.81 -15.80
C LEU A 1271 -19.27 18.61 -14.88
N VAL A 1272 -18.39 17.69 -15.26
CA VAL A 1272 -18.06 16.53 -14.44
C VAL A 1272 -16.57 16.59 -14.12
N ILE A 1273 -16.24 16.51 -12.83
CA ILE A 1273 -14.87 16.54 -12.36
C ILE A 1273 -14.55 15.18 -11.74
N ILE A 1274 -13.61 14.46 -12.32
CA ILE A 1274 -13.17 13.17 -11.83
C ILE A 1274 -11.95 13.42 -10.94
N MET A 1275 -12.15 13.38 -9.63
CA MET A 1275 -11.07 13.61 -8.67
C MET A 1275 -10.32 12.31 -8.46
N ASP A 1276 -9.19 12.16 -9.18
CA ASP A 1276 -8.30 11.01 -9.11
C ASP A 1276 -8.94 9.78 -9.72
N THR A 1277 -8.11 8.84 -10.18
CA THR A 1277 -8.57 7.64 -10.89
C THR A 1277 -8.09 6.36 -10.20
N GLN A 1278 -7.94 6.41 -8.88
CA GLN A 1278 -7.51 5.26 -8.10
C GLN A 1278 -8.40 5.10 -6.89
N TYR A 1279 -8.52 3.86 -6.41
CA TYR A 1279 -9.24 3.57 -5.19
C TYR A 1279 -8.53 2.46 -4.43
N TYR A 1280 -8.56 2.55 -3.10
CA TYR A 1280 -7.92 1.56 -2.25
C TYR A 1280 -8.83 0.35 -2.08
N ASN A 1281 -8.27 -0.83 -2.30
CA ASN A 1281 -8.99 -2.10 -2.15
C ASN A 1281 -8.55 -2.76 -0.85
N GLY A 1282 -9.49 -2.95 0.06
CA GLY A 1282 -9.21 -3.54 1.36
C GLY A 1282 -8.95 -5.03 1.34
N LYS A 1283 -8.97 -5.67 0.17
CA LYS A 1283 -8.68 -7.09 0.07
C LYS A 1283 -7.22 -7.35 -0.24
N ILE A 1284 -6.70 -6.73 -1.31
CA ILE A 1284 -5.29 -6.86 -1.65
C ILE A 1284 -4.42 -5.81 -0.97
N HIS A 1285 -5.03 -4.88 -0.22
CA HIS A 1285 -4.30 -3.84 0.51
C HIS A 1285 -3.44 -3.01 -0.44
N ALA A 1286 -4.05 -2.55 -1.53
CA ALA A 1286 -3.33 -1.76 -2.52
C ALA A 1286 -4.32 -0.91 -3.30
N TYR A 1287 -3.81 0.18 -3.88
CA TYR A 1287 -4.61 1.05 -4.72
C TYR A 1287 -4.79 0.43 -6.10
N VAL A 1288 -6.01 0.47 -6.61
CA VAL A 1288 -6.36 -0.10 -7.90
C VAL A 1288 -6.84 1.02 -8.82
N ASP A 1289 -6.37 1.00 -10.06
CA ASP A 1289 -6.81 1.97 -11.04
C ASP A 1289 -8.28 1.79 -11.38
N TYR A 1290 -8.93 2.88 -11.74
CA TYR A 1290 -10.31 2.81 -12.22
C TYR A 1290 -10.35 1.96 -13.50
N PRO A 1291 -11.34 1.10 -13.64
CA PRO A 1291 -11.57 0.48 -14.96
C PRO A 1291 -11.94 1.55 -15.97
N ILE A 1292 -11.41 1.41 -17.20
CA ILE A 1292 -11.68 2.38 -18.24
C ILE A 1292 -13.17 2.49 -18.51
N TYR A 1293 -13.92 1.42 -18.23
CA TYR A 1293 -15.36 1.45 -18.41
C TYR A 1293 -16.04 2.35 -17.38
N ASP A 1294 -15.49 2.45 -16.17
CA ASP A 1294 -16.03 3.36 -15.18
C ASP A 1294 -15.80 4.81 -15.57
N VAL A 1295 -14.62 5.11 -16.14
CA VAL A 1295 -14.30 6.48 -16.52
C VAL A 1295 -15.21 6.93 -17.67
N LEU A 1296 -15.43 6.06 -18.65
CA LEU A 1296 -16.35 6.40 -19.74
C LEU A 1296 -17.75 6.68 -19.23
N GLN A 1297 -18.17 5.93 -18.20
CA GLN A 1297 -19.50 6.15 -17.63
C GLN A 1297 -19.58 7.48 -16.91
N MET A 1298 -18.49 7.88 -16.23
CA MET A 1298 -18.48 9.16 -15.52
C MET A 1298 -18.54 10.33 -16.49
N VAL A 1299 -17.78 10.26 -17.59
CA VAL A 1299 -17.80 11.32 -18.59
C VAL A 1299 -19.18 11.41 -19.23
N GLY A 1300 -19.90 10.30 -19.32
CA GLY A 1300 -21.23 10.30 -19.90
C GLY A 1300 -22.23 11.14 -19.12
N HIS A 1301 -21.95 11.44 -17.86
CA HIS A 1301 -22.82 12.29 -17.06
C HIS A 1301 -22.69 13.77 -17.41
N ALA A 1302 -21.67 14.15 -18.17
CA ALA A 1302 -21.50 15.53 -18.62
C ALA A 1302 -22.17 15.70 -19.99
N ASN A 1303 -23.50 15.59 -19.98
CA ASN A 1303 -24.28 15.64 -21.21
C ASN A 1303 -25.71 16.00 -20.87
N ARG A 1304 -26.14 17.19 -21.26
CA ARG A 1304 -27.53 17.63 -21.09
C ARG A 1304 -28.02 18.13 -22.44
N PRO A 1305 -28.75 17.30 -23.20
CA PRO A 1305 -29.07 17.66 -24.59
C PRO A 1305 -29.91 18.92 -24.73
N LEU A 1306 -30.89 19.12 -23.86
CA LEU A 1306 -31.81 20.25 -23.96
C LEU A 1306 -31.59 21.26 -22.85
N GLN A 1307 -30.33 21.49 -22.48
CA GLN A 1307 -30.00 22.44 -21.42
C GLN A 1307 -28.73 23.21 -21.76
N ASP A 1308 -27.70 22.51 -22.23
CA ASP A 1308 -26.41 23.12 -22.51
C ASP A 1308 -26.02 22.88 -23.97
N ASP A 1309 -25.25 23.82 -24.51
CA ASP A 1309 -24.71 23.67 -25.86
C ASP A 1309 -23.49 22.77 -25.91
N GLU A 1310 -22.95 22.37 -24.76
CA GLU A 1310 -21.75 21.55 -24.72
C GLU A 1310 -21.68 20.83 -23.38
N GLY A 1311 -20.84 19.82 -23.33
CA GLY A 1311 -20.54 19.11 -22.09
C GLY A 1311 -19.05 19.19 -21.80
N ARG A 1312 -18.71 19.43 -20.54
CA ARG A 1312 -17.33 19.60 -20.12
C ARG A 1312 -16.99 18.60 -19.02
N CYS A 1313 -15.79 18.04 -19.09
CA CYS A 1313 -15.32 17.12 -18.06
C CYS A 1313 -13.83 17.32 -17.85
N VAL A 1314 -13.43 17.51 -16.60
CA VAL A 1314 -12.03 17.65 -16.22
C VAL A 1314 -11.64 16.41 -15.42
N ILE A 1315 -10.61 15.72 -15.90
CA ILE A 1315 -10.10 14.52 -15.24
C ILE A 1315 -8.75 14.87 -14.61
N MET A 1316 -8.68 14.83 -13.29
CA MET A 1316 -7.45 15.09 -12.55
C MET A 1316 -6.85 13.74 -12.17
N CYS A 1317 -5.80 13.34 -12.88
CA CYS A 1317 -5.17 12.04 -12.67
C CYS A 1317 -3.73 12.24 -12.23
N GLN A 1318 -3.09 11.11 -11.89
CA GLN A 1318 -1.66 11.12 -11.67
C GLN A 1318 -0.94 11.31 -12.99
N GLY A 1319 0.26 11.91 -12.94
CA GLY A 1319 0.97 12.25 -14.15
C GLY A 1319 1.28 11.03 -15.02
N SER A 1320 1.57 9.90 -14.38
CA SER A 1320 1.95 8.70 -15.15
C SER A 1320 0.77 8.13 -15.92
N LYS A 1321 -0.46 8.34 -15.44
CA LYS A 1321 -1.65 7.81 -16.08
C LYS A 1321 -2.25 8.75 -17.11
N LYS A 1322 -1.62 9.90 -17.36
CA LYS A 1322 -2.20 10.87 -18.27
C LYS A 1322 -2.17 10.38 -19.71
N ASP A 1323 -1.08 9.74 -20.12
CA ASP A 1323 -0.97 9.26 -21.49
C ASP A 1323 -1.97 8.14 -21.77
N PHE A 1324 -2.30 7.35 -20.75
CA PHE A 1324 -3.24 6.25 -20.94
C PHE A 1324 -4.64 6.76 -21.26
N PHE A 1325 -5.10 7.78 -20.53
CA PHE A 1325 -6.46 8.28 -20.75
C PHE A 1325 -6.58 9.01 -22.08
N LYS A 1326 -5.54 9.73 -22.49
CA LYS A 1326 -5.59 10.41 -23.78
C LYS A 1326 -5.74 9.43 -24.93
N LYS A 1327 -5.09 8.27 -24.83
CA LYS A 1327 -5.16 7.27 -25.90
C LYS A 1327 -6.46 6.48 -25.88
N PHE A 1328 -7.15 6.41 -24.74
CA PHE A 1328 -8.34 5.58 -24.61
C PHE A 1328 -9.59 6.39 -24.28
N LEU A 1329 -9.55 7.70 -24.45
CA LEU A 1329 -10.74 8.55 -24.36
C LEU A 1329 -11.00 9.36 -25.61
N TYR A 1330 -9.95 9.87 -26.26
CA TYR A 1330 -10.13 10.60 -27.51
C TYR A 1330 -10.44 9.66 -28.68
N GLU A 1331 -10.11 8.38 -28.54
CA GLU A 1331 -10.27 7.39 -29.60
C GLU A 1331 -11.23 6.29 -29.16
N PRO A 1332 -11.77 5.53 -30.11
CA PRO A 1332 -12.61 4.39 -29.73
C PRO A 1332 -11.83 3.36 -28.91
N LEU A 1333 -12.56 2.60 -28.11
CA LEU A 1333 -11.96 1.68 -27.16
C LEU A 1333 -11.84 0.30 -27.77
N PRO A 1334 -10.65 -0.29 -27.83
CA PRO A 1334 -10.55 -1.71 -28.21
C PRO A 1334 -10.95 -2.60 -27.06
N VAL A 1335 -11.68 -3.67 -27.38
CA VAL A 1335 -12.17 -4.60 -26.38
C VAL A 1335 -11.75 -6.01 -26.78
N GLU A 1336 -11.24 -6.76 -25.81
CA GLU A 1336 -10.90 -8.15 -25.98
C GLU A 1336 -11.86 -9.02 -25.16
N SER A 1337 -11.64 -10.33 -25.20
CA SER A 1337 -12.42 -11.25 -24.40
C SER A 1337 -11.51 -12.02 -23.46
N HIS A 1338 -12.12 -12.54 -22.39
CA HIS A 1338 -11.41 -13.32 -21.39
C HIS A 1338 -12.20 -14.57 -21.03
N LEU A 1339 -12.97 -15.08 -21.99
CA LEU A 1339 -13.75 -16.30 -21.76
C LEU A 1339 -12.84 -17.50 -21.54
N ASP A 1340 -11.63 -17.48 -22.10
CA ASP A 1340 -10.68 -18.58 -21.93
C ASP A 1340 -10.19 -18.70 -20.49
N HIS A 1341 -10.41 -17.69 -19.65
CA HIS A 1341 -9.99 -17.72 -18.26
C HIS A 1341 -11.10 -18.17 -17.32
N CYS A 1342 -12.27 -18.54 -17.85
CA CYS A 1342 -13.35 -19.09 -17.05
C CYS A 1342 -14.27 -19.94 -17.92
N MET A 1343 -13.72 -21.04 -18.47
CA MET A 1343 -14.46 -21.88 -19.39
C MET A 1343 -15.18 -23.04 -18.71
N HIS A 1344 -14.84 -23.35 -17.47
CA HIS A 1344 -15.31 -24.58 -16.84
C HIS A 1344 -16.82 -24.55 -16.62
N ASP A 1345 -17.33 -23.48 -16.03
CA ASP A 1345 -18.75 -23.44 -15.68
C ASP A 1345 -19.65 -23.46 -16.90
N HIS A 1346 -19.20 -22.87 -18.02
CA HIS A 1346 -20.02 -22.85 -19.22
C HIS A 1346 -19.88 -24.15 -20.01
N PHE A 1347 -18.67 -24.72 -20.06
CA PHE A 1347 -18.51 -26.02 -20.70
C PHE A 1347 -19.34 -27.08 -20.01
N ASN A 1348 -19.36 -27.06 -18.67
CA ASN A 1348 -20.17 -28.01 -17.92
C ASN A 1348 -21.66 -27.83 -18.23
N ALA A 1349 -22.09 -26.58 -18.40
CA ALA A 1349 -23.50 -26.31 -18.70
C ALA A 1349 -23.89 -26.85 -20.06
N GLU A 1350 -23.04 -26.66 -21.06
CA GLU A 1350 -23.35 -27.14 -22.41
C GLU A 1350 -23.29 -28.65 -22.51
N ILE A 1351 -22.57 -29.33 -21.59
CA ILE A 1351 -22.56 -30.78 -21.59
C ILE A 1351 -23.82 -31.33 -20.92
N VAL A 1352 -24.36 -30.61 -19.94
CA VAL A 1352 -25.58 -31.06 -19.27
C VAL A 1352 -26.75 -31.05 -20.24
N THR A 1353 -26.87 -29.99 -21.04
CA THR A 1353 -27.93 -29.88 -22.03
C THR A 1353 -27.56 -30.52 -23.36
N LYS A 1354 -26.47 -31.29 -23.41
CA LYS A 1354 -26.09 -32.11 -24.55
C LYS A 1354 -25.76 -31.30 -25.79
N THR A 1355 -25.37 -30.04 -25.63
CA THR A 1355 -24.85 -29.28 -26.76
C THR A 1355 -23.42 -29.69 -27.10
N ILE A 1356 -22.65 -30.10 -26.09
CA ILE A 1356 -21.29 -30.60 -26.28
C ILE A 1356 -21.28 -32.05 -25.83
N GLU A 1357 -21.16 -32.97 -26.79
CA GLU A 1357 -21.14 -34.39 -26.50
C GLU A 1357 -19.78 -35.03 -26.68
N ASN A 1358 -18.88 -34.41 -27.45
CA ASN A 1358 -17.53 -34.92 -27.65
C ASN A 1358 -16.56 -33.74 -27.64
N LYS A 1359 -15.27 -34.05 -27.76
CA LYS A 1359 -14.26 -33.00 -27.75
C LYS A 1359 -14.32 -32.14 -29.01
N GLN A 1360 -14.78 -32.71 -30.12
CA GLN A 1360 -14.95 -31.90 -31.33
C GLN A 1360 -16.10 -30.91 -31.17
N ASP A 1361 -17.14 -31.28 -30.43
CA ASP A 1361 -18.22 -30.33 -30.17
C ASP A 1361 -17.73 -29.12 -29.40
N ALA A 1362 -16.80 -29.34 -28.45
CA ALA A 1362 -16.27 -28.22 -27.68
C ALA A 1362 -15.53 -27.23 -28.56
N VAL A 1363 -14.77 -27.72 -29.54
CA VAL A 1363 -14.10 -26.84 -30.48
C VAL A 1363 -15.13 -26.15 -31.37
N ASP A 1364 -16.14 -26.89 -31.84
CA ASP A 1364 -17.20 -26.29 -32.63
C ASP A 1364 -17.98 -25.26 -31.81
N TYR A 1365 -18.17 -25.55 -30.52
CA TYR A 1365 -18.87 -24.60 -29.65
C TYR A 1365 -18.12 -23.28 -29.54
N LEU A 1366 -16.78 -23.34 -29.52
CA LEU A 1366 -15.98 -22.13 -29.36
C LEU A 1366 -16.04 -21.23 -30.59
N THR A 1367 -16.34 -21.78 -31.77
CA THR A 1367 -16.37 -20.98 -33.00
C THR A 1367 -17.50 -19.95 -33.00
N TRP A 1368 -18.39 -19.98 -32.03
CA TRP A 1368 -19.51 -19.05 -31.94
C TRP A 1368 -19.25 -17.88 -30.99
N THR A 1369 -18.03 -17.78 -30.44
CA THR A 1369 -17.74 -16.80 -29.41
C THR A 1369 -16.94 -15.63 -29.97
N PHE A 1370 -16.69 -14.65 -29.09
CA PHE A 1370 -15.91 -13.45 -29.44
C PHE A 1370 -14.43 -13.63 -29.12
N LEU A 1371 -14.10 -14.26 -28.00
CA LEU A 1371 -12.75 -14.68 -27.65
C LEU A 1371 -12.09 -15.31 -28.86
N TYR A 1372 -12.90 -16.07 -29.57
CA TYR A 1372 -12.48 -16.93 -30.66
C TYR A 1372 -12.09 -16.11 -31.87
N ARG A 1373 -12.93 -15.15 -32.25
CA ARG A 1373 -12.66 -14.32 -33.41
C ARG A 1373 -11.46 -13.42 -33.17
N ARG A 1374 -11.29 -12.93 -31.94
CA ARG A 1374 -10.18 -12.04 -31.64
C ARG A 1374 -8.84 -12.76 -31.64
N MET A 1375 -8.84 -14.10 -31.61
CA MET A 1375 -7.60 -14.85 -31.63
C MET A 1375 -6.84 -14.69 -32.94
N THR A 1376 -7.54 -14.33 -34.03
CA THR A 1376 -6.89 -14.11 -35.31
C THR A 1376 -6.50 -12.65 -35.52
N GLN A 1377 -7.22 -11.72 -34.89
CA GLN A 1377 -6.91 -10.31 -35.05
C GLN A 1377 -5.78 -9.85 -34.14
N ASN A 1378 -5.67 -10.43 -32.95
CA ASN A 1378 -4.61 -10.10 -31.99
C ASN A 1378 -4.16 -11.39 -31.32
N PRO A 1379 -3.34 -12.18 -31.99
CA PRO A 1379 -2.98 -13.51 -31.45
C PRO A 1379 -2.10 -13.44 -30.21
N ASN A 1380 -1.21 -12.44 -30.12
CA ASN A 1380 -0.31 -12.38 -28.97
C ASN A 1380 -1.05 -12.10 -27.68
N TYR A 1381 -2.21 -11.43 -27.75
CA TYR A 1381 -2.98 -11.16 -26.54
C TYR A 1381 -3.45 -12.44 -25.87
N TYR A 1382 -3.72 -13.48 -26.65
CA TYR A 1382 -4.20 -14.76 -26.13
C TYR A 1382 -3.12 -15.82 -26.16
N ASN A 1383 -1.84 -15.41 -26.19
CA ASN A 1383 -0.70 -16.32 -26.17
C ASN A 1383 -0.69 -17.24 -27.40
N LEU A 1384 -0.80 -16.64 -28.57
CA LEU A 1384 -0.62 -17.32 -29.84
C LEU A 1384 0.55 -16.69 -30.58
N GLN A 1385 1.34 -17.52 -31.26
CA GLN A 1385 2.47 -17.05 -32.04
C GLN A 1385 2.17 -16.97 -33.53
N GLY A 1386 0.98 -17.37 -33.95
CA GLY A 1386 0.60 -17.27 -35.35
C GLY A 1386 -0.89 -17.40 -35.51
N ILE A 1387 -1.39 -16.86 -36.62
CA ILE A 1387 -2.81 -16.94 -36.95
C ILE A 1387 -3.10 -18.07 -37.93
N SER A 1388 -2.12 -18.93 -38.20
CA SER A 1388 -2.34 -20.05 -39.10
C SER A 1388 -3.43 -20.96 -38.56
N HIS A 1389 -4.24 -21.50 -39.47
CA HIS A 1389 -5.39 -22.30 -39.06
C HIS A 1389 -5.00 -23.56 -38.32
N ARG A 1390 -3.72 -23.93 -38.32
CA ARG A 1390 -3.20 -24.96 -37.43
C ARG A 1390 -2.75 -24.39 -36.08
N HIS A 1391 -2.30 -23.13 -36.08
CA HIS A 1391 -1.89 -22.49 -34.83
C HIS A 1391 -3.05 -22.41 -33.85
N LEU A 1392 -4.21 -21.91 -34.30
CA LEU A 1392 -5.35 -21.78 -33.42
C LEU A 1392 -6.11 -23.09 -33.23
N SER A 1393 -6.01 -24.02 -34.19
CA SER A 1393 -6.63 -25.33 -33.99
C SER A 1393 -6.00 -26.06 -32.82
N ASP A 1394 -4.67 -25.95 -32.68
CA ASP A 1394 -4.00 -26.52 -31.51
C ASP A 1394 -4.32 -25.72 -30.25
N HIS A 1395 -4.44 -24.41 -30.39
CA HIS A 1395 -4.71 -23.56 -29.22
C HIS A 1395 -6.09 -23.84 -28.65
N LEU A 1396 -7.09 -24.06 -29.51
CA LEU A 1396 -8.41 -24.40 -29.02
C LEU A 1396 -8.45 -25.79 -28.40
N SER A 1397 -7.74 -26.74 -29.02
CA SER A 1397 -7.72 -28.11 -28.50
C SER A 1397 -7.10 -28.16 -27.12
N GLU A 1398 -6.03 -27.39 -26.90
CA GLU A 1398 -5.40 -27.34 -25.59
C GLU A 1398 -6.36 -26.76 -24.55
N LEU A 1399 -7.04 -25.67 -24.91
CA LEU A 1399 -8.05 -25.10 -24.02
C LEU A 1399 -9.18 -26.10 -23.79
N VAL A 1400 -9.53 -26.87 -24.81
CA VAL A 1400 -10.57 -27.89 -24.66
C VAL A 1400 -10.10 -29.01 -23.76
N GLU A 1401 -8.87 -29.49 -23.97
CA GLU A 1401 -8.34 -30.58 -23.15
C GLU A 1401 -8.19 -30.16 -21.70
N GLN A 1402 -7.71 -28.94 -21.46
CA GLN A 1402 -7.49 -28.49 -20.09
C GLN A 1402 -8.80 -28.28 -19.35
N THR A 1403 -9.81 -27.75 -20.03
CA THR A 1403 -11.09 -27.49 -19.37
C THR A 1403 -11.84 -28.78 -19.07
N LEU A 1404 -11.81 -29.74 -20.00
CA LEU A 1404 -12.52 -31.00 -19.79
C LEU A 1404 -11.80 -31.87 -18.76
N SER A 1405 -10.48 -31.75 -18.65
CA SER A 1405 -9.75 -32.54 -17.67
C SER A 1405 -10.04 -32.08 -16.24
N ASP A 1406 -10.26 -30.78 -16.04
CA ASP A 1406 -10.60 -30.28 -14.72
C ASP A 1406 -12.02 -30.67 -14.34
N LEU A 1407 -12.94 -30.66 -15.31
CA LEU A 1407 -14.32 -31.04 -15.03
C LEU A 1407 -14.42 -32.53 -14.70
N GLU A 1408 -13.66 -33.36 -15.41
CA GLU A 1408 -13.62 -34.79 -15.07
C GLU A 1408 -12.92 -35.04 -13.74
N GLN A 1409 -11.95 -34.19 -13.40
CA GLN A 1409 -11.26 -34.33 -12.11
C GLN A 1409 -12.23 -34.09 -10.96
N SER A 1410 -13.08 -33.07 -11.08
CA SER A 1410 -14.06 -32.76 -10.06
C SER A 1410 -15.33 -33.61 -10.16
N LYS A 1411 -15.30 -34.67 -10.98
CA LYS A 1411 -16.38 -35.65 -11.06
C LYS A 1411 -17.70 -35.04 -11.52
N CYS A 1412 -17.64 -34.05 -12.40
CA CYS A 1412 -18.84 -33.47 -12.98
C CYS A 1412 -19.16 -33.98 -14.37
N ILE A 1413 -18.13 -34.38 -15.13
CA ILE A 1413 -18.32 -34.99 -16.44
C ILE A 1413 -17.53 -36.29 -16.49
N SER A 1414 -17.87 -37.13 -17.47
CA SER A 1414 -17.21 -38.40 -17.67
C SER A 1414 -16.63 -38.43 -19.09
N ILE A 1415 -15.33 -38.67 -19.19
CA ILE A 1415 -14.64 -38.75 -20.48
C ILE A 1415 -14.41 -40.21 -20.82
N GLU A 1416 -14.84 -40.62 -22.01
CA GLU A 1416 -14.70 -41.99 -22.48
C GLU A 1416 -13.87 -42.02 -23.75
N ASP A 1417 -12.82 -42.84 -23.75
CA ASP A 1417 -11.92 -42.99 -24.88
C ASP A 1417 -11.27 -41.67 -25.28
N GLU A 1418 -11.12 -40.76 -24.31
CA GLU A 1418 -10.51 -39.45 -24.53
C GLU A 1418 -11.20 -38.70 -25.67
N MET A 1419 -12.52 -38.89 -25.81
CA MET A 1419 -13.25 -38.26 -26.91
C MET A 1419 -14.66 -37.87 -26.49
N ASP A 1420 -15.46 -38.84 -26.05
CA ASP A 1420 -16.85 -38.59 -25.69
C ASP A 1420 -16.94 -38.10 -24.25
N VAL A 1421 -17.79 -37.09 -24.04
CA VAL A 1421 -18.03 -36.52 -22.73
C VAL A 1421 -19.52 -36.61 -22.41
N ALA A 1422 -19.83 -36.76 -21.12
CA ALA A 1422 -21.21 -36.89 -20.67
C ALA A 1422 -21.32 -36.31 -19.27
N PRO A 1423 -22.43 -35.65 -18.95
CA PRO A 1423 -22.57 -35.03 -17.64
C PRO A 1423 -22.87 -36.04 -16.54
N LEU A 1424 -22.37 -35.74 -15.35
CA LEU A 1424 -22.65 -36.54 -14.16
C LEU A 1424 -23.69 -35.82 -13.30
N ASN A 1425 -24.06 -36.45 -12.20
CA ASN A 1425 -25.08 -35.86 -11.33
C ASN A 1425 -24.60 -34.55 -10.73
N LEU A 1426 -23.31 -34.46 -10.38
CA LEU A 1426 -22.77 -33.22 -9.84
C LEU A 1426 -22.82 -32.10 -10.88
N GLY A 1427 -22.41 -32.41 -12.12
CA GLY A 1427 -22.43 -31.40 -13.16
C GLY A 1427 -23.82 -30.92 -13.50
N MET A 1428 -24.80 -31.83 -13.46
CA MET A 1428 -26.18 -31.43 -13.73
C MET A 1428 -26.74 -30.56 -12.61
N ILE A 1429 -26.23 -30.70 -11.40
CA ILE A 1429 -26.67 -29.86 -10.30
C ILE A 1429 -26.07 -28.47 -10.40
N ALA A 1430 -24.76 -28.39 -10.67
CA ALA A 1430 -24.09 -27.09 -10.74
C ALA A 1430 -24.60 -26.27 -11.92
N ALA A 1431 -24.93 -26.92 -13.03
CA ALA A 1431 -25.45 -26.19 -14.18
C ALA A 1431 -26.89 -25.75 -13.97
N TYR A 1432 -27.65 -26.48 -13.15
CA TYR A 1432 -29.05 -26.16 -12.94
C TYR A 1432 -29.21 -24.98 -11.99
N TYR A 1433 -28.52 -25.00 -10.85
CA TYR A 1433 -28.64 -23.95 -9.85
C TYR A 1433 -27.58 -22.86 -10.02
N TYR A 1434 -26.83 -22.87 -11.11
CA TYR A 1434 -25.86 -21.82 -11.44
C TYR A 1434 -24.83 -21.67 -10.33
N ILE A 1435 -24.04 -22.72 -10.14
CA ILE A 1435 -23.04 -22.77 -9.07
C ILE A 1435 -21.70 -23.18 -9.68
N ASN A 1436 -20.63 -22.59 -9.16
CA ASN A 1436 -19.28 -22.93 -9.63
C ASN A 1436 -18.99 -24.40 -9.42
N TYR A 1437 -18.27 -24.99 -10.37
CA TYR A 1437 -17.96 -26.42 -10.28
C TYR A 1437 -17.01 -26.72 -9.13
N THR A 1438 -16.20 -25.74 -8.71
CA THR A 1438 -15.36 -25.94 -7.53
C THR A 1438 -16.20 -26.04 -6.27
N THR A 1439 -17.28 -25.26 -6.19
CA THR A 1439 -18.16 -25.33 -5.02
C THR A 1439 -18.88 -26.68 -4.95
N ILE A 1440 -19.35 -27.19 -6.10
CA ILE A 1440 -20.08 -28.45 -6.12
C ILE A 1440 -19.17 -29.62 -5.80
N GLU A 1441 -17.85 -29.48 -5.97
CA GLU A 1441 -16.93 -30.55 -5.59
C GLU A 1441 -16.67 -30.53 -4.09
N LEU A 1442 -16.42 -29.36 -3.51
CA LEU A 1442 -16.26 -29.25 -2.07
C LEU A 1442 -17.55 -29.63 -1.35
N PHE A 1443 -18.71 -29.37 -1.97
CA PHE A 1443 -19.97 -29.80 -1.39
C PHE A 1443 -20.06 -31.33 -1.33
N SER A 1444 -19.66 -32.00 -2.40
CA SER A 1444 -19.86 -33.44 -2.51
C SER A 1444 -18.97 -34.24 -1.56
N MET A 1445 -17.91 -33.64 -1.02
CA MET A 1445 -16.95 -34.36 -0.19
C MET A 1445 -17.06 -34.00 1.29
N SER A 1446 -18.12 -33.32 1.70
CA SER A 1446 -18.26 -32.88 3.08
C SER A 1446 -19.57 -33.27 3.75
N LEU A 1447 -20.56 -33.75 2.99
CA LEU A 1447 -21.87 -34.11 3.53
C LEU A 1447 -21.97 -35.61 3.73
N ASN A 1448 -22.65 -36.01 4.80
CA ASN A 1448 -22.90 -37.42 5.11
C ASN A 1448 -24.39 -37.71 5.15
N ALA A 1449 -24.71 -38.93 5.59
CA ALA A 1449 -26.00 -39.28 6.15
C ALA A 1449 -26.20 -38.71 7.54
N LYS A 1450 -25.13 -38.21 8.18
CA LYS A 1450 -25.19 -37.65 9.52
C LYS A 1450 -24.84 -36.17 9.53
N THR A 1451 -25.31 -35.45 8.52
CA THR A 1451 -25.11 -34.01 8.42
C THR A 1451 -26.33 -33.30 9.01
N LYS A 1452 -26.08 -32.31 9.87
CA LYS A 1452 -27.14 -31.58 10.55
C LYS A 1452 -27.11 -30.11 10.11
N VAL A 1453 -27.92 -29.28 10.78
CA VAL A 1453 -28.07 -27.90 10.38
C VAL A 1453 -26.78 -27.11 10.57
N ARG A 1454 -26.00 -27.43 11.60
CA ARG A 1454 -24.77 -26.69 11.86
C ARG A 1454 -23.77 -26.85 10.73
N GLY A 1455 -23.63 -28.07 10.19
CA GLY A 1455 -22.69 -28.30 9.12
C GLY A 1455 -23.15 -27.77 7.78
N LEU A 1456 -24.46 -27.80 7.53
CA LEU A 1456 -24.98 -27.24 6.29
C LEU A 1456 -24.63 -25.76 6.17
N ILE A 1457 -24.74 -25.01 7.27
CA ILE A 1457 -24.33 -23.62 7.26
C ILE A 1457 -22.84 -23.50 7.02
N GLU A 1458 -22.06 -24.47 7.50
CA GLU A 1458 -20.61 -24.40 7.35
C GLU A 1458 -20.18 -24.72 5.91
N ILE A 1459 -20.81 -25.73 5.30
CA ILE A 1459 -20.40 -26.15 3.97
C ILE A 1459 -20.76 -25.09 2.93
N ILE A 1460 -21.96 -24.51 3.03
CA ILE A 1460 -22.37 -23.49 2.09
C ILE A 1460 -21.60 -22.19 2.28
N SER A 1461 -21.07 -21.95 3.47
CA SER A 1461 -20.27 -20.74 3.69
C SER A 1461 -18.91 -20.85 3.01
N ASN A 1462 -18.39 -22.07 2.85
CA ASN A 1462 -17.14 -22.30 2.16
C ASN A 1462 -17.28 -22.30 0.65
N ALA A 1463 -18.38 -21.79 0.12
CA ALA A 1463 -18.59 -21.76 -1.33
C ALA A 1463 -17.71 -20.70 -1.98
N ALA A 1464 -17.32 -20.97 -3.23
CA ALA A 1464 -16.49 -20.03 -3.97
C ALA A 1464 -17.21 -18.72 -4.24
N GLU A 1465 -18.55 -18.72 -4.21
CA GLU A 1465 -19.30 -17.49 -4.40
C GLU A 1465 -19.21 -16.54 -3.20
N TYR A 1466 -18.68 -17.02 -2.07
CA TYR A 1466 -18.51 -16.20 -0.89
C TYR A 1466 -17.03 -15.87 -0.61
N GLU A 1467 -16.17 -16.08 -1.61
CA GLU A 1467 -14.75 -15.80 -1.42
C GLU A 1467 -14.47 -14.31 -1.39
N ASN A 1468 -15.27 -13.51 -2.07
CA ASN A 1468 -15.01 -12.08 -2.24
C ASN A 1468 -15.81 -11.20 -1.28
N ILE A 1469 -16.33 -11.78 -0.20
CA ILE A 1469 -16.96 -10.95 0.83
C ILE A 1469 -15.88 -10.17 1.57
N PRO A 1470 -15.99 -8.84 1.67
CA PRO A 1470 -14.89 -8.06 2.22
C PRO A 1470 -14.59 -8.38 3.68
N ILE A 1471 -13.33 -8.19 4.06
CA ILE A 1471 -12.87 -8.39 5.43
C ILE A 1471 -12.39 -7.03 5.93
N ARG A 1472 -13.26 -6.32 6.65
CA ARG A 1472 -12.90 -5.06 7.28
C ARG A 1472 -12.43 -5.36 8.70
N HIS A 1473 -11.14 -5.16 8.96
CA HIS A 1473 -10.56 -5.56 10.23
C HIS A 1473 -10.88 -4.58 11.35
N HIS A 1474 -11.71 -3.58 11.11
CA HIS A 1474 -12.37 -2.87 12.19
C HIS A 1474 -13.61 -3.60 12.68
N GLU A 1475 -13.86 -4.80 12.15
CA GLU A 1475 -14.95 -5.67 12.59
C GLU A 1475 -14.43 -6.92 13.29
N ASP A 1476 -13.13 -6.99 13.60
CA ASP A 1476 -12.56 -8.22 14.13
C ASP A 1476 -13.19 -8.58 15.47
N ASN A 1477 -13.15 -7.67 16.44
CA ASN A 1477 -13.76 -7.93 17.74
C ASN A 1477 -15.28 -8.04 17.62
N LEU A 1478 -15.88 -7.37 16.64
CA LEU A 1478 -17.31 -7.51 16.41
C LEU A 1478 -17.65 -8.96 16.05
N LEU A 1479 -16.94 -9.53 15.09
CA LEU A 1479 -17.16 -10.92 14.74
C LEU A 1479 -16.67 -11.87 15.83
N ARG A 1480 -15.64 -11.45 16.59
CA ARG A 1480 -15.18 -12.25 17.71
C ARG A 1480 -16.24 -12.35 18.79
N GLN A 1481 -16.92 -11.23 19.08
CA GLN A 1481 -18.01 -11.26 20.04
C GLN A 1481 -19.27 -11.87 19.44
N LEU A 1482 -19.53 -11.59 18.16
CA LEU A 1482 -20.67 -12.22 17.49
C LEU A 1482 -20.56 -13.73 17.51
N ALA A 1483 -19.33 -14.26 17.44
CA ALA A 1483 -19.14 -15.70 17.53
C ALA A 1483 -19.65 -16.25 18.86
N GLN A 1484 -19.56 -15.47 19.93
CA GLN A 1484 -20.08 -15.91 21.22
C GLN A 1484 -21.59 -15.77 21.29
N LYS A 1485 -22.17 -14.77 20.63
CA LYS A 1485 -23.62 -14.58 20.63
C LYS A 1485 -24.32 -15.51 19.65
N VAL A 1486 -23.59 -16.11 18.72
CA VAL A 1486 -24.16 -16.98 17.69
C VAL A 1486 -24.43 -18.36 18.29
N PRO A 1487 -25.58 -18.98 17.99
CA PRO A 1487 -25.90 -20.26 18.64
C PRO A 1487 -24.88 -21.36 18.38
N HIS A 1488 -24.52 -21.62 17.13
CA HIS A 1488 -23.61 -22.69 16.79
C HIS A 1488 -22.17 -22.20 16.89
N LYS A 1489 -21.37 -22.89 17.71
CA LYS A 1489 -19.97 -22.56 17.88
C LYS A 1489 -19.12 -23.31 16.86
N LEU A 1490 -18.07 -22.66 16.39
CA LEU A 1490 -17.19 -23.21 15.36
C LEU A 1490 -15.84 -23.57 15.96
N ASN A 1491 -15.27 -24.67 15.49
CA ASN A 1491 -13.89 -25.00 15.83
C ASN A 1491 -12.93 -24.19 14.98
N ASN A 1492 -11.71 -24.01 15.48
CA ASN A 1492 -10.64 -23.29 14.81
C ASN A 1492 -11.10 -21.89 14.39
N PRO A 1493 -11.30 -20.97 15.34
CA PRO A 1493 -11.78 -19.63 14.96
C PRO A 1493 -10.67 -18.76 14.38
N LYS A 1494 -10.66 -18.63 13.05
CA LYS A 1494 -9.74 -17.74 12.35
C LYS A 1494 -10.55 -16.70 11.60
N PHE A 1495 -10.42 -15.44 12.00
CA PHE A 1495 -11.25 -14.35 11.49
C PHE A 1495 -10.61 -13.63 10.31
N ASN A 1496 -9.66 -14.27 9.62
CA ASN A 1496 -9.08 -13.75 8.39
C ASN A 1496 -9.66 -14.44 7.16
N ASP A 1497 -10.88 -14.97 7.27
CA ASP A 1497 -11.48 -15.79 6.22
C ASP A 1497 -12.88 -15.27 5.93
N PRO A 1498 -13.20 -14.92 4.68
CA PRO A 1498 -14.57 -14.50 4.37
C PRO A 1498 -15.59 -15.61 4.54
N HIS A 1499 -15.17 -16.87 4.49
CA HIS A 1499 -16.10 -17.98 4.68
C HIS A 1499 -16.52 -18.12 6.14
N VAL A 1500 -15.63 -17.77 7.06
CA VAL A 1500 -16.01 -17.76 8.48
C VAL A 1500 -16.92 -16.58 8.78
N LYS A 1501 -16.64 -15.42 8.19
CA LYS A 1501 -17.51 -14.26 8.37
C LYS A 1501 -18.88 -14.52 7.76
N THR A 1502 -18.93 -15.17 6.60
CA THR A 1502 -20.20 -15.52 5.98
C THR A 1502 -21.02 -16.42 6.88
N ASN A 1503 -20.38 -17.43 7.49
CA ASN A 1503 -21.09 -18.32 8.40
C ASN A 1503 -21.66 -17.56 9.59
N LEU A 1504 -20.94 -16.54 10.06
CA LEU A 1504 -21.41 -15.77 11.20
C LEU A 1504 -22.54 -14.83 10.81
N LEU A 1505 -22.49 -14.26 9.61
CA LEU A 1505 -23.58 -13.42 9.14
C LEU A 1505 -24.84 -14.25 8.87
N LEU A 1506 -24.68 -15.52 8.51
CA LEU A 1506 -25.83 -16.39 8.29
C LEU A 1506 -26.57 -16.64 9.61
N GLN A 1507 -25.83 -17.02 10.65
CA GLN A 1507 -26.46 -17.26 11.95
C GLN A 1507 -26.95 -15.97 12.57
N ALA A 1508 -26.35 -14.83 12.22
CA ALA A 1508 -26.87 -13.55 12.67
C ALA A 1508 -28.20 -13.21 12.00
N HIS A 1509 -28.46 -13.78 10.81
CA HIS A 1509 -29.73 -13.53 10.14
C HIS A 1509 -30.82 -14.47 10.66
N LEU A 1510 -30.47 -15.74 10.92
CA LEU A 1510 -31.43 -16.65 11.52
C LEU A 1510 -31.79 -16.24 12.94
N SER A 1511 -30.85 -15.62 13.66
CA SER A 1511 -31.12 -15.08 14.98
C SER A 1511 -31.82 -13.73 14.95
N ARG A 1512 -32.03 -13.17 13.75
CA ARG A 1512 -32.64 -11.84 13.59
C ARG A 1512 -31.87 -10.79 14.39
N MET A 1513 -30.55 -10.82 14.26
CA MET A 1513 -29.68 -9.89 14.95
C MET A 1513 -29.47 -8.66 14.09
N GLN A 1514 -29.82 -7.49 14.62
CA GLN A 1514 -29.57 -6.23 13.91
C GLN A 1514 -28.08 -5.91 13.96
N LEU A 1515 -27.49 -5.69 12.78
CA LEU A 1515 -26.06 -5.48 12.66
C LEU A 1515 -25.78 -4.07 12.15
N SER A 1516 -24.55 -3.86 11.69
CA SER A 1516 -24.16 -2.58 11.12
C SER A 1516 -24.89 -2.35 9.80
N ALA A 1517 -24.80 -1.11 9.30
CA ALA A 1517 -25.36 -0.81 7.99
C ALA A 1517 -24.62 -1.54 6.89
N GLU A 1518 -23.30 -1.70 7.05
CA GLU A 1518 -22.53 -2.45 6.08
C GLU A 1518 -22.65 -3.96 6.30
N LEU A 1519 -22.75 -4.39 7.56
CA LEU A 1519 -22.91 -5.81 7.84
C LEU A 1519 -24.27 -6.32 7.38
N GLN A 1520 -25.32 -5.51 7.59
CA GLN A 1520 -26.63 -5.90 7.08
C GLN A 1520 -26.65 -5.92 5.56
N SER A 1521 -25.99 -4.95 4.93
CA SER A 1521 -25.87 -4.99 3.47
C SER A 1521 -25.04 -6.18 3.01
N ASP A 1522 -23.92 -6.45 3.70
CA ASP A 1522 -23.12 -7.62 3.36
C ASP A 1522 -23.94 -8.90 3.47
N THR A 1523 -24.82 -8.97 4.48
CA THR A 1523 -25.68 -10.15 4.63
C THR A 1523 -26.68 -10.25 3.48
N GLU A 1524 -27.16 -9.12 2.97
CA GLU A 1524 -28.13 -9.14 1.89
C GLU A 1524 -27.57 -9.77 0.64
N GLU A 1525 -26.33 -9.42 0.27
CA GLU A 1525 -25.68 -10.04 -0.88
C GLU A 1525 -25.40 -11.51 -0.65
N ILE A 1526 -25.19 -11.92 0.60
CA ILE A 1526 -24.95 -13.32 0.90
C ILE A 1526 -26.22 -14.14 0.72
N LEU A 1527 -27.36 -13.61 1.17
CA LEU A 1527 -28.62 -14.34 1.09
C LEU A 1527 -29.11 -14.48 -0.34
N SER A 1528 -28.69 -13.60 -1.25
CA SER A 1528 -29.12 -13.70 -2.64
C SER A 1528 -28.59 -14.94 -3.34
N LYS A 1529 -27.63 -15.64 -2.75
CA LYS A 1529 -27.10 -16.87 -3.30
C LYS A 1529 -27.32 -18.08 -2.40
N ALA A 1530 -27.88 -17.88 -1.20
CA ALA A 1530 -27.97 -18.97 -0.23
C ALA A 1530 -28.99 -20.02 -0.65
N ILE A 1531 -30.10 -19.59 -1.25
CA ILE A 1531 -31.18 -20.52 -1.60
C ILE A 1531 -30.69 -21.54 -2.63
N ARG A 1532 -30.01 -21.05 -3.68
CA ARG A 1532 -29.50 -21.96 -4.71
C ARG A 1532 -28.46 -22.92 -4.14
N LEU A 1533 -27.65 -22.45 -3.19
CA LEU A 1533 -26.68 -23.32 -2.55
C LEU A 1533 -27.36 -24.34 -1.65
N ILE A 1534 -28.41 -23.92 -0.94
CA ILE A 1534 -29.15 -24.85 -0.09
C ILE A 1534 -29.81 -25.93 -0.92
N GLN A 1535 -30.44 -25.54 -2.05
CA GLN A 1535 -31.09 -26.52 -2.91
C GLN A 1535 -30.08 -27.48 -3.52
N ALA A 1536 -28.84 -27.05 -3.69
CA ALA A 1536 -27.82 -27.94 -4.27
C ALA A 1536 -27.53 -29.10 -3.33
N CYS A 1537 -27.33 -28.82 -2.04
CA CYS A 1537 -27.08 -29.88 -1.08
C CYS A 1537 -28.28 -30.81 -0.95
N VAL A 1538 -29.49 -30.27 -1.09
CA VAL A 1538 -30.69 -31.11 -1.07
C VAL A 1538 -30.63 -32.14 -2.19
N ASP A 1539 -30.21 -31.72 -3.38
CA ASP A 1539 -30.09 -32.64 -4.49
C ASP A 1539 -28.91 -33.59 -4.30
N VAL A 1540 -27.89 -33.17 -3.55
CA VAL A 1540 -26.73 -34.03 -3.32
C VAL A 1540 -27.01 -35.04 -2.22
N LEU A 1541 -27.61 -34.58 -1.11
CA LEU A 1541 -27.88 -35.47 0.00
C LEU A 1541 -28.91 -36.53 -0.38
N SER A 1542 -29.96 -36.14 -1.12
CA SER A 1542 -31.01 -37.09 -1.47
C SER A 1542 -30.55 -38.10 -2.50
N SER A 1543 -29.65 -37.70 -3.40
CA SER A 1543 -29.13 -38.63 -4.40
C SER A 1543 -28.31 -39.74 -3.79
N ASN A 1544 -27.77 -39.54 -2.59
CA ASN A 1544 -27.02 -40.55 -1.88
C ASN A 1544 -27.86 -41.30 -0.85
N GLY A 1545 -29.19 -41.15 -0.91
CA GLY A 1545 -30.07 -41.87 -0.01
C GLY A 1545 -30.03 -41.40 1.43
N TRP A 1546 -29.55 -40.18 1.68
CA TRP A 1546 -29.42 -39.65 3.03
C TRP A 1546 -30.67 -38.85 3.37
N LEU A 1547 -31.47 -39.38 4.31
CA LEU A 1547 -32.81 -38.83 4.56
C LEU A 1547 -32.76 -37.65 5.52
N SER A 1548 -32.17 -37.83 6.70
CA SER A 1548 -32.19 -36.78 7.72
C SER A 1548 -31.50 -35.49 7.27
N PRO A 1549 -30.28 -35.52 6.72
CA PRO A 1549 -29.66 -34.26 6.29
C PRO A 1549 -30.41 -33.56 5.17
N ALA A 1550 -31.05 -34.33 4.27
CA ALA A 1550 -31.81 -33.72 3.19
C ALA A 1550 -33.01 -32.95 3.74
N LEU A 1551 -33.80 -33.58 4.62
CA LEU A 1551 -34.91 -32.88 5.23
C LEU A 1551 -34.45 -31.70 6.06
N ALA A 1552 -33.29 -31.83 6.72
CA ALA A 1552 -32.75 -30.71 7.47
C ALA A 1552 -32.34 -29.56 6.57
N ALA A 1553 -31.71 -29.87 5.43
CA ALA A 1553 -31.38 -28.83 4.47
C ALA A 1553 -32.63 -28.24 3.84
N MET A 1554 -33.69 -29.04 3.69
CA MET A 1554 -34.94 -28.52 3.14
C MET A 1554 -35.61 -27.56 4.12
N GLU A 1555 -35.49 -27.80 5.42
CA GLU A 1555 -36.01 -26.84 6.39
C GLU A 1555 -35.00 -25.75 6.74
N LEU A 1556 -33.76 -25.87 6.27
CA LEU A 1556 -32.84 -24.73 6.33
C LEU A 1556 -33.23 -23.67 5.30
N ALA A 1557 -33.83 -24.10 4.17
CA ALA A 1557 -34.28 -23.14 3.16
C ALA A 1557 -35.41 -22.27 3.71
N GLN A 1558 -36.39 -22.87 4.38
CA GLN A 1558 -37.44 -22.07 5.00
C GLN A 1558 -36.94 -21.30 6.21
N MET A 1559 -35.87 -21.79 6.84
CA MET A 1559 -35.26 -21.04 7.95
C MET A 1559 -34.62 -19.76 7.43
N VAL A 1560 -33.88 -19.84 6.33
CA VAL A 1560 -33.26 -18.65 5.74
C VAL A 1560 -34.33 -17.70 5.23
N THR A 1561 -35.41 -18.24 4.68
CA THR A 1561 -36.47 -17.40 4.13
C THR A 1561 -37.13 -16.56 5.22
N GLN A 1562 -37.54 -17.19 6.32
CA GLN A 1562 -38.25 -16.50 7.38
C GLN A 1562 -37.34 -15.99 8.50
N ALA A 1563 -36.03 -16.21 8.39
CA ALA A 1563 -35.05 -15.76 9.38
C ALA A 1563 -35.39 -16.29 10.77
N MET A 1564 -35.42 -17.62 10.88
CA MET A 1564 -35.76 -18.29 12.13
C MET A 1564 -34.89 -19.53 12.27
N TRP A 1565 -35.14 -20.29 13.34
CA TRP A 1565 -34.49 -21.56 13.58
C TRP A 1565 -35.55 -22.66 13.64
N SER A 1566 -35.08 -23.91 13.60
CA SER A 1566 -36.00 -25.03 13.64
C SER A 1566 -36.76 -25.10 14.96
N LYS A 1567 -36.11 -24.71 16.06
CA LYS A 1567 -36.73 -24.76 17.37
C LYS A 1567 -37.55 -23.51 17.70
N ASP A 1568 -37.41 -22.45 16.91
CA ASP A 1568 -38.14 -21.22 17.18
C ASP A 1568 -39.64 -21.42 16.95
N SER A 1569 -40.42 -20.47 17.46
CA SER A 1569 -41.87 -20.55 17.36
C SER A 1569 -42.33 -20.26 15.93
N TYR A 1570 -43.35 -21.00 15.48
CA TYR A 1570 -43.88 -20.81 14.14
C TYR A 1570 -44.62 -19.50 13.99
N LEU A 1571 -45.06 -18.89 15.10
CA LEU A 1571 -45.75 -17.60 15.04
C LEU A 1571 -44.80 -16.44 14.77
N LYS A 1572 -43.49 -16.67 14.81
CA LYS A 1572 -42.52 -15.63 14.50
C LYS A 1572 -42.57 -15.19 13.05
N GLN A 1573 -43.33 -15.89 12.19
CA GLN A 1573 -43.46 -15.50 10.80
C GLN A 1573 -44.40 -14.32 10.62
N LEU A 1574 -45.45 -14.24 11.45
CA LEU A 1574 -46.48 -13.22 11.25
C LEU A 1574 -45.94 -11.83 11.59
N PRO A 1575 -46.39 -10.81 10.88
CA PRO A 1575 -45.83 -9.46 11.05
C PRO A 1575 -46.19 -8.87 12.41
N HIS A 1576 -45.35 -7.93 12.84
CA HIS A 1576 -45.52 -7.14 14.06
C HIS A 1576 -45.57 -7.99 15.32
N PHE A 1577 -45.27 -9.28 15.24
CA PHE A 1577 -45.25 -10.14 16.41
C PHE A 1577 -43.94 -9.89 17.17
N THR A 1578 -44.04 -9.24 18.33
CA THR A 1578 -42.88 -8.73 19.03
C THR A 1578 -42.05 -9.88 19.60
N SER A 1579 -40.93 -9.50 20.23
CA SER A 1579 -40.00 -10.48 20.76
C SER A 1579 -40.58 -11.23 21.95
N GLU A 1580 -41.49 -10.61 22.69
CA GLU A 1580 -41.97 -11.17 23.94
C GLU A 1580 -43.46 -11.50 23.95
N HIS A 1581 -44.29 -10.77 23.21
CA HIS A 1581 -45.73 -11.03 23.26
C HIS A 1581 -46.14 -12.24 22.44
N ILE A 1582 -45.18 -12.97 21.85
CA ILE A 1582 -45.43 -14.34 21.44
C ILE A 1582 -45.33 -15.26 22.65
N LYS A 1583 -44.35 -15.02 23.51
CA LYS A 1583 -44.28 -15.72 24.80
C LYS A 1583 -45.48 -15.38 25.69
N ARG A 1584 -46.14 -14.25 25.44
CA ARG A 1584 -47.37 -13.94 26.15
C ARG A 1584 -48.44 -14.99 25.90
N CYS A 1585 -48.40 -15.65 24.74
CA CYS A 1585 -49.39 -16.65 24.39
C CYS A 1585 -48.79 -18.04 24.17
N THR A 1586 -47.47 -18.20 24.33
CA THR A 1586 -46.92 -19.55 24.42
C THR A 1586 -47.33 -20.24 25.71
N ASP A 1587 -47.80 -19.47 26.71
CA ASP A 1587 -48.33 -20.03 27.94
C ASP A 1587 -49.79 -20.42 27.79
N LYS A 1588 -50.50 -19.85 26.82
CA LYS A 1588 -51.91 -20.18 26.60
C LYS A 1588 -52.03 -21.51 25.85
N GLY A 1589 -52.62 -21.48 24.67
CA GLY A 1589 -52.83 -22.69 23.90
C GLY A 1589 -52.67 -22.48 22.41
N VAL A 1590 -51.92 -21.45 22.02
CA VAL A 1590 -51.63 -21.18 20.62
C VAL A 1590 -50.16 -21.49 20.36
N GLU A 1591 -49.89 -22.13 19.24
CA GLU A 1591 -48.52 -22.39 18.83
C GLU A 1591 -48.37 -22.53 17.33
N SER A 1592 -49.44 -22.42 16.55
CA SER A 1592 -49.38 -22.49 15.11
C SER A 1592 -49.94 -21.20 14.51
N VAL A 1593 -49.70 -21.00 13.21
CA VAL A 1593 -50.35 -19.90 12.51
C VAL A 1593 -51.82 -20.23 12.30
N PHE A 1594 -52.15 -21.52 12.13
CA PHE A 1594 -53.55 -21.92 12.01
C PHE A 1594 -54.32 -21.65 13.30
N ASP A 1595 -53.65 -21.67 14.45
CA ASP A 1595 -54.31 -21.33 15.70
C ASP A 1595 -54.74 -19.87 15.70
N ILE A 1596 -53.85 -18.97 15.25
CA ILE A 1596 -54.21 -17.56 15.14
C ILE A 1596 -55.27 -17.37 14.07
N MET A 1597 -55.18 -18.13 12.97
CA MET A 1597 -56.19 -18.07 11.92
C MET A 1597 -57.58 -18.41 12.46
N GLU A 1598 -57.64 -19.31 13.44
CA GLU A 1598 -58.92 -19.76 14.00
C GLU A 1598 -59.13 -19.15 15.40
N MET A 1599 -59.19 -17.83 15.41
CA MET A 1599 -59.49 -17.07 16.62
C MET A 1599 -60.29 -15.84 16.21
N GLU A 1600 -61.32 -15.52 17.00
CA GLU A 1600 -62.32 -14.53 16.61
C GLU A 1600 -61.88 -13.11 16.95
N ASP A 1601 -62.31 -12.17 16.12
CA ASP A 1601 -61.87 -10.77 16.17
C ASP A 1601 -61.89 -10.18 17.57
N GLU A 1602 -63.07 -9.79 18.07
CA GLU A 1602 -63.16 -9.20 19.40
C GLU A 1602 -62.59 -10.10 20.48
N GLU A 1603 -62.34 -11.38 20.19
CA GLU A 1603 -61.60 -12.24 21.11
C GLU A 1603 -60.12 -12.24 20.81
N ARG A 1604 -59.73 -12.21 19.52
CA ARG A 1604 -58.32 -12.32 19.16
C ARG A 1604 -57.64 -10.96 18.98
N ASN A 1605 -58.39 -9.88 18.85
CA ASN A 1605 -57.82 -8.55 18.72
C ASN A 1605 -57.45 -7.93 20.06
N ALA A 1606 -57.59 -8.68 21.15
CA ALA A 1606 -57.21 -8.22 22.48
C ALA A 1606 -55.84 -8.76 22.91
N LEU A 1607 -55.61 -10.07 22.77
CA LEU A 1607 -54.32 -10.65 23.08
C LEU A 1607 -53.22 -10.14 22.17
N LEU A 1608 -53.56 -9.75 20.94
CA LEU A 1608 -52.52 -9.39 19.97
C LEU A 1608 -51.86 -8.07 20.34
N GLN A 1609 -52.60 -7.16 20.97
CA GLN A 1609 -52.07 -5.87 21.43
C GLN A 1609 -51.56 -5.01 20.28
N LEU A 1610 -52.30 -5.04 19.16
CA LEU A 1610 -51.91 -4.32 17.95
C LEU A 1610 -53.05 -3.42 17.50
N THR A 1611 -52.75 -2.61 16.47
CA THR A 1611 -53.62 -1.53 16.03
C THR A 1611 -54.37 -1.92 14.76
N ASP A 1612 -55.22 -0.99 14.29
CA ASP A 1612 -56.07 -1.23 13.14
C ASP A 1612 -55.31 -1.50 11.85
N SER A 1613 -54.01 -1.23 11.81
CA SER A 1613 -53.17 -1.52 10.66
C SER A 1613 -52.25 -2.72 10.85
N GLN A 1614 -51.78 -2.95 12.09
CA GLN A 1614 -50.94 -4.12 12.34
C GLN A 1614 -51.76 -5.41 12.33
N ILE A 1615 -53.06 -5.31 12.63
CA ILE A 1615 -53.94 -6.48 12.51
C ILE A 1615 -53.98 -6.98 11.07
N ALA A 1616 -54.00 -6.06 10.10
CA ALA A 1616 -54.13 -6.43 8.70
C ALA A 1616 -52.87 -7.11 8.16
N ASP A 1617 -51.69 -6.67 8.60
CA ASP A 1617 -50.47 -7.37 8.22
C ASP A 1617 -50.47 -8.78 8.78
N VAL A 1618 -50.93 -8.94 10.02
CA VAL A 1618 -51.12 -10.28 10.59
C VAL A 1618 -52.17 -11.04 9.79
N ALA A 1619 -53.22 -10.35 9.36
CA ALA A 1619 -54.29 -11.00 8.60
C ALA A 1619 -53.79 -11.47 7.25
N ARG A 1620 -53.28 -10.54 6.42
CA ARG A 1620 -52.90 -10.89 5.05
C ARG A 1620 -51.84 -11.98 4.99
N PHE A 1621 -51.10 -12.21 6.07
CA PHE A 1621 -50.22 -13.37 6.12
C PHE A 1621 -51.02 -14.65 6.31
N CYS A 1622 -52.17 -14.57 6.98
CA CYS A 1622 -53.00 -15.77 7.19
C CYS A 1622 -53.59 -16.26 5.88
N ASN A 1623 -53.93 -15.35 4.96
CA ASN A 1623 -54.57 -15.74 3.72
C ASN A 1623 -53.59 -16.43 2.77
N ARG A 1624 -52.36 -15.93 2.71
CA ARG A 1624 -51.35 -16.50 1.83
C ARG A 1624 -50.51 -17.59 2.48
N TYR A 1625 -50.72 -17.85 3.77
CA TYR A 1625 -50.03 -18.95 4.43
C TYR A 1625 -50.46 -20.27 3.79
N PRO A 1626 -49.53 -21.17 3.50
CA PRO A 1626 -49.90 -22.42 2.83
C PRO A 1626 -50.82 -23.27 3.69
N ASN A 1627 -51.91 -23.76 3.07
CA ASN A 1627 -52.87 -24.64 3.72
C ASN A 1627 -53.36 -25.62 2.65
N ILE A 1628 -52.60 -26.69 2.44
CA ILE A 1628 -52.83 -27.66 1.38
C ILE A 1628 -53.37 -28.94 2.00
N GLU A 1629 -54.37 -29.53 1.33
CA GLU A 1629 -54.91 -30.82 1.74
C GLU A 1629 -54.20 -31.92 0.95
N LEU A 1630 -53.44 -32.76 1.64
CA LEU A 1630 -52.64 -33.80 1.00
C LEU A 1630 -53.44 -35.09 0.89
N SER A 1631 -53.23 -35.79 -0.23
CA SER A 1631 -53.84 -37.10 -0.46
C SER A 1631 -52.84 -37.98 -1.18
N TYR A 1632 -52.63 -39.19 -0.66
CA TYR A 1632 -51.70 -40.13 -1.27
C TYR A 1632 -52.38 -41.48 -1.44
N GLU A 1633 -51.87 -42.25 -2.39
CA GLU A 1633 -52.45 -43.56 -2.72
C GLU A 1633 -51.37 -44.44 -3.33
N VAL A 1634 -51.22 -45.65 -2.78
CA VAL A 1634 -50.27 -46.63 -3.29
C VAL A 1634 -50.99 -47.44 -4.36
N VAL A 1635 -50.55 -47.31 -5.61
CA VAL A 1635 -51.19 -48.01 -6.72
C VAL A 1635 -50.92 -49.50 -6.60
N ASP A 1636 -51.99 -50.30 -6.65
CA ASP A 1636 -51.92 -51.75 -6.51
C ASP A 1636 -51.17 -52.12 -5.22
N LYS A 1637 -51.80 -51.79 -4.10
CA LYS A 1637 -51.21 -52.01 -2.78
C LYS A 1637 -51.00 -53.49 -2.45
N ASP A 1638 -51.40 -54.41 -3.33
CA ASP A 1638 -51.24 -55.84 -3.10
C ASP A 1638 -50.30 -56.51 -4.08
N SER A 1639 -50.38 -56.17 -5.37
CA SER A 1639 -49.58 -56.82 -6.41
C SER A 1639 -48.17 -56.22 -6.43
N ILE A 1640 -47.45 -56.44 -5.34
CA ILE A 1640 -46.10 -55.91 -5.15
C ILE A 1640 -45.20 -57.01 -4.61
N ARG A 1641 -43.99 -57.11 -5.16
CA ARG A 1641 -42.91 -57.82 -4.49
C ARG A 1641 -41.57 -57.27 -4.99
N SER A 1642 -40.49 -57.88 -4.51
CA SER A 1642 -39.14 -57.38 -4.75
C SER A 1642 -38.83 -57.33 -6.24
N GLY A 1643 -38.20 -56.23 -6.66
CA GLY A 1643 -37.97 -55.97 -8.06
C GLY A 1643 -39.17 -55.40 -8.79
N GLY A 1644 -40.34 -55.36 -8.17
CA GLY A 1644 -41.53 -54.84 -8.79
C GLY A 1644 -41.67 -53.34 -8.59
N PRO A 1645 -42.28 -52.66 -9.55
CA PRO A 1645 -42.44 -51.21 -9.46
C PRO A 1645 -43.42 -50.83 -8.36
N VAL A 1646 -43.00 -49.93 -7.48
CA VAL A 1646 -43.84 -49.38 -6.42
C VAL A 1646 -44.03 -47.91 -6.70
N VAL A 1647 -45.24 -47.52 -7.07
CA VAL A 1647 -45.56 -46.14 -7.40
C VAL A 1647 -46.60 -45.62 -6.42
N VAL A 1648 -46.45 -44.36 -6.04
CA VAL A 1648 -47.33 -43.71 -5.07
C VAL A 1648 -47.78 -42.38 -5.66
N LEU A 1649 -49.09 -42.24 -5.88
CA LEU A 1649 -49.65 -40.99 -6.39
C LEU A 1649 -50.01 -40.09 -5.21
N VAL A 1650 -49.51 -38.86 -5.24
CA VAL A 1650 -49.78 -37.87 -4.21
C VAL A 1650 -50.55 -36.71 -4.84
N GLN A 1651 -51.69 -36.38 -4.27
CA GLN A 1651 -52.56 -35.32 -4.76
C GLN A 1651 -52.54 -34.15 -3.79
N LEU A 1652 -52.26 -32.95 -4.31
CA LEU A 1652 -52.18 -31.74 -3.51
C LEU A 1652 -53.17 -30.72 -4.04
N GLU A 1653 -53.91 -30.08 -3.13
CA GLU A 1653 -54.82 -29.01 -3.51
C GLU A 1653 -54.90 -28.00 -2.38
N ARG A 1654 -54.79 -26.72 -2.73
CA ARG A 1654 -54.91 -25.65 -1.77
C ARG A 1654 -56.37 -25.40 -1.42
N GLU A 1655 -56.58 -24.59 -0.38
CA GLU A 1655 -57.94 -24.20 0.02
C GLU A 1655 -58.51 -23.19 -0.97
N GLU A 1656 -58.06 -21.94 -0.89
CA GLU A 1656 -58.34 -20.95 -1.92
C GLU A 1656 -57.16 -20.93 -2.90
N GLU A 1657 -56.54 -19.77 -3.07
CA GLU A 1657 -55.30 -19.69 -3.86
C GLU A 1657 -54.48 -18.49 -3.38
N VAL A 1658 -53.69 -17.93 -4.29
CA VAL A 1658 -52.63 -16.96 -3.96
C VAL A 1658 -52.76 -15.75 -4.86
N THR A 1659 -52.56 -14.57 -4.28
CA THR A 1659 -52.39 -13.31 -5.02
C THR A 1659 -51.12 -12.67 -4.47
N GLY A 1660 -49.98 -13.02 -5.07
CA GLY A 1660 -48.70 -12.53 -4.62
C GLY A 1660 -47.73 -13.65 -4.32
N PRO A 1661 -46.44 -13.31 -4.19
CA PRO A 1661 -45.43 -14.33 -3.92
C PRO A 1661 -45.35 -14.69 -2.44
N VAL A 1662 -44.22 -15.26 -2.01
CA VAL A 1662 -44.04 -15.62 -0.61
C VAL A 1662 -43.89 -14.36 0.23
N ILE A 1663 -44.56 -14.34 1.38
CA ILE A 1663 -44.47 -13.23 2.32
C ILE A 1663 -43.26 -13.49 3.22
N ALA A 1664 -42.14 -12.86 2.89
CA ALA A 1664 -40.91 -12.99 3.67
C ALA A 1664 -40.20 -11.65 3.68
N PRO A 1665 -40.56 -10.77 4.63
CA PRO A 1665 -39.98 -9.42 4.60
C PRO A 1665 -38.48 -9.37 4.87
N LEU A 1666 -37.96 -10.31 5.66
CA LEU A 1666 -36.55 -10.33 6.00
C LEU A 1666 -35.69 -11.01 4.96
N PHE A 1667 -36.28 -11.43 3.83
CA PHE A 1667 -35.51 -11.96 2.72
C PHE A 1667 -35.48 -10.93 1.59
N PRO A 1668 -34.33 -10.68 0.98
CA PRO A 1668 -34.25 -9.56 0.02
C PRO A 1668 -35.11 -9.76 -1.22
N GLN A 1669 -34.97 -10.90 -1.89
CA GLN A 1669 -35.72 -11.16 -3.11
C GLN A 1669 -37.05 -11.84 -2.80
N LYS A 1670 -38.06 -11.53 -3.61
CA LYS A 1670 -39.32 -12.25 -3.53
C LYS A 1670 -39.10 -13.69 -4.00
N ARG A 1671 -39.97 -14.59 -3.52
CA ARG A 1671 -39.85 -16.00 -3.85
C ARG A 1671 -41.24 -16.59 -4.09
N GLU A 1672 -41.28 -17.69 -4.82
CA GLU A 1672 -42.50 -18.48 -4.98
C GLU A 1672 -42.43 -19.73 -4.11
N GLU A 1673 -43.60 -20.28 -3.81
CA GLU A 1673 -43.70 -21.42 -2.91
C GLU A 1673 -43.22 -22.68 -3.62
N GLY A 1674 -42.07 -23.20 -3.20
CA GLY A 1674 -41.59 -24.48 -3.67
C GLY A 1674 -41.87 -25.59 -2.67
N TRP A 1675 -41.96 -26.81 -3.17
CA TRP A 1675 -42.34 -27.94 -2.33
C TRP A 1675 -41.59 -29.19 -2.78
N TRP A 1676 -41.27 -30.03 -1.80
CA TRP A 1676 -40.72 -31.36 -2.03
C TRP A 1676 -41.72 -32.42 -1.58
N VAL A 1677 -41.59 -33.61 -2.15
CA VAL A 1677 -42.34 -34.78 -1.72
C VAL A 1677 -41.32 -35.91 -1.56
N VAL A 1678 -41.06 -36.30 -0.31
CA VAL A 1678 -39.98 -37.22 0.02
C VAL A 1678 -40.58 -38.49 0.59
N ILE A 1679 -40.11 -39.64 0.09
CA ILE A 1679 -40.46 -40.95 0.63
C ILE A 1679 -39.18 -41.57 1.18
N GLY A 1680 -39.22 -42.00 2.44
CA GLY A 1680 -38.03 -42.54 3.05
C GLY A 1680 -38.33 -43.43 4.24
N ASP A 1681 -37.32 -44.20 4.63
CA ASP A 1681 -37.37 -45.05 5.81
C ASP A 1681 -36.72 -44.31 6.97
N ALA A 1682 -37.49 -44.05 8.02
CA ALA A 1682 -37.01 -43.19 9.09
C ALA A 1682 -35.94 -43.87 9.93
N LYS A 1683 -36.18 -45.13 10.31
CA LYS A 1683 -35.25 -45.81 11.22
C LYS A 1683 -33.92 -46.16 10.56
N SER A 1684 -33.86 -46.15 9.22
CA SER A 1684 -32.64 -46.49 8.51
C SER A 1684 -31.96 -45.30 7.86
N ASN A 1685 -32.53 -44.09 8.01
CA ASN A 1685 -31.98 -42.88 7.40
C ASN A 1685 -31.82 -43.04 5.90
N SER A 1686 -32.83 -43.64 5.26
CA SER A 1686 -32.80 -43.94 3.85
C SER A 1686 -33.85 -43.10 3.12
N LEU A 1687 -33.43 -42.42 2.06
CA LEU A 1687 -34.32 -41.64 1.21
C LEU A 1687 -34.57 -42.45 -0.06
N ILE A 1688 -35.84 -42.74 -0.34
CA ILE A 1688 -36.23 -43.60 -1.45
C ILE A 1688 -36.58 -42.79 -2.69
N SER A 1689 -37.49 -41.83 -2.56
CA SER A 1689 -37.94 -41.03 -3.70
C SER A 1689 -38.13 -39.59 -3.27
N ILE A 1690 -37.86 -38.67 -4.19
CA ILE A 1690 -37.99 -37.24 -3.92
C ILE A 1690 -38.27 -36.53 -5.24
N LYS A 1691 -39.19 -35.56 -5.21
CA LYS A 1691 -39.56 -34.81 -6.40
C LYS A 1691 -39.88 -33.38 -6.01
N ARG A 1692 -39.31 -32.43 -6.75
CA ARG A 1692 -39.65 -31.03 -6.58
C ARG A 1692 -40.89 -30.68 -7.39
N LEU A 1693 -41.55 -29.59 -6.98
CA LEU A 1693 -42.77 -29.17 -7.65
C LEU A 1693 -43.17 -27.79 -7.15
N THR A 1694 -43.95 -27.10 -7.98
CA THR A 1694 -44.65 -25.89 -7.59
C THR A 1694 -46.15 -26.14 -7.76
N LEU A 1695 -46.94 -25.68 -6.79
CA LEU A 1695 -48.36 -25.99 -6.74
C LEU A 1695 -49.19 -24.77 -7.12
N GLN A 1696 -50.14 -24.97 -8.03
CA GLN A 1696 -51.11 -23.94 -8.44
C GLN A 1696 -52.49 -24.57 -8.34
N GLN A 1697 -53.15 -24.33 -7.20
CA GLN A 1697 -54.47 -24.87 -6.90
C GLN A 1697 -54.47 -26.40 -6.86
N LYS A 1698 -54.25 -27.02 -8.01
CA LYS A 1698 -54.26 -28.46 -8.13
C LYS A 1698 -52.94 -28.94 -8.74
N ALA A 1699 -52.43 -30.05 -8.25
CA ALA A 1699 -51.26 -30.68 -8.83
C ALA A 1699 -51.29 -32.15 -8.48
N LYS A 1700 -50.61 -32.94 -9.31
CA LYS A 1700 -50.57 -34.40 -9.16
C LYS A 1700 -49.13 -34.83 -9.41
N VAL A 1701 -48.52 -35.47 -8.41
CA VAL A 1701 -47.16 -35.96 -8.53
C VAL A 1701 -47.16 -37.47 -8.40
N LYS A 1702 -46.17 -38.11 -9.01
CA LYS A 1702 -46.08 -39.56 -9.10
C LYS A 1702 -44.68 -40.00 -8.70
N LEU A 1703 -44.57 -40.64 -7.55
CA LEU A 1703 -43.29 -41.10 -7.03
C LEU A 1703 -43.15 -42.61 -7.23
N ASP A 1704 -41.98 -43.04 -7.69
CA ASP A 1704 -41.76 -44.44 -8.03
C ASP A 1704 -40.40 -44.89 -7.51
N PHE A 1705 -40.32 -46.16 -7.14
CA PHE A 1705 -39.08 -46.79 -6.70
C PHE A 1705 -39.23 -48.30 -6.82
N VAL A 1706 -38.23 -49.03 -6.34
CA VAL A 1706 -38.21 -50.49 -6.41
C VAL A 1706 -38.33 -51.05 -5.00
N ALA A 1707 -39.17 -52.07 -4.84
CA ALA A 1707 -39.38 -52.67 -3.53
C ALA A 1707 -38.13 -53.39 -3.06
N PRO A 1708 -37.82 -53.36 -1.76
CA PRO A 1708 -36.66 -54.10 -1.25
C PRO A 1708 -36.98 -55.57 -1.04
N ALA A 1709 -36.46 -56.15 0.05
CA ALA A 1709 -36.69 -57.57 0.32
C ALA A 1709 -38.16 -57.82 0.67
N THR A 1710 -38.49 -59.09 0.87
CA THR A 1710 -39.85 -59.49 1.19
C THR A 1710 -40.12 -59.26 2.68
N GLY A 1711 -41.25 -58.63 2.98
CA GLY A 1711 -41.62 -58.38 4.36
C GLY A 1711 -42.72 -57.35 4.51
N ALA A 1712 -42.59 -56.50 5.54
CA ALA A 1712 -43.57 -55.43 5.82
C ALA A 1712 -42.78 -54.21 6.32
N HIS A 1713 -42.14 -53.52 5.38
CA HIS A 1713 -41.38 -52.32 5.67
C HIS A 1713 -42.31 -51.10 5.68
N ASN A 1714 -42.03 -50.17 6.59
CA ASN A 1714 -42.83 -48.97 6.77
C ASN A 1714 -42.05 -47.75 6.32
N TYR A 1715 -42.66 -46.96 5.44
CA TYR A 1715 -42.05 -45.76 4.87
C TYR A 1715 -42.66 -44.51 5.51
N THR A 1716 -42.30 -43.35 4.97
CA THR A 1716 -42.84 -42.09 5.45
C THR A 1716 -42.95 -41.13 4.28
N LEU A 1717 -44.08 -40.43 4.19
CA LEU A 1717 -44.30 -39.42 3.16
C LEU A 1717 -44.09 -38.04 3.77
N TYR A 1718 -43.11 -37.32 3.27
CA TYR A 1718 -42.80 -35.97 3.73
C TYR A 1718 -43.26 -34.96 2.68
N PHE A 1719 -43.91 -33.90 3.14
CA PHE A 1719 -44.34 -32.79 2.28
C PHE A 1719 -43.80 -31.51 2.90
N MET A 1720 -42.64 -31.06 2.43
CA MET A 1720 -41.92 -29.96 3.04
C MET A 1720 -41.84 -28.77 2.09
N SER A 1721 -41.95 -27.57 2.64
CA SER A 1721 -41.82 -26.34 1.88
C SER A 1721 -40.39 -25.85 1.92
N ASP A 1722 -40.10 -24.85 1.09
CA ASP A 1722 -38.78 -24.22 1.05
C ASP A 1722 -38.81 -22.76 1.46
N ALA A 1723 -39.98 -22.22 1.80
CA ALA A 1723 -40.11 -20.81 2.15
C ALA A 1723 -40.92 -20.54 3.41
N TYR A 1724 -41.62 -21.53 3.94
CA TYR A 1724 -42.43 -21.36 5.14
C TYR A 1724 -42.11 -22.44 6.16
N MET A 1725 -42.16 -22.07 7.43
CA MET A 1725 -41.98 -23.00 8.53
C MET A 1725 -43.33 -23.28 9.19
N GLY A 1726 -43.60 -24.55 9.49
CA GLY A 1726 -44.82 -24.95 10.13
C GLY A 1726 -45.89 -25.50 9.20
N CYS A 1727 -45.60 -25.61 7.90
CA CYS A 1727 -46.54 -26.17 6.93
C CYS A 1727 -46.19 -27.60 6.55
N ASP A 1728 -45.08 -28.14 7.06
CA ASP A 1728 -44.69 -29.50 6.70
C ASP A 1728 -45.71 -30.51 7.19
N GLN A 1729 -45.82 -31.61 6.46
CA GLN A 1729 -46.75 -32.68 6.78
C GLN A 1729 -46.02 -34.02 6.76
N GLU A 1730 -46.46 -34.92 7.62
CA GLU A 1730 -45.86 -36.25 7.76
C GLU A 1730 -46.97 -37.29 7.78
N TYR A 1731 -46.79 -38.37 7.01
CA TYR A 1731 -47.77 -39.44 6.92
C TYR A 1731 -47.05 -40.77 6.81
N LYS A 1732 -47.14 -41.58 7.86
CA LYS A 1732 -46.59 -42.93 7.82
C LYS A 1732 -47.56 -43.88 7.13
N PHE A 1733 -47.00 -44.84 6.40
CA PHE A 1733 -47.82 -45.81 5.70
C PHE A 1733 -47.03 -47.10 5.52
N SER A 1734 -47.74 -48.23 5.62
CA SER A 1734 -47.14 -49.55 5.48
C SER A 1734 -47.46 -50.13 4.11
N VAL A 1735 -46.46 -50.79 3.52
CA VAL A 1735 -46.59 -51.43 2.21
C VAL A 1735 -46.24 -52.89 2.38
N ASP A 1736 -47.24 -53.77 2.25
CA ASP A 1736 -47.02 -55.20 2.36
C ASP A 1736 -46.45 -55.73 1.05
N VAL A 1737 -45.20 -56.17 1.08
CA VAL A 1737 -44.52 -56.68 -0.10
C VAL A 1737 -44.48 -58.21 -0.02
N LYS A 1738 -45.61 -58.84 -0.34
CA LYS A 1738 -45.81 -60.29 -0.22
C LYS A 1738 -45.19 -60.90 1.02
N PRO B 2 71.35 14.84 9.96
CA PRO B 2 71.13 15.13 8.53
C PRO B 2 69.66 15.34 8.21
N LEU B 3 69.08 14.41 7.44
CA LEU B 3 67.66 14.44 7.07
C LEU B 3 67.29 15.71 6.31
N GLY B 4 67.67 16.87 6.85
CA GLY B 4 67.37 18.14 6.23
C GLY B 4 66.70 19.08 7.19
N SER B 5 67.03 20.36 7.08
CA SER B 5 66.41 21.43 7.84
C SER B 5 64.89 21.36 7.75
N MET B 6 64.39 20.57 6.80
CA MET B 6 63.10 20.87 6.22
C MET B 6 62.75 19.81 5.18
N THR B 7 61.77 18.95 5.47
CA THR B 7 61.39 17.88 4.57
C THR B 7 59.91 17.59 4.69
N GLN B 8 59.34 17.03 3.63
CA GLN B 8 57.92 16.74 3.52
C GLN B 8 57.69 15.24 3.41
N THR B 9 56.42 14.85 3.41
CA THR B 9 56.02 13.46 3.25
C THR B 9 55.25 13.31 1.94
N PHE B 10 55.49 12.21 1.23
CA PHE B 10 54.83 11.99 -0.05
C PHE B 10 53.37 11.62 0.15
N SER B 11 52.50 12.16 -0.70
CA SER B 11 51.09 11.86 -0.71
C SER B 11 50.72 11.24 -2.05
N SER B 12 50.07 10.08 -2.01
CA SER B 12 49.73 9.37 -3.23
C SER B 12 48.62 10.11 -3.98
N LYS B 13 48.82 10.29 -5.30
CA LYS B 13 47.83 10.90 -6.19
C LYS B 13 47.74 10.03 -7.43
N THR B 14 46.98 8.93 -7.33
CA THR B 14 46.85 8.02 -8.45
C THR B 14 46.11 8.69 -9.60
N GLU B 15 46.52 8.38 -10.83
CA GLU B 15 46.06 9.11 -11.99
C GLU B 15 44.61 8.78 -12.37
N TRP B 16 44.11 7.60 -11.98
CA TRP B 16 42.75 7.24 -12.37
C TRP B 16 41.70 8.10 -11.68
N ARG B 17 42.03 8.72 -10.55
CA ARG B 17 41.06 9.55 -9.85
C ARG B 17 40.72 10.81 -10.66
N VAL B 18 41.73 11.40 -11.31
CA VAL B 18 41.47 12.56 -12.16
C VAL B 18 40.68 12.15 -13.39
N ARG B 19 41.00 10.98 -13.96
CA ARG B 19 40.27 10.51 -15.13
C ARG B 19 38.84 10.12 -14.76
N ALA B 20 38.63 9.57 -13.57
CA ALA B 20 37.29 9.22 -13.13
C ALA B 20 36.44 10.47 -12.96
N ILE B 21 37.01 11.53 -12.40
CA ILE B 21 36.29 12.80 -12.27
C ILE B 21 35.97 13.37 -13.65
N SER B 22 36.91 13.26 -14.58
CA SER B 22 36.68 13.76 -15.93
C SER B 22 35.68 12.88 -16.69
N ALA B 23 35.65 11.58 -16.40
CA ALA B 23 34.70 10.69 -17.05
C ALA B 23 33.27 11.01 -16.69
N ALA B 24 33.03 11.66 -15.55
CA ALA B 24 31.68 12.02 -15.15
C ALA B 24 31.06 13.08 -16.05
N ASN B 25 31.89 13.88 -16.73
CA ASN B 25 31.41 14.95 -17.60
C ASN B 25 31.35 14.53 -19.07
N LEU B 26 31.41 13.22 -19.34
CA LEU B 26 31.41 12.76 -20.72
C LEU B 26 30.05 12.97 -21.39
N HIS B 27 28.97 13.03 -20.61
CA HIS B 27 27.65 13.23 -21.18
C HIS B 27 27.52 14.58 -21.87
N LEU B 28 28.32 15.56 -21.44
CA LEU B 28 28.28 16.87 -22.07
C LEU B 28 28.76 16.81 -23.52
N ARG B 29 29.65 15.88 -23.84
CA ARG B 29 30.11 15.74 -25.22
C ARG B 29 29.02 15.16 -26.11
N THR B 30 28.08 14.42 -25.54
CA THR B 30 27.00 13.84 -26.33
C THR B 30 26.06 14.90 -26.89
N ASN B 31 26.16 16.14 -26.41
CA ASN B 31 25.40 17.24 -26.99
C ASN B 31 26.12 17.90 -28.14
N HIS B 32 27.34 17.44 -28.50
CA HIS B 32 28.12 18.03 -29.58
C HIS B 32 28.95 16.91 -30.22
N ILE B 33 28.28 16.08 -31.03
CA ILE B 33 28.94 15.04 -31.80
C ILE B 33 28.84 15.39 -33.28
N TYR B 34 29.88 15.08 -34.04
CA TYR B 34 29.96 15.49 -35.43
C TYR B 34 30.56 14.38 -36.28
N VAL B 35 30.33 14.48 -37.58
CA VAL B 35 30.81 13.53 -38.57
C VAL B 35 31.77 14.24 -39.50
N SER B 36 32.76 13.49 -39.99
CA SER B 36 33.72 14.03 -40.94
C SER B 36 33.20 13.90 -42.37
N GLU B 42 34.38 8.80 -51.75
CA GLU B 42 33.35 7.92 -51.22
C GLU B 42 33.79 6.46 -51.27
N THR B 43 32.82 5.54 -51.30
CA THR B 43 33.14 4.12 -51.20
C THR B 43 32.15 3.24 -51.94
N GLY B 44 30.85 3.50 -51.75
CA GLY B 44 29.82 2.65 -52.30
C GLY B 44 28.78 2.24 -51.26
N TYR B 45 29.24 1.97 -50.04
CA TYR B 45 28.37 1.59 -48.94
C TYR B 45 28.19 2.77 -47.99
N THR B 46 26.95 3.04 -47.62
CA THR B 46 26.62 4.09 -46.67
C THR B 46 26.23 3.46 -45.34
N TYR B 47 26.86 3.92 -44.26
CA TYR B 47 26.65 3.35 -42.94
C TYR B 47 25.89 4.35 -42.07
N ILE B 48 24.81 3.87 -41.45
CA ILE B 48 23.95 4.71 -40.63
C ILE B 48 24.08 4.25 -39.18
N LEU B 49 24.49 5.15 -38.31
CA LEU B 49 24.72 4.84 -36.91
C LEU B 49 23.64 5.49 -36.06
N PRO B 50 22.86 4.72 -35.29
CA PRO B 50 21.86 5.32 -34.43
C PRO B 50 22.49 6.10 -33.29
N LYS B 51 21.85 7.20 -32.92
CA LYS B 51 22.41 8.11 -31.92
C LYS B 51 22.33 7.56 -30.51
N ASN B 52 21.36 6.68 -30.23
CA ASN B 52 21.17 6.21 -28.86
C ASN B 52 22.35 5.35 -28.41
N VAL B 53 22.86 4.48 -29.27
CA VAL B 53 23.96 3.62 -28.87
C VAL B 53 25.29 4.38 -28.91
N LEU B 54 25.39 5.41 -29.74
CA LEU B 54 26.64 6.16 -29.81
C LEU B 54 26.84 7.03 -28.57
N LYS B 55 25.78 7.73 -28.13
CA LYS B 55 25.88 8.50 -26.90
C LYS B 55 26.18 7.60 -25.71
N LYS B 56 25.56 6.43 -25.67
CA LYS B 56 25.87 5.47 -24.60
C LYS B 56 27.32 4.99 -24.70
N PHE B 57 27.81 4.78 -25.92
CA PHE B 57 29.20 4.37 -26.10
C PHE B 57 30.18 5.44 -25.64
N ILE B 58 29.77 6.72 -25.73
CA ILE B 58 30.65 7.80 -25.27
C ILE B 58 30.67 7.86 -23.75
N CYS B 59 29.50 7.76 -23.11
CA CYS B 59 29.41 7.94 -21.67
C CYS B 59 30.08 6.82 -20.89
N ILE B 60 30.28 5.65 -21.50
CA ILE B 60 30.90 4.52 -20.82
C ILE B 60 32.40 4.43 -21.12
N SER B 61 32.96 5.43 -21.77
CA SER B 61 34.35 5.38 -22.24
C SER B 61 35.27 6.12 -21.27
N ASP B 62 36.54 6.16 -21.62
CA ASP B 62 37.55 6.91 -20.89
C ASP B 62 38.26 7.85 -21.86
N LEU B 63 38.65 9.02 -21.36
CA LEU B 63 39.23 10.03 -22.23
C LEU B 63 40.62 9.66 -22.74
N ARG B 64 41.33 8.77 -22.04
CA ARG B 64 42.65 8.34 -22.46
C ARG B 64 42.70 6.87 -22.85
N ALA B 65 42.17 5.99 -22.01
CA ALA B 65 42.14 4.57 -22.33
C ALA B 65 41.07 4.30 -23.39
N GLN B 66 41.51 3.79 -24.53
CA GLN B 66 40.59 3.53 -25.63
C GLN B 66 39.70 2.32 -25.31
N ILE B 67 38.44 2.39 -25.74
CA ILE B 67 37.51 1.28 -25.66
C ILE B 67 36.93 1.03 -27.04
N ALA B 68 36.50 -0.20 -27.29
CA ALA B 68 36.04 -0.59 -28.61
C ALA B 68 34.79 -1.46 -28.50
N GLY B 69 34.01 -1.44 -29.58
CA GLY B 69 32.82 -2.27 -29.67
C GLY B 69 32.62 -2.76 -31.08
N TYR B 70 32.04 -3.95 -31.20
CA TYR B 70 31.83 -4.58 -32.51
C TYR B 70 30.52 -4.08 -33.14
N LEU B 71 30.55 -3.92 -34.45
CA LEU B 71 29.41 -3.39 -35.19
C LEU B 71 28.65 -4.51 -35.88
N TYR B 72 27.32 -4.43 -35.84
CA TYR B 72 26.45 -5.39 -36.49
C TYR B 72 25.22 -4.67 -37.02
N GLY B 73 24.70 -5.15 -38.14
CA GLY B 73 23.52 -4.53 -38.72
C GLY B 73 23.15 -5.21 -40.02
N VAL B 74 22.21 -4.58 -40.73
CA VAL B 74 21.72 -5.09 -42.00
C VAL B 74 21.49 -3.92 -42.95
N SER B 75 20.86 -4.20 -44.09
CA SER B 75 20.48 -3.18 -45.07
C SER B 75 18.97 -2.94 -45.02
N PRO B 76 18.51 -1.76 -45.40
CA PRO B 76 17.07 -1.51 -45.51
C PRO B 76 16.42 -2.52 -46.44
N PRO B 77 15.09 -2.73 -46.32
CA PRO B 77 14.43 -3.86 -46.99
C PRO B 77 14.80 -4.07 -48.45
N ASP B 78 14.18 -3.30 -49.36
CA ASP B 78 14.38 -3.45 -50.79
C ASP B 78 15.52 -2.57 -51.31
N ASN B 79 16.49 -2.23 -50.47
CA ASN B 79 17.51 -1.25 -50.82
C ASN B 79 18.83 -1.64 -50.16
N PRO B 80 19.75 -2.23 -50.90
CA PRO B 80 20.99 -2.77 -50.30
C PRO B 80 22.21 -1.86 -50.35
N GLN B 81 22.09 -0.63 -50.83
CA GLN B 81 23.24 0.26 -50.93
C GLN B 81 23.56 0.97 -49.62
N VAL B 82 22.80 0.71 -48.55
CA VAL B 82 23.00 1.35 -47.25
C VAL B 82 23.10 0.27 -46.19
N LYS B 83 23.96 0.49 -45.20
CA LYS B 83 24.12 -0.41 -44.07
C LYS B 83 23.66 0.28 -42.80
N GLU B 84 22.60 -0.26 -42.18
CA GLU B 84 22.06 0.29 -40.94
C GLU B 84 22.67 -0.46 -39.76
N ILE B 85 23.50 0.24 -38.98
CA ILE B 85 24.08 -0.35 -37.78
C ILE B 85 22.96 -0.55 -36.75
N ARG B 86 22.80 -1.80 -36.30
CA ARG B 86 21.70 -2.15 -35.41
C ARG B 86 22.14 -2.59 -34.02
N CYS B 87 23.41 -2.92 -33.81
CA CYS B 87 23.85 -3.42 -32.51
C CYS B 87 25.34 -3.15 -32.33
N ILE B 88 25.71 -2.81 -31.11
CA ILE B 88 27.11 -2.68 -30.69
C ILE B 88 27.35 -3.69 -29.58
N VAL B 89 28.40 -4.49 -29.73
CA VAL B 89 28.73 -5.56 -28.79
C VAL B 89 29.98 -5.18 -28.02
N MET B 90 29.89 -5.21 -26.70
CA MET B 90 31.03 -4.96 -25.82
C MET B 90 31.58 -6.29 -25.34
N VAL B 91 32.87 -6.51 -25.57
CA VAL B 91 33.52 -7.77 -25.21
C VAL B 91 34.61 -7.45 -24.19
N PRO B 92 35.06 -8.44 -23.43
CA PRO B 92 36.16 -8.21 -22.49
C PRO B 92 37.38 -7.60 -23.18
N GLN B 93 37.85 -6.49 -22.64
CA GLN B 93 38.86 -5.70 -23.35
C GLN B 93 39.66 -4.87 -22.36
N TRP B 94 40.85 -4.48 -22.81
CA TRP B 94 41.68 -3.49 -22.13
C TRP B 94 42.51 -2.79 -23.19
N GLY B 95 42.67 -1.48 -23.05
CA GLY B 95 43.34 -0.68 -24.05
C GLY B 95 44.26 0.36 -23.43
N THR B 96 44.99 1.05 -24.30
CA THR B 96 45.84 2.15 -23.90
C THR B 96 45.40 3.43 -24.62
N HIS B 97 46.32 4.39 -24.75
CA HIS B 97 46.01 5.62 -25.46
C HIS B 97 46.15 5.50 -26.97
N GLN B 98 46.65 4.36 -27.47
CA GLN B 98 46.87 4.18 -28.89
C GLN B 98 46.14 2.99 -29.50
N THR B 99 45.79 1.98 -28.72
CA THR B 99 45.15 0.79 -29.26
C THR B 99 44.34 0.10 -28.16
N VAL B 100 43.59 -0.92 -28.57
CA VAL B 100 42.82 -1.75 -27.66
C VAL B 100 43.16 -3.20 -27.93
N HIS B 101 42.89 -4.04 -26.92
CA HIS B 101 43.20 -5.47 -26.99
C HIS B 101 41.91 -6.26 -26.80
N LEU B 102 41.47 -6.91 -27.88
CA LEU B 102 40.30 -7.77 -27.89
C LEU B 102 40.70 -9.23 -27.89
N PRO B 103 39.81 -10.12 -27.44
CA PRO B 103 40.09 -11.56 -27.58
C PRO B 103 40.03 -11.98 -29.04
N GLY B 104 40.63 -13.14 -29.31
CA GLY B 104 40.59 -13.68 -30.65
C GLY B 104 39.19 -14.07 -31.09
N GLN B 105 38.33 -14.45 -30.15
CA GLN B 105 36.99 -14.91 -30.47
C GLN B 105 36.08 -13.71 -30.79
N LEU B 106 35.33 -13.84 -31.87
CA LEU B 106 34.35 -12.83 -32.24
C LEU B 106 33.03 -13.08 -31.51
N PRO B 107 32.18 -12.06 -31.41
CA PRO B 107 30.87 -12.25 -30.76
C PRO B 107 30.07 -13.35 -31.43
N GLN B 108 29.42 -14.18 -30.62
CA GLN B 108 28.58 -15.28 -31.10
C GLN B 108 27.29 -15.29 -30.29
N HIS B 109 26.17 -15.07 -30.97
CA HIS B 109 24.86 -15.13 -30.31
C HIS B 109 23.78 -15.29 -31.36
N GLU B 110 22.65 -15.86 -30.94
CA GLU B 110 21.53 -16.08 -31.85
C GLU B 110 20.97 -14.77 -32.36
N TYR B 111 20.94 -13.74 -31.51
CA TYR B 111 20.37 -12.45 -31.91
C TYR B 111 21.13 -11.85 -33.09
N LEU B 112 22.44 -12.07 -33.17
CA LEU B 112 23.27 -11.49 -34.23
C LEU B 112 23.35 -12.36 -35.47
N LYS B 113 22.85 -13.60 -35.42
CA LYS B 113 22.91 -14.47 -36.59
C LYS B 113 22.10 -13.95 -37.76
N GLU B 114 21.10 -13.09 -37.49
CA GLU B 114 20.31 -12.46 -38.54
C GLU B 114 20.91 -11.15 -39.01
N MET B 115 22.11 -10.81 -38.56
CA MET B 115 22.80 -9.59 -38.96
C MET B 115 24.17 -9.94 -39.52
N GLU B 116 24.83 -8.94 -40.11
CA GLU B 116 26.15 -9.13 -40.66
C GLU B 116 27.15 -8.23 -39.93
N PRO B 117 28.39 -8.69 -39.74
CA PRO B 117 29.39 -7.85 -39.08
C PRO B 117 29.79 -6.69 -39.98
N LEU B 118 29.76 -5.48 -39.42
CA LEU B 118 30.10 -4.27 -40.15
C LEU B 118 31.41 -3.65 -39.68
N GLY B 119 32.18 -4.35 -38.87
CA GLY B 119 33.45 -3.83 -38.38
C GLY B 119 33.45 -3.54 -36.90
N TRP B 120 33.98 -2.38 -36.52
CA TRP B 120 34.11 -2.03 -35.12
C TRP B 120 34.21 -0.52 -34.98
N ILE B 121 33.99 -0.05 -33.75
CA ILE B 121 34.04 1.36 -33.42
C ILE B 121 34.86 1.51 -32.14
N HIS B 122 35.69 2.54 -32.08
CA HIS B 122 36.54 2.74 -30.90
C HIS B 122 36.78 4.23 -30.70
N THR B 123 36.87 4.62 -29.43
CA THR B 123 37.28 5.97 -29.09
C THR B 123 38.79 6.12 -29.27
N GLN B 124 39.26 7.36 -29.17
CA GLN B 124 40.69 7.65 -29.14
C GLN B 124 40.89 9.09 -28.67
N PRO B 125 42.00 9.38 -27.98
CA PRO B 125 42.16 10.70 -27.34
C PRO B 125 42.21 11.85 -28.32
N ASN B 126 43.21 11.87 -29.18
CA ASN B 126 43.45 13.01 -30.07
C ASN B 126 42.90 12.75 -31.45
N GLU B 127 42.31 13.78 -32.05
CA GLU B 127 41.80 13.70 -33.41
C GLU B 127 42.97 13.78 -34.39
N SER B 128 43.11 12.77 -35.23
CA SER B 128 44.16 12.74 -36.23
C SER B 128 43.56 12.67 -37.62
N PRO B 129 44.15 13.38 -38.61
CA PRO B 129 43.57 13.36 -39.96
C PRO B 129 43.67 12.02 -40.66
N GLN B 130 44.46 11.08 -40.14
CA GLN B 130 44.68 9.80 -40.79
C GLN B 130 44.39 8.65 -39.84
N LEU B 131 44.05 7.50 -40.41
CA LEU B 131 43.73 6.32 -39.61
C LEU B 131 45.00 5.76 -38.98
N SER B 132 44.87 5.28 -37.74
CA SER B 132 46.01 4.81 -36.98
C SER B 132 46.69 3.63 -37.69
N PRO B 133 48.00 3.49 -37.55
CA PRO B 133 48.64 2.25 -38.01
C PRO B 133 48.28 1.04 -37.17
N GLN B 134 47.92 1.25 -35.90
CA GLN B 134 47.48 0.15 -35.06
C GLN B 134 46.12 -0.38 -35.49
N ASP B 135 45.23 0.50 -35.93
CA ASP B 135 43.92 0.07 -36.38
C ASP B 135 43.99 -0.65 -37.71
N VAL B 136 44.93 -0.28 -38.59
CA VAL B 136 45.14 -1.03 -39.81
C VAL B 136 45.62 -2.44 -39.48
N THR B 137 46.54 -2.56 -38.52
CA THR B 137 47.02 -3.87 -38.10
C THR B 137 45.92 -4.68 -37.44
N THR B 138 45.13 -4.04 -36.58
CA THR B 138 44.06 -4.75 -35.87
C THR B 138 42.97 -5.19 -36.84
N HIS B 139 42.50 -4.28 -37.70
CA HIS B 139 41.41 -4.60 -38.61
C HIS B 139 41.81 -5.68 -39.60
N ALA B 140 43.06 -5.65 -40.07
CA ALA B 140 43.51 -6.64 -41.04
C ALA B 140 43.74 -8.01 -40.41
N LYS B 141 44.30 -8.03 -39.19
CA LYS B 141 44.51 -9.30 -38.51
C LYS B 141 43.20 -9.97 -38.13
N ILE B 142 42.16 -9.18 -37.86
CA ILE B 142 40.83 -9.75 -37.61
C ILE B 142 40.28 -10.36 -38.89
N MET B 143 40.52 -9.72 -40.03
CA MET B 143 40.07 -10.26 -41.31
C MET B 143 40.78 -11.56 -41.65
N ALA B 144 42.07 -11.68 -41.29
CA ALA B 144 42.81 -12.88 -41.61
C ALA B 144 42.34 -14.08 -40.79
N ASP B 145 41.88 -13.84 -39.57
CA ASP B 145 41.41 -14.92 -38.70
C ASP B 145 39.90 -15.15 -38.80
N ASN B 146 39.16 -14.24 -39.42
CA ASN B 146 37.71 -14.34 -39.53
C ASN B 146 37.28 -13.98 -40.94
N PRO B 147 36.95 -14.95 -41.78
CA PRO B 147 36.52 -14.64 -43.16
C PRO B 147 35.18 -13.94 -43.24
N SER B 148 34.39 -13.91 -42.16
CA SER B 148 33.11 -13.23 -42.18
C SER B 148 33.24 -11.71 -42.25
N TRP B 149 34.45 -11.18 -42.10
CA TRP B 149 34.69 -9.74 -42.19
C TRP B 149 35.15 -9.42 -43.61
N ASP B 150 34.20 -9.01 -44.45
CA ASP B 150 34.53 -8.61 -45.81
C ASP B 150 35.33 -7.31 -45.80
N GLY B 151 36.35 -7.26 -46.66
CA GLY B 151 37.14 -6.04 -46.78
C GLY B 151 36.38 -4.87 -47.36
N GLU B 152 35.32 -5.14 -48.12
CA GLU B 152 34.49 -4.09 -48.71
C GLU B 152 33.22 -3.83 -47.90
N LYS B 153 33.11 -4.41 -46.71
CA LYS B 153 31.92 -4.23 -45.88
C LYS B 153 32.24 -3.76 -44.46
N THR B 154 33.29 -4.29 -43.85
CA THR B 154 33.65 -3.91 -42.49
C THR B 154 34.44 -2.61 -42.49
N ILE B 155 34.19 -1.77 -41.48
CA ILE B 155 34.78 -0.44 -41.39
C ILE B 155 35.34 -0.23 -39.99
N ILE B 156 36.04 0.88 -39.82
CA ILE B 156 36.57 1.31 -38.53
C ILE B 156 36.05 2.73 -38.27
N ILE B 157 35.24 2.87 -37.24
CA ILE B 157 34.69 4.17 -36.85
C ILE B 157 35.51 4.69 -35.68
N THR B 158 36.08 5.89 -35.83
CA THR B 158 36.90 6.51 -34.80
C THR B 158 36.12 7.64 -34.14
N CYS B 159 35.96 7.55 -32.84
CA CYS B 159 35.29 8.58 -32.04
C CYS B 159 36.39 9.31 -31.26
N SER B 160 36.95 10.36 -31.88
CA SER B 160 38.07 11.08 -31.31
C SER B 160 37.57 12.21 -30.42
N PHE B 161 38.14 12.30 -29.22
CA PHE B 161 37.72 13.28 -28.21
C PHE B 161 38.30 14.64 -28.57
N THR B 162 37.52 15.43 -29.31
CA THR B 162 37.87 16.82 -29.53
C THR B 162 37.47 17.65 -28.31
N PRO B 163 38.11 18.82 -28.11
CA PRO B 163 37.79 19.64 -26.93
C PRO B 163 36.31 19.97 -26.79
N GLY B 164 35.68 19.41 -25.75
CA GLY B 164 34.28 19.68 -25.49
C GLY B 164 33.32 19.16 -26.54
N SER B 165 33.73 18.17 -27.32
CA SER B 165 32.88 17.65 -28.40
C SER B 165 33.35 16.24 -28.74
N CYS B 166 32.78 15.68 -29.80
CA CYS B 166 33.16 14.35 -30.29
C CYS B 166 33.03 14.35 -31.79
N THR B 167 34.10 13.98 -32.49
CA THR B 167 34.12 13.93 -33.94
C THR B 167 34.25 12.49 -34.41
N LEU B 168 33.37 12.09 -35.33
CA LEU B 168 33.33 10.73 -35.84
C LEU B 168 33.89 10.68 -37.26
N THR B 169 34.73 9.68 -37.51
CA THR B 169 35.24 9.40 -38.84
C THR B 169 35.23 7.90 -39.06
N ALA B 170 34.81 7.48 -40.25
CA ALA B 170 34.67 6.07 -40.58
C ALA B 170 35.58 5.74 -41.76
N TYR B 171 36.40 4.71 -41.58
CA TYR B 171 37.32 4.25 -42.62
C TYR B 171 37.11 2.77 -42.90
N LYS B 172 37.33 2.38 -44.15
CA LYS B 172 37.43 0.99 -44.54
C LYS B 172 38.88 0.70 -44.92
N LEU B 173 39.15 -0.56 -45.27
CA LEU B 173 40.49 -0.98 -45.66
C LEU B 173 40.52 -1.27 -47.15
N THR B 174 41.57 -0.78 -47.81
CA THR B 174 41.83 -1.13 -49.19
C THR B 174 42.49 -2.51 -49.25
N PRO B 175 42.46 -3.16 -50.41
CA PRO B 175 43.25 -4.40 -50.55
C PRO B 175 44.72 -4.20 -50.20
N SER B 176 45.31 -3.09 -50.62
CA SER B 176 46.71 -2.82 -50.31
C SER B 176 46.95 -2.82 -48.81
N GLY B 177 46.02 -2.23 -48.04
CA GLY B 177 46.21 -2.13 -46.61
C GLY B 177 45.97 -3.41 -45.85
N TYR B 178 45.19 -4.33 -46.41
CA TYR B 178 44.89 -5.57 -45.70
C TYR B 178 46.12 -6.46 -45.60
N GLU B 179 46.83 -6.66 -46.71
CA GLU B 179 47.97 -7.56 -46.71
C GLU B 179 49.15 -7.01 -45.91
N TRP B 180 49.17 -5.70 -45.63
CA TRP B 180 50.21 -5.14 -44.79
C TRP B 180 49.84 -5.17 -43.30
N GLY B 181 48.55 -5.03 -42.99
CA GLY B 181 48.14 -5.07 -41.59
C GLY B 181 48.25 -6.46 -41.00
N ARG B 182 48.01 -7.49 -41.80
CA ARG B 182 48.12 -8.87 -41.31
C ARG B 182 49.57 -9.26 -41.04
N GLN B 183 50.53 -8.69 -41.78
CA GLN B 183 51.93 -9.04 -41.57
C GLN B 183 52.61 -8.19 -40.51
N ASN B 184 52.05 -7.02 -40.18
CA ASN B 184 52.77 -6.05 -39.37
C ASN B 184 52.92 -6.52 -37.93
N THR B 185 54.13 -6.43 -37.39
CA THR B 185 54.41 -6.70 -35.99
C THR B 185 55.02 -5.51 -35.27
N ASP B 186 55.18 -4.37 -35.94
CA ASP B 186 55.70 -3.15 -35.34
C ASP B 186 54.53 -2.34 -34.79
N LYS B 187 54.52 -2.12 -33.48
CA LYS B 187 53.43 -1.46 -32.80
C LYS B 187 53.63 0.04 -32.65
N GLY B 188 54.71 0.59 -33.20
CA GLY B 188 54.99 2.00 -33.09
C GLY B 188 54.04 2.85 -33.93
N ASN B 189 54.30 4.16 -33.92
CA ASN B 189 53.46 5.08 -34.66
C ASN B 189 53.84 5.16 -36.13
N ASN B 190 55.09 4.86 -36.47
CA ASN B 190 55.58 4.88 -37.84
C ASN B 190 56.13 3.50 -38.20
N PRO B 191 55.26 2.51 -38.39
CA PRO B 191 55.73 1.17 -38.77
C PRO B 191 56.27 1.18 -40.19
N LYS B 192 56.92 0.08 -40.54
CA LYS B 192 57.70 -0.02 -41.78
C LYS B 192 56.80 -0.59 -42.87
N GLY B 193 56.37 0.27 -43.79
CA GLY B 193 55.40 -0.09 -44.78
C GLY B 193 54.01 0.44 -44.53
N TYR B 194 53.87 1.55 -43.80
CA TYR B 194 52.57 2.16 -43.54
C TYR B 194 52.37 3.31 -44.52
N LEU B 195 51.32 3.22 -45.32
CA LEU B 195 51.03 4.19 -46.38
C LEU B 195 49.59 4.67 -46.27
N PRO B 196 49.33 5.93 -46.64
CA PRO B 196 47.94 6.41 -46.62
C PRO B 196 47.04 5.73 -47.63
N SER B 197 47.60 5.05 -48.63
CA SER B 197 46.80 4.29 -49.59
C SER B 197 46.25 3.00 -49.00
N HIS B 198 46.51 2.73 -47.72
CA HIS B 198 46.05 1.51 -47.07
C HIS B 198 44.58 1.57 -46.68
N TYR B 199 43.92 2.71 -46.84
CA TYR B 199 42.55 2.86 -46.36
C TYR B 199 41.88 3.98 -47.13
N GLU B 200 40.54 3.95 -47.14
CA GLU B 200 39.72 5.02 -47.68
C GLU B 200 38.57 5.27 -46.72
N ARG B 201 38.03 6.49 -46.79
CA ARG B 201 36.96 6.91 -45.89
C ARG B 201 35.61 6.48 -46.43
N VAL B 202 34.79 5.88 -45.55
CA VAL B 202 33.44 5.47 -45.90
C VAL B 202 32.47 6.52 -45.38
N GLN B 203 31.32 6.61 -46.05
CA GLN B 203 30.31 7.60 -45.68
C GLN B 203 29.52 7.11 -44.46
N MET B 204 29.32 8.00 -43.49
CA MET B 204 28.63 7.68 -42.26
C MET B 204 27.64 8.78 -41.92
N LEU B 205 26.43 8.38 -41.51
CA LEU B 205 25.37 9.32 -41.20
C LEU B 205 24.69 8.91 -39.88
N LEU B 206 24.53 9.87 -38.98
CA LEU B 206 23.77 9.63 -37.76
C LEU B 206 22.28 9.83 -38.03
N SER B 207 21.46 9.09 -37.30
CA SER B 207 20.01 9.14 -37.52
C SER B 207 19.28 8.93 -36.21
N ASP B 208 18.08 9.49 -36.13
CA ASP B 208 17.20 9.36 -34.98
C ASP B 208 15.94 8.56 -35.28
N ARG B 209 15.77 8.09 -36.53
CA ARG B 209 14.53 7.42 -36.92
C ARG B 209 14.46 5.97 -36.46
N PHE B 210 15.55 5.39 -35.99
CA PHE B 210 15.52 4.03 -35.46
C PHE B 210 16.52 3.92 -34.32
N LEU B 211 16.39 2.86 -33.54
CA LEU B 211 17.20 2.65 -32.35
C LEU B 211 17.97 1.34 -32.45
N GLY B 212 19.18 1.34 -31.89
CA GLY B 212 19.97 0.14 -31.75
C GLY B 212 19.96 -0.38 -30.32
N PHE B 213 20.69 -1.47 -30.11
CA PHE B 213 20.77 -2.09 -28.81
C PHE B 213 22.20 -2.57 -28.56
N PHE B 214 22.48 -2.89 -27.31
CA PHE B 214 23.79 -3.34 -26.87
C PHE B 214 23.75 -4.81 -26.49
N MET B 215 24.92 -5.45 -26.55
CA MET B 215 25.11 -6.80 -26.06
C MET B 215 26.40 -6.85 -25.25
N VAL B 216 26.31 -7.39 -24.04
CA VAL B 216 27.42 -7.39 -23.10
C VAL B 216 27.74 -8.83 -22.70
N PRO B 217 28.89 -9.12 -22.08
CA PRO B 217 29.17 -10.49 -21.66
C PRO B 217 28.13 -11.03 -20.70
N ALA B 218 28.02 -12.36 -20.67
CA ALA B 218 26.98 -13.03 -19.89
C ALA B 218 27.30 -12.98 -18.39
N GLN B 219 28.47 -13.51 -18.00
CA GLN B 219 28.86 -13.55 -16.61
C GLN B 219 29.84 -12.44 -16.22
N SER B 220 30.61 -11.94 -17.18
CA SER B 220 31.59 -10.89 -16.93
C SER B 220 31.00 -9.52 -17.28
N SER B 221 31.84 -8.50 -17.17
CA SER B 221 31.58 -7.20 -17.74
C SER B 221 32.57 -7.00 -18.89
N TRP B 222 32.64 -5.77 -19.41
CA TRP B 222 33.49 -5.50 -20.57
C TRP B 222 34.81 -4.83 -20.20
N ASN B 223 34.84 -4.03 -19.14
CA ASN B 223 36.03 -3.25 -18.80
C ASN B 223 36.98 -4.10 -17.97
N TYR B 224 38.18 -4.36 -18.52
CA TYR B 224 39.22 -5.09 -17.82
C TYR B 224 40.46 -4.22 -17.60
N ASN B 225 40.34 -2.90 -17.74
CA ASN B 225 41.48 -2.01 -17.60
C ASN B 225 42.02 -1.96 -16.18
N PHE B 226 41.29 -2.51 -15.21
CA PHE B 226 41.78 -2.65 -13.84
C PHE B 226 41.98 -4.10 -13.43
N MET B 227 41.67 -5.05 -14.31
CA MET B 227 41.86 -6.48 -14.07
C MET B 227 42.56 -7.12 -15.26
N GLY B 228 43.59 -6.44 -15.77
CA GLY B 228 44.29 -6.93 -16.95
C GLY B 228 44.94 -8.29 -16.79
N VAL B 229 45.18 -8.71 -15.56
CA VAL B 229 45.76 -10.04 -15.32
C VAL B 229 44.79 -11.12 -15.76
N ARG B 230 43.50 -10.93 -15.52
CA ARG B 230 42.48 -11.91 -15.88
C ARG B 230 42.13 -11.87 -17.36
N HIS B 231 42.56 -10.84 -18.09
CA HIS B 231 42.29 -10.74 -19.53
C HIS B 231 43.36 -11.48 -20.31
N ASP B 232 42.93 -12.36 -21.20
CA ASP B 232 43.82 -13.16 -22.03
C ASP B 232 43.29 -13.17 -23.46
N PRO B 233 44.15 -13.07 -24.47
CA PRO B 233 43.67 -13.10 -25.85
C PRO B 233 42.93 -14.37 -26.22
N ASN B 234 43.14 -15.47 -25.49
CA ASN B 234 42.47 -16.72 -25.77
C ASN B 234 41.23 -16.93 -24.89
N MET B 235 40.77 -15.88 -24.21
CA MET B 235 39.62 -16.03 -23.33
C MET B 235 38.33 -16.18 -24.13
N LYS B 236 37.36 -16.86 -23.52
CA LYS B 236 36.04 -17.06 -24.12
C LYS B 236 34.99 -16.29 -23.32
N TYR B 237 33.84 -16.10 -23.96
CA TYR B 237 32.77 -15.31 -23.35
C TYR B 237 31.48 -15.53 -24.11
N GLU B 238 30.38 -15.57 -23.39
CA GLU B 238 29.04 -15.55 -23.99
C GLU B 238 28.49 -14.13 -23.89
N LEU B 239 27.29 -13.93 -24.43
CA LEU B 239 26.70 -12.60 -24.51
C LEU B 239 25.26 -12.64 -24.03
N GLN B 240 24.79 -11.49 -23.55
CA GLN B 240 23.42 -11.29 -23.11
C GLN B 240 22.90 -9.98 -23.69
N LEU B 241 21.58 -9.80 -23.61
CA LEU B 241 20.92 -8.60 -24.11
C LEU B 241 20.79 -7.61 -22.96
N ALA B 242 21.78 -6.74 -22.81
CA ALA B 242 21.79 -5.75 -21.75
C ALA B 242 22.68 -4.59 -22.16
N ASN B 243 22.55 -3.48 -21.42
CA ASN B 243 23.33 -2.29 -21.70
C ASN B 243 24.59 -2.25 -20.84
N PRO B 244 25.70 -1.74 -21.38
CA PRO B 244 26.96 -1.78 -20.64
C PRO B 244 27.03 -0.72 -19.55
N LYS B 245 27.82 -1.02 -18.52
CA LYS B 245 28.02 -0.11 -17.41
C LYS B 245 29.09 0.92 -17.77
N GLU B 246 29.15 1.97 -16.95
CA GLU B 246 30.13 3.03 -17.16
C GLU B 246 31.55 2.50 -16.98
N PHE B 247 32.52 3.30 -17.44
CA PHE B 247 33.92 2.88 -17.38
C PHE B 247 34.37 2.63 -15.96
N TYR B 248 34.05 3.55 -15.05
CA TYR B 248 34.48 3.48 -13.66
C TYR B 248 33.39 2.94 -12.74
N HIS B 249 32.54 2.05 -13.24
CA HIS B 249 31.52 1.45 -12.39
C HIS B 249 32.18 0.62 -11.30
N GLU B 250 31.42 0.41 -10.22
CA GLU B 250 31.95 -0.24 -9.02
C GLU B 250 32.50 -1.62 -9.33
N VAL B 251 31.78 -2.41 -10.15
CA VAL B 251 32.19 -3.79 -10.42
C VAL B 251 33.31 -3.90 -11.44
N HIS B 252 33.82 -2.78 -11.94
CA HIS B 252 34.94 -2.80 -12.88
C HIS B 252 36.29 -2.66 -12.20
N ARG B 253 36.32 -2.17 -10.96
CA ARG B 253 37.56 -1.92 -10.23
C ARG B 253 37.38 -2.37 -8.79
N PRO B 254 37.24 -3.67 -8.55
CA PRO B 254 37.06 -4.14 -7.16
C PRO B 254 38.25 -3.84 -6.27
N SER B 255 39.47 -3.88 -6.81
CA SER B 255 40.66 -3.68 -5.99
C SER B 255 40.61 -2.35 -5.25
N HIS B 256 40.02 -1.32 -5.86
CA HIS B 256 39.99 0.00 -5.22
C HIS B 256 39.11 0.01 -3.98
N PHE B 257 38.05 -0.80 -3.95
CA PHE B 257 37.10 -0.77 -2.84
C PHE B 257 37.53 -1.65 -1.67
N LEU B 258 38.23 -2.74 -1.92
CA LEU B 258 38.62 -3.67 -0.87
C LEU B 258 40.02 -3.39 -0.32
N ASN B 259 40.92 -2.83 -1.13
CA ASN B 259 42.19 -2.34 -0.59
C ASN B 259 41.95 -1.21 0.40
N PHE B 260 40.85 -0.48 0.26
CA PHE B 260 40.45 0.50 1.26
C PHE B 260 39.82 -0.17 2.47
N ALA B 261 39.20 -1.33 2.29
CA ALA B 261 38.60 -2.04 3.41
C ALA B 261 39.66 -2.60 4.35
N LEU B 262 40.69 -3.24 3.79
CA LEU B 262 41.86 -3.63 4.57
C LEU B 262 42.77 -2.39 4.64
N LEU B 263 42.65 -1.64 5.73
CA LEU B 263 43.29 -0.33 5.91
C LEU B 263 44.71 -0.26 5.35
PB ADP C . 9.34 9.82 38.36
O1B ADP C . 8.79 9.45 37.01
O2B ADP C . 8.53 10.96 38.95
O3B ADP C . 10.78 10.26 38.21
PA ADP C . 9.14 6.98 38.84
O1A ADP C . 7.68 6.60 38.74
O2A ADP C . 9.77 6.85 37.48
O3A ADP C . 9.26 8.53 39.36
O5' ADP C . 9.89 5.96 39.89
C5' ADP C . 9.99 6.36 41.22
C4' ADP C . 10.26 5.16 42.07
O4' ADP C . 9.45 5.16 43.10
C3' ADP C . 9.99 3.76 41.21
O3' ADP C . 11.12 2.83 41.37
C2' ADP C . 8.96 3.24 41.67
O2' ADP C . 9.04 1.73 41.59
C1' ADP C . 8.95 3.74 43.20
N9 ADP C . 7.76 3.68 43.78
C8 ADP C . 7.05 4.40 42.90
N7 ADP C . 5.79 4.46 43.32
C5 ADP C . 5.71 3.78 44.50
C6 ADP C . 4.66 3.54 45.37
N6 ADP C . 3.26 3.92 45.32
N1 ADP C . 4.86 2.83 46.46
C2 ADP C . 6.08 2.35 46.75
N3 ADP C . 7.11 2.59 45.90
C4 ADP C . 6.92 3.31 44.78
PB ADP D . -26.59 6.35 -24.18
O1B ADP D . -27.24 5.04 -23.82
O2B ADP D . -25.51 6.68 -23.17
O3B ADP D . -25.98 6.23 -25.56
PA ADP D . -29.04 7.54 -23.22
O1A ADP D . -30.27 7.25 -24.04
O2A ADP D . -28.88 6.49 -22.15
O3A ADP D . -27.72 7.53 -24.20
O5' ADP D . -29.20 9.03 -22.50
C5' ADP D . -29.04 10.15 -23.30
C4' ADP D . -29.83 11.29 -22.74
O4' ADP D . -30.10 12.14 -23.70
C3' ADP D . -31.28 10.74 -22.12
O3' ADP D . -31.62 11.47 -20.89
C2' ADP D . -32.15 10.96 -22.99
O2' ADP D . -33.49 11.22 -22.34
C1' ADP D . -31.60 12.28 -23.74
N9 ADP D . -32.03 12.44 -24.98
C8 ADP D . -31.92 11.19 -25.44
N7 ADP D . -32.31 11.17 -26.72
C5 ADP D . -32.66 12.42 -27.06
C6 ADP D . -33.14 12.96 -28.24
N6 ADP D . -33.42 12.37 -29.54
N1 ADP D . -33.42 14.25 -28.32
C2 ADP D . -33.24 15.05 -27.25
N3 ADP D . -32.78 14.52 -26.10
C4 ADP D . -32.50 13.21 -26.01
MG MG E . 9.61 9.13 35.21
MG MG F . -26.79 3.36 -22.11
#